data_4MRE
# 
_entry.id   4MRE 
# 
_audit_conform.dict_name       mmcif_pdbx.dic 
_audit_conform.dict_version    5.398 
_audit_conform.dict_location   http://mmcif.pdb.org/dictionaries/ascii/mmcif_pdbx.dic 
# 
loop_
_database_2.database_id 
_database_2.database_code 
_database_2.pdbx_database_accession 
_database_2.pdbx_DOI 
PDB   4MRE         pdb_00004mre 10.2210/pdb4mre/pdb 
RCSB  RCSB082271   ?            ?                   
WWPDB D_1000082271 ?            ?                   
# 
loop_
_pdbx_audit_revision_history.ordinal 
_pdbx_audit_revision_history.data_content_type 
_pdbx_audit_revision_history.major_revision 
_pdbx_audit_revision_history.minor_revision 
_pdbx_audit_revision_history.revision_date 
1 'Structure model' 1 0 2014-04-16 
2 'Structure model' 1 1 2023-09-20 
3 'Structure model' 1 2 2024-11-06 
# 
_pdbx_audit_revision_details.ordinal             1 
_pdbx_audit_revision_details.revision_ordinal    1 
_pdbx_audit_revision_details.data_content_type   'Structure model' 
_pdbx_audit_revision_details.provider            repository 
_pdbx_audit_revision_details.type                'Initial release' 
_pdbx_audit_revision_details.description         ? 
_pdbx_audit_revision_details.details             ? 
# 
loop_
_pdbx_audit_revision_group.ordinal 
_pdbx_audit_revision_group.revision_ordinal 
_pdbx_audit_revision_group.data_content_type 
_pdbx_audit_revision_group.group 
1 2 'Structure model' 'Data collection'        
2 2 'Structure model' 'Database references'    
3 2 'Structure model' 'Derived calculations'   
4 2 'Structure model' 'Refinement description' 
5 3 'Structure model' 'Structure summary'      
# 
loop_
_pdbx_audit_revision_category.ordinal 
_pdbx_audit_revision_category.revision_ordinal 
_pdbx_audit_revision_category.data_content_type 
_pdbx_audit_revision_category.category 
1 2 'Structure model' chem_comp_atom                
2 2 'Structure model' chem_comp_bond                
3 2 'Structure model' database_2                    
4 2 'Structure model' pdbx_initial_refinement_model 
5 2 'Structure model' struct_ref_seq_dif            
6 2 'Structure model' struct_site                   
7 3 'Structure model' pdbx_entry_details            
8 3 'Structure model' pdbx_modification_feature     
# 
loop_
_pdbx_audit_revision_item.ordinal 
_pdbx_audit_revision_item.revision_ordinal 
_pdbx_audit_revision_item.data_content_type 
_pdbx_audit_revision_item.item 
1 2 'Structure model' '_database_2.pdbx_DOI'                
2 2 'Structure model' '_database_2.pdbx_database_accession' 
3 2 'Structure model' '_struct_ref_seq_dif.details'         
4 2 'Structure model' '_struct_site.pdbx_auth_asym_id'      
5 2 'Structure model' '_struct_site.pdbx_auth_comp_id'      
6 2 'Structure model' '_struct_site.pdbx_auth_seq_id'       
# 
_pdbx_database_status.entry_id                        4MRE 
_pdbx_database_status.status_code                     REL 
_pdbx_database_status.deposit_site                    RCSB 
_pdbx_database_status.process_site                    RCSB 
_pdbx_database_status.recvd_initial_deposition_date   2013-09-17 
_pdbx_database_status.status_code_sf                  REL 
_pdbx_database_status.status_code_mr                  ? 
_pdbx_database_status.SG_entry                        ? 
_pdbx_database_status.status_code_cs                  ? 
_pdbx_database_status.methods_development_category    ? 
_pdbx_database_status.pdb_format_compatible           Y 
_pdbx_database_status.status_code_nmr_data            ? 
# 
loop_
_pdbx_database_related.db_name 
_pdbx_database_related.db_id 
_pdbx_database_related.details 
_pdbx_database_related.content_type 
PDB 4MRD . unspecified 
PDB 4MRF . unspecified 
PDB 4MRG . unspecified 
PDB 4MRH . unspecified 
PDB 4NP2 . unspecified 
PDB 4NP3 . unspecified 
# 
loop_
_audit_author.name 
_audit_author.pdbx_ordinal 
'Liu, L.K.'  1 
'Finzel, B.' 2 
# 
loop_
_citation.id 
_citation.title 
_citation.journal_abbrev 
_citation.journal_volume 
_citation.page_first 
_citation.page_last 
_citation.year 
_citation.journal_id_ASTM 
_citation.country 
_citation.journal_id_ISSN 
_citation.journal_id_CSD 
_citation.book_publisher 
_citation.pdbx_database_id_PubMed 
_citation.pdbx_database_id_DOI 
primary 
;Fragment-Based Identification of an Inducible Binding Site on Cell Surface Receptor CD44 for the Design of Protein-Carbohydrate Interaction Inhibitors.
;
J.Med.Chem.          57 2714 2725 2014 JMCMAR US 0022-2623 0151 ? 24606063 10.1021/jm5000276 
1       'Structures of the Cd44-hyaluronan complex provide insight into a fundamental carbohydrate-protein interaction.' 
Nat.Struct.Mol.Biol. 14 234  239  2007 ?      US 1545-9993 ?    ? 17293874 10.1038/nsmb1201  
# 
loop_
_citation_author.citation_id 
_citation_author.name 
_citation_author.ordinal 
_citation_author.identifier_ORCID 
primary 'Liu, L.K.'      1 ? 
primary 'Finzel, B.C.'   2 ? 
1       'Banerji, S.'    3 ? 
1       'Wright, A.J.'   4 ? 
1       'Noble, M.'      5 ? 
1       'Mahoney, D.J.'  6 ? 
1       'Campbell, I.D.' 7 ? 
1       'Day, A.J.'      8 ? 
1       'Jackson, D.G.'  9 ? 
# 
loop_
_entity.id 
_entity.type 
_entity.src_method 
_entity.pdbx_description 
_entity.formula_weight 
_entity.pdbx_number_of_molecules 
_entity.pdbx_ec 
_entity.pdbx_mutation 
_entity.pdbx_fragment 
_entity.details 
1 polymer     man 'CD44 antigen'              16724.604 1  ? ? 'HYALURONAN BINDING DOMAIN, RESIDUES 23-171' ? 
2 non-polymer syn 'DIMETHYL SULFOXIDE'        78.133    1  ? ? ?                                            ? 
3 non-polymer syn 3-methylbenzene-1,2-diamine 122.168   1  ? ? ?                                            ? 
4 water       nat water                       18.015    56 ? ? ?                                            ? 
# 
_entity_name_com.entity_id   1 
_entity_name_com.name        
;Extracellular matrix receptor III, ECMR-III, GP90 lymphocyte homing/adhesion receptor, HUTCH-I, Hermes antigen, Hyaluronate receptor, Lymphocyte antigen 24, Ly-24, Phagocytic glycoprotein 1, PGP-1, Phagocytic glycoprotein I, PGP-I
;
# 
_entity_poly.entity_id                      1 
_entity_poly.type                           'polypeptide(L)' 
_entity_poly.nstd_linkage                   no 
_entity_poly.nstd_monomer                   no 
_entity_poly.pdbx_seq_one_letter_code       
;NQIDLNVTCRYAGVFHVEKNGRYSISRTEAADLCQAFNSTLPTMDQMKLALSKGFETCRYGFIEGNVVIPRIHPNAICAA
NHTGVYILVTSNTSHYDTYCFNASAPPEEDCTSVTDLPNSFDGPVTITIVNRDGTRYSKKGEYRTHQEDI
;
_entity_poly.pdbx_seq_one_letter_code_can   
;NQIDLNVTCRYAGVFHVEKNGRYSISRTEAADLCQAFNSTLPTMDQMKLALSKGFETCRYGFIEGNVVIPRIHPNAICAA
NHTGVYILVTSNTSHYDTYCFNASAPPEEDCTSVTDLPNSFDGPVTITIVNRDGTRYSKKGEYRTHQEDI
;
_entity_poly.pdbx_strand_id                 A 
_entity_poly.pdbx_target_identifier         ? 
# 
loop_
_pdbx_entity_nonpoly.entity_id 
_pdbx_entity_nonpoly.name 
_pdbx_entity_nonpoly.comp_id 
2 'DIMETHYL SULFOXIDE'        DMS 
3 3-methylbenzene-1,2-diamine 2C9 
4 water                       HOH 
# 
loop_
_entity_poly_seq.entity_id 
_entity_poly_seq.num 
_entity_poly_seq.mon_id 
_entity_poly_seq.hetero 
1 1   ASN n 
1 2   GLN n 
1 3   ILE n 
1 4   ASP n 
1 5   LEU n 
1 6   ASN n 
1 7   VAL n 
1 8   THR n 
1 9   CYS n 
1 10  ARG n 
1 11  TYR n 
1 12  ALA n 
1 13  GLY n 
1 14  VAL n 
1 15  PHE n 
1 16  HIS n 
1 17  VAL n 
1 18  GLU n 
1 19  LYS n 
1 20  ASN n 
1 21  GLY n 
1 22  ARG n 
1 23  TYR n 
1 24  SER n 
1 25  ILE n 
1 26  SER n 
1 27  ARG n 
1 28  THR n 
1 29  GLU n 
1 30  ALA n 
1 31  ALA n 
1 32  ASP n 
1 33  LEU n 
1 34  CYS n 
1 35  GLN n 
1 36  ALA n 
1 37  PHE n 
1 38  ASN n 
1 39  SER n 
1 40  THR n 
1 41  LEU n 
1 42  PRO n 
1 43  THR n 
1 44  MET n 
1 45  ASP n 
1 46  GLN n 
1 47  MET n 
1 48  LYS n 
1 49  LEU n 
1 50  ALA n 
1 51  LEU n 
1 52  SER n 
1 53  LYS n 
1 54  GLY n 
1 55  PHE n 
1 56  GLU n 
1 57  THR n 
1 58  CYS n 
1 59  ARG n 
1 60  TYR n 
1 61  GLY n 
1 62  PHE n 
1 63  ILE n 
1 64  GLU n 
1 65  GLY n 
1 66  ASN n 
1 67  VAL n 
1 68  VAL n 
1 69  ILE n 
1 70  PRO n 
1 71  ARG n 
1 72  ILE n 
1 73  HIS n 
1 74  PRO n 
1 75  ASN n 
1 76  ALA n 
1 77  ILE n 
1 78  CYS n 
1 79  ALA n 
1 80  ALA n 
1 81  ASN n 
1 82  HIS n 
1 83  THR n 
1 84  GLY n 
1 85  VAL n 
1 86  TYR n 
1 87  ILE n 
1 88  LEU n 
1 89  VAL n 
1 90  THR n 
1 91  SER n 
1 92  ASN n 
1 93  THR n 
1 94  SER n 
1 95  HIS n 
1 96  TYR n 
1 97  ASP n 
1 98  THR n 
1 99  TYR n 
1 100 CYS n 
1 101 PHE n 
1 102 ASN n 
1 103 ALA n 
1 104 SER n 
1 105 ALA n 
1 106 PRO n 
1 107 PRO n 
1 108 GLU n 
1 109 GLU n 
1 110 ASP n 
1 111 CYS n 
1 112 THR n 
1 113 SER n 
1 114 VAL n 
1 115 THR n 
1 116 ASP n 
1 117 LEU n 
1 118 PRO n 
1 119 ASN n 
1 120 SER n 
1 121 PHE n 
1 122 ASP n 
1 123 GLY n 
1 124 PRO n 
1 125 VAL n 
1 126 THR n 
1 127 ILE n 
1 128 THR n 
1 129 ILE n 
1 130 VAL n 
1 131 ASN n 
1 132 ARG n 
1 133 ASP n 
1 134 GLY n 
1 135 THR n 
1 136 ARG n 
1 137 TYR n 
1 138 SER n 
1 139 LYS n 
1 140 LYS n 
1 141 GLY n 
1 142 GLU n 
1 143 TYR n 
1 144 ARG n 
1 145 THR n 
1 146 HIS n 
1 147 GLN n 
1 148 GLU n 
1 149 ASP n 
1 150 ILE n 
# 
_entity_src_gen.entity_id                          1 
_entity_src_gen.pdbx_src_id                        1 
_entity_src_gen.pdbx_alt_source_flag               sample 
_entity_src_gen.pdbx_seq_type                      ? 
_entity_src_gen.pdbx_beg_seq_num                   ? 
_entity_src_gen.pdbx_end_seq_num                   ? 
_entity_src_gen.gene_src_common_name               mouse 
_entity_src_gen.gene_src_genus                     ? 
_entity_src_gen.pdbx_gene_src_gene                 'Cd44, Cd44 Ly-24, Ly-24' 
_entity_src_gen.gene_src_species                   ? 
_entity_src_gen.gene_src_strain                    ? 
_entity_src_gen.gene_src_tissue                    ? 
_entity_src_gen.gene_src_tissue_fraction           ? 
_entity_src_gen.gene_src_details                   ? 
_entity_src_gen.pdbx_gene_src_fragment             ? 
_entity_src_gen.pdbx_gene_src_scientific_name      'Mus musculus' 
_entity_src_gen.pdbx_gene_src_ncbi_taxonomy_id     10090 
_entity_src_gen.pdbx_gene_src_variant              ? 
_entity_src_gen.pdbx_gene_src_cell_line            ? 
_entity_src_gen.pdbx_gene_src_atcc                 ? 
_entity_src_gen.pdbx_gene_src_organ                ? 
_entity_src_gen.pdbx_gene_src_organelle            ? 
_entity_src_gen.pdbx_gene_src_cell                 ? 
_entity_src_gen.pdbx_gene_src_cellular_location    ? 
_entity_src_gen.host_org_common_name               ? 
_entity_src_gen.pdbx_host_org_scientific_name      'Escherichia coli' 
_entity_src_gen.pdbx_host_org_ncbi_taxonomy_id     469008 
_entity_src_gen.host_org_genus                     ? 
_entity_src_gen.pdbx_host_org_gene                 ? 
_entity_src_gen.pdbx_host_org_organ                ? 
_entity_src_gen.host_org_species                   ? 
_entity_src_gen.pdbx_host_org_tissue               ? 
_entity_src_gen.pdbx_host_org_tissue_fraction      ? 
_entity_src_gen.pdbx_host_org_strain               'BL21(DE3)' 
_entity_src_gen.pdbx_host_org_variant              ? 
_entity_src_gen.pdbx_host_org_cell_line            ? 
_entity_src_gen.pdbx_host_org_atcc                 ? 
_entity_src_gen.pdbx_host_org_culture_collection   ? 
_entity_src_gen.pdbx_host_org_cell                 ? 
_entity_src_gen.pdbx_host_org_organelle            ? 
_entity_src_gen.pdbx_host_org_cellular_location    ? 
_entity_src_gen.pdbx_host_org_vector_type          plasmid 
_entity_src_gen.pdbx_host_org_vector               ? 
_entity_src_gen.host_org_details                   ? 
_entity_src_gen.expression_system_id               ? 
_entity_src_gen.plasmid_name                       pMCSG7 
_entity_src_gen.plasmid_details                    ? 
_entity_src_gen.pdbx_description                   ? 
# 
loop_
_chem_comp.id 
_chem_comp.type 
_chem_comp.mon_nstd_flag 
_chem_comp.name 
_chem_comp.pdbx_synonyms 
_chem_comp.formula 
_chem_comp.formula_weight 
2C9 non-polymer         . 3-methylbenzene-1,2-diamine ? 'C7 H10 N2'      122.168 
ALA 'L-peptide linking' y ALANINE                     ? 'C3 H7 N O2'     89.093  
ARG 'L-peptide linking' y ARGININE                    ? 'C6 H15 N4 O2 1' 175.209 
ASN 'L-peptide linking' y ASPARAGINE                  ? 'C4 H8 N2 O3'    132.118 
ASP 'L-peptide linking' y 'ASPARTIC ACID'             ? 'C4 H7 N O4'     133.103 
CYS 'L-peptide linking' y CYSTEINE                    ? 'C3 H7 N O2 S'   121.158 
DMS non-polymer         . 'DIMETHYL SULFOXIDE'        ? 'C2 H6 O S'      78.133  
GLN 'L-peptide linking' y GLUTAMINE                   ? 'C5 H10 N2 O3'   146.144 
GLU 'L-peptide linking' y 'GLUTAMIC ACID'             ? 'C5 H9 N O4'     147.129 
GLY 'peptide linking'   y GLYCINE                     ? 'C2 H5 N O2'     75.067  
HIS 'L-peptide linking' y HISTIDINE                   ? 'C6 H10 N3 O2 1' 156.162 
HOH non-polymer         . WATER                       ? 'H2 O'           18.015  
ILE 'L-peptide linking' y ISOLEUCINE                  ? 'C6 H13 N O2'    131.173 
LEU 'L-peptide linking' y LEUCINE                     ? 'C6 H13 N O2'    131.173 
LYS 'L-peptide linking' y LYSINE                      ? 'C6 H15 N2 O2 1' 147.195 
MET 'L-peptide linking' y METHIONINE                  ? 'C5 H11 N O2 S'  149.211 
PHE 'L-peptide linking' y PHENYLALANINE               ? 'C9 H11 N O2'    165.189 
PRO 'L-peptide linking' y PROLINE                     ? 'C5 H9 N O2'     115.130 
SER 'L-peptide linking' y SERINE                      ? 'C3 H7 N O3'     105.093 
THR 'L-peptide linking' y THREONINE                   ? 'C4 H9 N O3'     119.119 
TYR 'L-peptide linking' y TYROSINE                    ? 'C9 H11 N O3'    181.189 
VAL 'L-peptide linking' y VALINE                      ? 'C5 H11 N O2'    117.146 
# 
loop_
_pdbx_poly_seq_scheme.asym_id 
_pdbx_poly_seq_scheme.entity_id 
_pdbx_poly_seq_scheme.seq_id 
_pdbx_poly_seq_scheme.mon_id 
_pdbx_poly_seq_scheme.ndb_seq_num 
_pdbx_poly_seq_scheme.pdb_seq_num 
_pdbx_poly_seq_scheme.auth_seq_num 
_pdbx_poly_seq_scheme.pdb_mon_id 
_pdbx_poly_seq_scheme.auth_mon_id 
_pdbx_poly_seq_scheme.pdb_strand_id 
_pdbx_poly_seq_scheme.pdb_ins_code 
_pdbx_poly_seq_scheme.hetero 
A 1 1   ASN 1   24  24  ASN ASN A . n 
A 1 2   GLN 2   25  25  GLN GLN A . n 
A 1 3   ILE 3   26  26  ILE ILE A . n 
A 1 4   ASP 4   27  27  ASP ASP A . n 
A 1 5   LEU 5   28  28  LEU LEU A . n 
A 1 6   ASN 6   29  29  ASN ASN A . n 
A 1 7   VAL 7   30  30  VAL VAL A . n 
A 1 8   THR 8   31  31  THR THR A . n 
A 1 9   CYS 9   32  32  CYS CYS A . n 
A 1 10  ARG 10  33  33  ARG ARG A . n 
A 1 11  TYR 11  34  34  TYR TYR A . n 
A 1 12  ALA 12  35  35  ALA ALA A . n 
A 1 13  GLY 13  36  36  GLY GLY A . n 
A 1 14  VAL 14  37  37  VAL VAL A . n 
A 1 15  PHE 15  38  38  PHE PHE A . n 
A 1 16  HIS 16  39  39  HIS HIS A . n 
A 1 17  VAL 17  40  40  VAL VAL A . n 
A 1 18  GLU 18  41  41  GLU GLU A . n 
A 1 19  LYS 19  42  42  LYS LYS A . n 
A 1 20  ASN 20  43  43  ASN ASN A . n 
A 1 21  GLY 21  44  44  GLY GLY A . n 
A 1 22  ARG 22  45  45  ARG ARG A . n 
A 1 23  TYR 23  46  46  TYR TYR A . n 
A 1 24  SER 24  47  47  SER SER A . n 
A 1 25  ILE 25  48  48  ILE ILE A . n 
A 1 26  SER 26  49  49  SER SER A . n 
A 1 27  ARG 27  50  50  ARG ARG A . n 
A 1 28  THR 28  51  51  THR THR A . n 
A 1 29  GLU 29  52  52  GLU GLU A . n 
A 1 30  ALA 30  53  53  ALA ALA A . n 
A 1 31  ALA 31  54  54  ALA ALA A . n 
A 1 32  ASP 32  55  55  ASP ASP A . n 
A 1 33  LEU 33  56  56  LEU LEU A . n 
A 1 34  CYS 34  57  57  CYS CYS A . n 
A 1 35  GLN 35  58  58  GLN GLN A . n 
A 1 36  ALA 36  59  59  ALA ALA A . n 
A 1 37  PHE 37  60  60  PHE PHE A . n 
A 1 38  ASN 38  61  61  ASN ASN A . n 
A 1 39  SER 39  62  62  SER SER A . n 
A 1 40  THR 40  63  63  THR THR A . n 
A 1 41  LEU 41  64  64  LEU LEU A . n 
A 1 42  PRO 42  65  65  PRO PRO A . n 
A 1 43  THR 43  66  66  THR THR A . n 
A 1 44  MET 44  67  67  MET MET A . n 
A 1 45  ASP 45  68  68  ASP ASP A . n 
A 1 46  GLN 46  69  69  GLN GLN A . n 
A 1 47  MET 47  70  70  MET MET A . n 
A 1 48  LYS 48  71  71  LYS LYS A . n 
A 1 49  LEU 49  72  72  LEU LEU A . n 
A 1 50  ALA 50  73  73  ALA ALA A . n 
A 1 51  LEU 51  74  74  LEU LEU A . n 
A 1 52  SER 52  75  75  SER SER A . n 
A 1 53  LYS 53  76  76  LYS LYS A . n 
A 1 54  GLY 54  77  77  GLY GLY A . n 
A 1 55  PHE 55  78  78  PHE PHE A . n 
A 1 56  GLU 56  79  79  GLU GLU A . n 
A 1 57  THR 57  80  80  THR THR A . n 
A 1 58  CYS 58  81  81  CYS CYS A . n 
A 1 59  ARG 59  82  82  ARG ARG A . n 
A 1 60  TYR 60  83  83  TYR TYR A . n 
A 1 61  GLY 61  84  84  GLY GLY A . n 
A 1 62  PHE 62  85  85  PHE PHE A . n 
A 1 63  ILE 63  86  86  ILE ILE A . n 
A 1 64  GLU 64  87  87  GLU GLU A . n 
A 1 65  GLY 65  88  88  GLY GLY A . n 
A 1 66  ASN 66  89  89  ASN ASN A . n 
A 1 67  VAL 67  90  90  VAL VAL A . n 
A 1 68  VAL 68  91  91  VAL VAL A . n 
A 1 69  ILE 69  92  92  ILE ILE A . n 
A 1 70  PRO 70  93  93  PRO PRO A . n 
A 1 71  ARG 71  94  94  ARG ARG A . n 
A 1 72  ILE 72  95  95  ILE ILE A . n 
A 1 73  HIS 73  96  96  HIS HIS A . n 
A 1 74  PRO 74  97  97  PRO PRO A . n 
A 1 75  ASN 75  98  98  ASN ASN A . n 
A 1 76  ALA 76  99  99  ALA ALA A . n 
A 1 77  ILE 77  100 100 ILE ILE A . n 
A 1 78  CYS 78  101 101 CYS CYS A . n 
A 1 79  ALA 79  102 102 ALA ALA A . n 
A 1 80  ALA 80  103 103 ALA ALA A . n 
A 1 81  ASN 81  104 104 ASN ASN A . n 
A 1 82  HIS 82  105 105 HIS HIS A . n 
A 1 83  THR 83  106 106 THR THR A . n 
A 1 84  GLY 84  107 107 GLY GLY A . n 
A 1 85  VAL 85  108 108 VAL VAL A . n 
A 1 86  TYR 86  109 109 TYR TYR A . n 
A 1 87  ILE 87  110 110 ILE ILE A . n 
A 1 88  LEU 88  111 111 LEU LEU A . n 
A 1 89  VAL 89  112 112 VAL VAL A . n 
A 1 90  THR 90  113 113 THR THR A . n 
A 1 91  SER 91  114 114 SER SER A . n 
A 1 92  ASN 92  115 115 ASN ASN A . n 
A 1 93  THR 93  116 116 THR THR A . n 
A 1 94  SER 94  117 117 SER SER A . n 
A 1 95  HIS 95  118 118 HIS HIS A . n 
A 1 96  TYR 96  119 119 TYR TYR A . n 
A 1 97  ASP 97  120 120 ASP ASP A . n 
A 1 98  THR 98  121 121 THR THR A . n 
A 1 99  TYR 99  122 122 TYR TYR A . n 
A 1 100 CYS 100 123 123 CYS CYS A . n 
A 1 101 PHE 101 124 124 PHE PHE A . n 
A 1 102 ASN 102 125 125 ASN ASN A . n 
A 1 103 ALA 103 126 126 ALA ALA A . n 
A 1 104 SER 104 127 127 SER SER A . n 
A 1 105 ALA 105 128 128 ALA ALA A . n 
A 1 106 PRO 106 129 129 PRO PRO A . n 
A 1 107 PRO 107 130 130 PRO PRO A . n 
A 1 108 GLU 108 131 131 GLU GLU A . n 
A 1 109 GLU 109 132 132 GLU GLU A . n 
A 1 110 ASP 110 133 133 ASP ASP A . n 
A 1 111 CYS 111 134 134 CYS CYS A . n 
A 1 112 THR 112 135 135 THR THR A . n 
A 1 113 SER 113 136 136 SER SER A . n 
A 1 114 VAL 114 137 137 VAL VAL A . n 
A 1 115 THR 115 138 138 THR THR A . n 
A 1 116 ASP 116 139 139 ASP ASP A . n 
A 1 117 LEU 117 140 140 LEU LEU A . n 
A 1 118 PRO 118 141 141 PRO PRO A . n 
A 1 119 ASN 119 142 142 ASN ASN A . n 
A 1 120 SER 120 143 143 SER SER A . n 
A 1 121 PHE 121 144 144 PHE PHE A . n 
A 1 122 ASP 122 145 145 ASP ASP A . n 
A 1 123 GLY 123 146 146 GLY GLY A . n 
A 1 124 PRO 124 147 147 PRO PRO A . n 
A 1 125 VAL 125 148 148 VAL VAL A . n 
A 1 126 THR 126 149 149 THR THR A . n 
A 1 127 ILE 127 150 150 ILE ILE A . n 
A 1 128 THR 128 151 151 THR THR A . n 
A 1 129 ILE 129 152 152 ILE ILE A . n 
A 1 130 VAL 130 153 153 VAL VAL A . n 
A 1 131 ASN 131 154 154 ASN ASN A . n 
A 1 132 ARG 132 155 155 ARG ARG A . n 
A 1 133 ASP 133 156 156 ASP ASP A . n 
A 1 134 GLY 134 157 157 GLY GLY A . n 
A 1 135 THR 135 158 158 THR THR A . n 
A 1 136 ARG 136 159 159 ARG ARG A . n 
A 1 137 TYR 137 160 160 TYR TYR A . n 
A 1 138 SER 138 161 161 SER SER A . n 
A 1 139 LYS 139 162 162 LYS LYS A . n 
A 1 140 LYS 140 163 163 LYS LYS A . n 
A 1 141 GLY 141 164 164 GLY GLY A . n 
A 1 142 GLU 142 165 165 GLU GLU A . n 
A 1 143 TYR 143 166 166 TYR TYR A . n 
A 1 144 ARG 144 167 167 ARG ARG A . n 
A 1 145 THR 145 168 168 THR THR A . n 
A 1 146 HIS 146 169 169 HIS HIS A . n 
A 1 147 GLN 147 170 170 GLN GLN A . n 
A 1 148 GLU 148 171 171 GLU GLU A . n 
A 1 149 ASP 149 172 172 ASP ASP A . n 
A 1 150 ILE 150 173 173 ILE ILE A . n 
# 
loop_
_pdbx_nonpoly_scheme.asym_id 
_pdbx_nonpoly_scheme.entity_id 
_pdbx_nonpoly_scheme.mon_id 
_pdbx_nonpoly_scheme.ndb_seq_num 
_pdbx_nonpoly_scheme.pdb_seq_num 
_pdbx_nonpoly_scheme.auth_seq_num 
_pdbx_nonpoly_scheme.pdb_mon_id 
_pdbx_nonpoly_scheme.auth_mon_id 
_pdbx_nonpoly_scheme.pdb_strand_id 
_pdbx_nonpoly_scheme.pdb_ins_code 
B 2 DMS 1  201 1  DMS DMS A . 
C 3 2C9 1  202 1  2C9 DRG A . 
D 4 HOH 1  301 1  HOH HOH A . 
D 4 HOH 2  302 2  HOH HOH A . 
D 4 HOH 3  303 3  HOH HOH A . 
D 4 HOH 4  304 4  HOH HOH A . 
D 4 HOH 5  305 5  HOH HOH A . 
D 4 HOH 6  306 6  HOH HOH A . 
D 4 HOH 7  307 7  HOH HOH A . 
D 4 HOH 8  308 8  HOH HOH A . 
D 4 HOH 9  309 9  HOH HOH A . 
D 4 HOH 10 310 10 HOH HOH A . 
D 4 HOH 11 311 11 HOH HOH A . 
D 4 HOH 12 312 12 HOH HOH A . 
D 4 HOH 13 313 13 HOH HOH A . 
D 4 HOH 14 314 14 HOH HOH A . 
D 4 HOH 15 315 15 HOH HOH A . 
D 4 HOH 16 316 16 HOH HOH A . 
D 4 HOH 17 317 17 HOH HOH A . 
D 4 HOH 18 318 18 HOH HOH A . 
D 4 HOH 19 319 19 HOH HOH A . 
D 4 HOH 20 320 20 HOH HOH A . 
D 4 HOH 21 321 21 HOH HOH A . 
D 4 HOH 22 322 22 HOH HOH A . 
D 4 HOH 23 323 23 HOH HOH A . 
D 4 HOH 24 324 24 HOH HOH A . 
D 4 HOH 25 325 25 HOH HOH A . 
D 4 HOH 26 326 26 HOH HOH A . 
D 4 HOH 27 327 27 HOH HOH A . 
D 4 HOH 28 328 28 HOH HOH A . 
D 4 HOH 29 329 29 HOH HOH A . 
D 4 HOH 30 330 30 HOH HOH A . 
D 4 HOH 31 331 31 HOH HOH A . 
D 4 HOH 32 332 32 HOH HOH A . 
D 4 HOH 33 333 33 HOH HOH A . 
D 4 HOH 34 334 34 HOH HOH A . 
D 4 HOH 35 335 35 HOH HOH A . 
D 4 HOH 36 336 36 HOH HOH A . 
D 4 HOH 37 337 37 HOH HOH A . 
D 4 HOH 38 338 38 HOH HOH A . 
D 4 HOH 39 339 39 HOH HOH A . 
D 4 HOH 40 340 40 HOH HOH A . 
D 4 HOH 41 341 41 HOH HOH A . 
D 4 HOH 42 342 42 HOH HOH A . 
D 4 HOH 43 343 43 HOH HOH A . 
D 4 HOH 44 344 44 HOH HOH A . 
D 4 HOH 45 345 45 HOH HOH A . 
D 4 HOH 46 346 46 HOH HOH A . 
D 4 HOH 47 347 47 HOH HOH A . 
D 4 HOH 48 348 48 HOH HOH A . 
D 4 HOH 49 349 49 HOH HOH A . 
D 4 HOH 50 350 50 HOH HOH A . 
D 4 HOH 51 351 51 HOH HOH A . 
D 4 HOH 52 352 52 HOH HOH A . 
D 4 HOH 53 353 53 HOH HOH A . 
D 4 HOH 54 354 54 HOH HOH A . 
D 4 HOH 55 355 55 HOH HOH A . 
D 4 HOH 56 356 56 HOH HOH A . 
# 
loop_
_software.pdbx_ordinal 
_software.name 
_software.version 
_software.date 
_software.type 
_software.contact_author 
_software.contact_author_email 
_software.classification 
_software.location 
_software.language 
_software.citation_id 
1 SCALA       3.3.16 2010/01/06                 other   'Phil R. Evans'      pre@mrc-lmb.cam.ac.uk       'data scaling'    
http://www.ccp4.ac.uk/dist/html/scala.html   Fortran_77 ? 
2 PHASER      2.1.4  'Wed Jun 16 18:01:28 2010' program 'Randy J. Read'      cimr-phaser@lists.cam.ac.uk phasing           
http://www-structmed.cimr.cam.ac.uk/phaser/  ?          ? 
3 REFMAC      .      ?                          program 'Garib N. Murshudov' garib@ysbl.york.ac.uk       refinement        
http://www.ccp4.ac.uk/dist/html/refmac5.html Fortran_77 ? 
4 PDB_EXTRACT 3.11   'April 22, 2011'           package PDB                  deposit@deposit.rcsb.org    'data extraction' 
http://sw-tools.pdb.org/apps/PDB_EXTRACT/    C++        ? 
5 JDirector   .      ?                          ?       ?                    ?                           'data collection' ? ? ? 
6 XDS         .      ?                          ?       ?                    ?                           'data reduction'  ? ? ? 
# 
_cell.length_a           30.863 
_cell.length_b           82.242 
_cell.length_c           32.074 
_cell.angle_alpha        90.000 
_cell.angle_beta         117.660 
_cell.angle_gamma        90.000 
_cell.entry_id           4MRE 
_cell.pdbx_unique_axis   ? 
_cell.Z_PDB              2 
_cell.length_a_esd       ? 
_cell.length_b_esd       ? 
_cell.length_c_esd       ? 
_cell.angle_alpha_esd    ? 
_cell.angle_beta_esd     ? 
_cell.angle_gamma_esd    ? 
# 
_symmetry.space_group_name_H-M             'P 1 21 1' 
_symmetry.entry_id                         4MRE 
_symmetry.Int_Tables_number                4 
_symmetry.pdbx_full_space_group_name_H-M   ? 
_symmetry.cell_setting                     ? 
_symmetry.space_group_name_Hall            ? 
# 
_exptl.crystals_number   1 
_exptl.entry_id          4MRE 
_exptl.method            'X-RAY DIFFRACTION' 
# 
_exptl_crystal.id                    1 
_exptl_crystal.density_Matthews      2.16 
_exptl_crystal.density_meas          ? 
_exptl_crystal.density_percent_sol   42.94 
_exptl_crystal.description           ? 
_exptl_crystal.F_000                 ? 
_exptl_crystal.preparation           ? 
# 
_exptl_crystal_grow.crystal_id      1 
_exptl_crystal_grow.method          'VAPOR DIFFUSION, HANGING DROP' 
_exptl_crystal_grow.pH              6.5 
_exptl_crystal_grow.temp            298 
_exptl_crystal_grow.pdbx_details    
'30% PEG MME 5000, 100 mM MES, 200 mM (NH4)2SO4, pH 6.5, VAPOR DIFFUSION, HANGING DROP, temperature 298K' 
_exptl_crystal_grow.temp_details    ? 
_exptl_crystal_grow.pdbx_pH_range   ? 
# 
_diffrn.id                     1 
_diffrn.ambient_temp           100 
_diffrn.ambient_temp_details   ? 
_diffrn.crystal_id             1 
# 
_diffrn_detector.diffrn_id              1 
_diffrn_detector.detector               PIXEL 
_diffrn_detector.type                   'DECTRIS PILATUS 6M' 
_diffrn_detector.pdbx_collection_date   2012-07-21 
_diffrn_detector.details                ? 
# 
_diffrn_radiation.diffrn_id                        1 
_diffrn_radiation.pdbx_diffrn_protocol             'SINGLE WAVELENGTH' 
_diffrn_radiation.monochromator                    'Si(111)' 
_diffrn_radiation.wavelength_id                    1 
_diffrn_radiation.pdbx_monochromatic_or_laue_m_l   M 
_diffrn_radiation.pdbx_scattering_type             x-ray 
# 
_diffrn_radiation_wavelength.id           1 
_diffrn_radiation_wavelength.wavelength   1.000 
_diffrn_radiation_wavelength.wt           1.0 
# 
_diffrn_source.diffrn_id                   1 
_diffrn_source.source                      SYNCHROTRON 
_diffrn_source.type                        'APS BEAMLINE 17-ID' 
_diffrn_source.pdbx_wavelength_list        1.000 
_diffrn_source.pdbx_wavelength             ? 
_diffrn_source.pdbx_synchrotron_site       APS 
_diffrn_source.pdbx_synchrotron_beamline   17-ID 
# 
_reflns.entry_id                     4MRE 
_reflns.d_resolution_high            1.58 
_reflns.d_resolution_low             41.12 
_reflns.number_all                   19012 
_reflns.number_obs                   18681 
_reflns.pdbx_netI_over_sigmaI        18.9 
_reflns.pdbx_Rsym_value              0.083 
_reflns.pdbx_redundancy              3.3 
_reflns.percent_possible_obs         96.3 
_reflns.observed_criterion_sigma_F   ? 
_reflns.observed_criterion_sigma_I   ? 
_reflns.pdbx_Rmerge_I_obs            0.061 
_reflns.B_iso_Wilson_estimate        16.3 
_reflns.R_free_details               ? 
_reflns.limit_h_max                  ? 
_reflns.limit_h_min                  ? 
_reflns.limit_k_max                  ? 
_reflns.limit_k_min                  ? 
_reflns.limit_l_max                  ? 
_reflns.limit_l_min                  ? 
_reflns.observed_criterion_F_max     ? 
_reflns.observed_criterion_F_min     ? 
_reflns.pdbx_chi_squared             ? 
_reflns.pdbx_scaling_rejects         ? 
_reflns.pdbx_ordinal                 1 
_reflns.pdbx_diffrn_id               1 
# 
loop_
_reflns_shell.d_res_high 
_reflns_shell.d_res_low 
_reflns_shell.number_measured_obs 
_reflns_shell.number_measured_all 
_reflns_shell.number_unique_obs 
_reflns_shell.Rmerge_I_obs 
_reflns_shell.meanI_over_sigI_obs 
_reflns_shell.pdbx_Rsym_value 
_reflns_shell.pdbx_chi_squared 
_reflns_shell.pdbx_redundancy 
_reflns_shell.percent_possible_obs 
_reflns_shell.number_unique_all 
_reflns_shell.percent_possible_all 
_reflns_shell.pdbx_ordinal 
_reflns_shell.pdbx_diffrn_id 
1.580 1.670  ? 8149 ? 0.201 2.800  0.201 ? 3.100 ? 2635 93.600 1  1 
1.670 1.770  ? 9051 ? 0.152 3.700  0.152 ? 3.500 ? 2603 97.500 2  1 
1.770 1.890  ? 8137 ? 0.109 5.300  0.109 ? 3.300 ? 2439 97.400 3  1 
1.890 2.040  ? 7889 ? 0.077 7.900  0.077 ? 3.400 ? 2300 97.700 4  1 
2.040 2.230  ? 6872 ? 0.063 10.000 0.063 ? 3.300 ? 2101 98.200 5  1 
2.230 2.500  ? 6356 ? 0.055 11.300 0.055 ? 3.300 ? 1915 97.600 6  1 
2.500 2.880  ? 5454 ? 0.049 12.700 0.049 ? 3.300 ? 1671 97.700 7  1 
2.880 3.530  ? 4540 ? 0.044 13.500 0.044 ? 3.300 ? 1387 94.500 8  1 
3.530 5.000  ? 3219 ? 0.045 12.000 0.045 ? 3.100 ? 1048 92.900 9  1 
5.000 41.121 ? 1813 ? 0.043 13.000 0.043 ? 3.100 ? 582  90.700 10 1 
# 
_refine.entry_id                                 4MRE 
_refine.ls_d_res_high                            1.58 
_refine.ls_d_res_low                             41.12 
_refine.pdbx_ls_sigma_F                          ? 
_refine.pdbx_data_cutoff_high_absF               ? 
_refine.pdbx_data_cutoff_low_absF                ? 
_refine.ls_percent_reflns_obs                    96.14 
_refine.ls_number_reflns_obs                     17623 
_refine.ls_number_reflns_all                     ? 
_refine.pdbx_ls_cross_valid_method               THROUGHOUT 
_refine.pdbx_R_Free_selection_details            RANDOM 
_refine.details                                  
'HYDROGENS HAVE BEEN ADDED IN THE RIDING POSITIONS U VALUES      : REFINED INDIVIDUALLY' 
_refine.ls_R_factor_all                          ? 
_refine.ls_R_factor_obs                          0.1855 
_refine.ls_R_factor_R_work                       0.1834 
_refine.ls_wR_factor_R_work                      0.1999 
_refine.ls_R_factor_R_free                       0.2234 
_refine.ls_wR_factor_R_free                      0.2433 
_refine.ls_percent_reflns_R_free                 5.1000 
_refine.ls_number_reflns_R_free                  945 
_refine.ls_R_factor_R_free_error                 ? 
_refine.B_iso_mean                               9.7479 
_refine.solvent_model_param_bsol                 ? 
_refine.solvent_model_param_ksol                 ? 
_refine.pdbx_isotropic_thermal_model             ? 
_refine.aniso_B[1][1]                            -0.2500 
_refine.aniso_B[2][2]                            0.1000 
_refine.aniso_B[3][3]                            0.1000 
_refine.aniso_B[1][2]                            -0.0000 
_refine.aniso_B[1][3]                            -0.0600 
_refine.aniso_B[2][3]                            0.0000 
_refine.correlation_coeff_Fo_to_Fc               0.9370 
_refine.correlation_coeff_Fo_to_Fc_free          0.9070 
_refine.overall_SU_R_Cruickshank_DPI             0.0946 
_refine.overall_SU_R_free                        0.0973 
_refine.pdbx_overall_ESU_R                       0.0950 
_refine.pdbx_overall_ESU_R_Free                  0.0970 
_refine.overall_SU_ML                            0.0530 
_refine.overall_SU_B                             1.4100 
_refine.solvent_model_details                    MASK 
_refine.pdbx_solvent_vdw_probe_radii             1.4000 
_refine.pdbx_solvent_ion_probe_radii             0.8000 
_refine.pdbx_solvent_shrinkage_radii             0.8000 
_refine.ls_number_parameters                     ? 
_refine.ls_number_restraints                     ? 
_refine.pdbx_starting_model                      'pdb entry 2JCP' 
_refine.pdbx_method_to_determine_struct          'MOLECULAR REPLACEMENT' 
_refine.pdbx_stereochemistry_target_values       'MAXIMUM LIKELIHOOD' 
_refine.pdbx_stereochem_target_val_spec_case     ? 
_refine.overall_FOM_work_R_set                   0.8802 
_refine.B_iso_max                                34.080 
_refine.B_iso_min                                2.000 
_refine.pdbx_overall_phase_error                 ? 
_refine.occupancy_max                            1.000 
_refine.occupancy_min                            0.500 
_refine.pdbx_ls_sigma_I                          ? 
_refine.ls_redundancy_reflns_obs                 ? 
_refine.ls_R_factor_R_free_error_details         ? 
_refine.pdbx_data_cutoff_high_rms_absF           ? 
_refine.overall_FOM_free_R_set                   ? 
_refine.pdbx_diffrn_id                           1 
_refine.pdbx_refine_id                           'X-RAY DIFFRACTION' 
_refine.pdbx_TLS_residual_ADP_flag               ? 
_refine.pdbx_overall_SU_R_free_Cruickshank_DPI   ? 
_refine.pdbx_overall_SU_R_Blow_DPI               ? 
_refine.pdbx_overall_SU_R_free_Blow_DPI          ? 
# 
_refine_hist.pdbx_refine_id                   'X-RAY DIFFRACTION' 
_refine_hist.cycle_id                         LAST 
_refine_hist.pdbx_number_atoms_protein        1171 
_refine_hist.pdbx_number_atoms_nucleic_acid   0 
_refine_hist.pdbx_number_atoms_ligand         13 
_refine_hist.number_atoms_solvent             56 
_refine_hist.number_atoms_total               1240 
_refine_hist.d_res_high                       1.58 
_refine_hist.d_res_low                        41.12 
# 
loop_
_refine_ls_restr.type 
_refine_ls_restr.number 
_refine_ls_restr.dev_ideal 
_refine_ls_restr.dev_ideal_target 
_refine_ls_restr.weight 
_refine_ls_restr.pdbx_restraint_function 
_refine_ls_restr.pdbx_refine_id 
r_bond_refined_d       1235 0.015  0.021  ? ? 'X-RAY DIFFRACTION' 
r_angle_refined_deg    1686 1.530  1.943  ? ? 'X-RAY DIFFRACTION' 
r_dihedral_angle_1_deg 155  6.865  5.000  ? ? 'X-RAY DIFFRACTION' 
r_dihedral_angle_2_deg 60   35.731 24.167 ? ? 'X-RAY DIFFRACTION' 
r_dihedral_angle_3_deg 191  11.002 15.000 ? ? 'X-RAY DIFFRACTION' 
r_dihedral_angle_4_deg 8    21.875 15.000 ? ? 'X-RAY DIFFRACTION' 
r_chiral_restr         188  0.101  0.200  ? ? 'X-RAY DIFFRACTION' 
r_gen_planes_refined   965  0.008  0.021  ? ? 'X-RAY DIFFRACTION' 
r_mcbond_it            766  0.966  1.500  ? ? 'X-RAY DIFFRACTION' 
r_mcangle_it           1252 1.805  2.000  ? ? 'X-RAY DIFFRACTION' 
r_scbond_it            469  3.019  3.000  ? ? 'X-RAY DIFFRACTION' 
r_scangle_it           434  4.820  4.500  ? ? 'X-RAY DIFFRACTION' 
# 
_refine_ls_shell.d_res_high                       1.5800 
_refine_ls_shell.d_res_low                        1.6210 
_refine_ls_shell.pdbx_total_number_of_bins_used   20 
_refine_ls_shell.percent_reflns_obs               90.2900 
_refine_ls_shell.number_reflns_R_work             1136 
_refine_ls_shell.R_factor_all                     ? 
_refine_ls_shell.R_factor_R_work                  0.1630 
_refine_ls_shell.R_factor_R_free                  0.1950 
_refine_ls_shell.percent_reflns_R_free            ? 
_refine_ls_shell.number_reflns_R_free             54 
_refine_ls_shell.R_factor_R_free_error            ? 
_refine_ls_shell.number_reflns_all                1190 
_refine_ls_shell.number_reflns_obs                1136 
_refine_ls_shell.redundancy_reflns_obs            ? 
_refine_ls_shell.pdbx_refine_id                   'X-RAY DIFFRACTION' 
# 
_struct.entry_id                  4MRE 
_struct.title                     'Crystal structure of the murine CD44 hyaluronan binding domain complex with a small molecule' 
_struct.pdbx_model_details        ? 
_struct.pdbx_CASP_flag            ? 
_struct.pdbx_model_type_details   ? 
# 
_struct_keywords.entry_id        4MRE 
_struct_keywords.text            'Link module, Cell receptor, Hyaluronan binding, Cell surface, Cell adhesion-inhibitor complex' 
_struct_keywords.pdbx_keywords   'Cell adhesion/inhibitor' 
# 
loop_
_struct_asym.id 
_struct_asym.pdbx_blank_PDB_chainid_flag 
_struct_asym.pdbx_modified 
_struct_asym.entity_id 
_struct_asym.details 
A N N 1 ? 
B N N 2 ? 
C N N 3 ? 
D N N 4 ? 
# 
_struct_ref.id                         1 
_struct_ref.db_name                    UNP 
_struct_ref.db_code                    CD44_MOUSE 
_struct_ref.pdbx_db_accession          P15379 
_struct_ref.entity_id                  1 
_struct_ref.pdbx_seq_one_letter_code   
;QIDLNVTCRYAGVFHVEKNGRYSISRTEAADLCQAFNSTLPTMDQMKLALSKGFETCRYGFIEGNVVIPRIHPNAICAAN
HTGVYILVTSNTSHYDTYCFNASAPPEEDCTSVTDLPNSFDGPVTITIVNRDGTRYSKKGEYRTHQEDI
;
_struct_ref.pdbx_align_begin           23 
_struct_ref.pdbx_db_isoform            ? 
# 
_struct_ref_seq.align_id                      1 
_struct_ref_seq.ref_id                        1 
_struct_ref_seq.pdbx_PDB_id_code              4MRE 
_struct_ref_seq.pdbx_strand_id                A 
_struct_ref_seq.seq_align_beg                 2 
_struct_ref_seq.pdbx_seq_align_beg_ins_code   ? 
_struct_ref_seq.seq_align_end                 150 
_struct_ref_seq.pdbx_seq_align_end_ins_code   ? 
_struct_ref_seq.pdbx_db_accession             P15379 
_struct_ref_seq.db_align_beg                  23 
_struct_ref_seq.pdbx_db_align_beg_ins_code    ? 
_struct_ref_seq.db_align_end                  171 
_struct_ref_seq.pdbx_db_align_end_ins_code    ? 
_struct_ref_seq.pdbx_auth_seq_align_beg       25 
_struct_ref_seq.pdbx_auth_seq_align_end       173 
# 
_struct_ref_seq_dif.align_id                     1 
_struct_ref_seq_dif.pdbx_pdb_id_code             4MRE 
_struct_ref_seq_dif.mon_id                       ASN 
_struct_ref_seq_dif.pdbx_pdb_strand_id           A 
_struct_ref_seq_dif.seq_num                      1 
_struct_ref_seq_dif.pdbx_pdb_ins_code            ? 
_struct_ref_seq_dif.pdbx_seq_db_name             UNP 
_struct_ref_seq_dif.pdbx_seq_db_accession_code   P15379 
_struct_ref_seq_dif.db_mon_id                    ? 
_struct_ref_seq_dif.pdbx_seq_db_seq_num          ? 
_struct_ref_seq_dif.details                      'expression tag' 
_struct_ref_seq_dif.pdbx_auth_seq_num            24 
_struct_ref_seq_dif.pdbx_ordinal                 1 
# 
_pdbx_struct_assembly.id                   1 
_pdbx_struct_assembly.details              author_and_software_defined_assembly 
_pdbx_struct_assembly.method_details       PISA 
_pdbx_struct_assembly.oligomeric_details   monomeric 
_pdbx_struct_assembly.oligomeric_count     1 
# 
_pdbx_struct_assembly_gen.assembly_id       1 
_pdbx_struct_assembly_gen.oper_expression   1 
_pdbx_struct_assembly_gen.asym_id_list      A,B,C,D 
# 
_pdbx_struct_oper_list.id                   1 
_pdbx_struct_oper_list.type                 'identity operation' 
_pdbx_struct_oper_list.name                 1_555 
_pdbx_struct_oper_list.symmetry_operation   x,y,z 
_pdbx_struct_oper_list.matrix[1][1]         1.0000000000 
_pdbx_struct_oper_list.matrix[1][2]         0.0000000000 
_pdbx_struct_oper_list.matrix[1][3]         0.0000000000 
_pdbx_struct_oper_list.vector[1]            0.0000000000 
_pdbx_struct_oper_list.matrix[2][1]         0.0000000000 
_pdbx_struct_oper_list.matrix[2][2]         1.0000000000 
_pdbx_struct_oper_list.matrix[2][3]         0.0000000000 
_pdbx_struct_oper_list.vector[2]            0.0000000000 
_pdbx_struct_oper_list.matrix[3][1]         0.0000000000 
_pdbx_struct_oper_list.matrix[3][2]         0.0000000000 
_pdbx_struct_oper_list.matrix[3][3]         1.0000000000 
_pdbx_struct_oper_list.vector[3]            0.0000000000 
# 
_struct_biol.id        1 
_struct_biol.details   ? 
# 
loop_
_struct_conf.conf_type_id 
_struct_conf.id 
_struct_conf.pdbx_PDB_helix_id 
_struct_conf.beg_label_comp_id 
_struct_conf.beg_label_asym_id 
_struct_conf.beg_label_seq_id 
_struct_conf.pdbx_beg_PDB_ins_code 
_struct_conf.end_label_comp_id 
_struct_conf.end_label_asym_id 
_struct_conf.end_label_seq_id 
_struct_conf.pdbx_end_PDB_ins_code 
_struct_conf.beg_auth_comp_id 
_struct_conf.beg_auth_asym_id 
_struct_conf.beg_auth_seq_id 
_struct_conf.end_auth_comp_id 
_struct_conf.end_auth_asym_id 
_struct_conf.end_auth_seq_id 
_struct_conf.pdbx_PDB_helix_class 
_struct_conf.details 
_struct_conf.pdbx_PDB_helix_length 
HELX_P HELX_P1 1 SER A 26  ? PHE A 37  ? SER A 49  PHE A 60  1 ? 12 
HELX_P HELX_P2 2 THR A 43  ? LYS A 53  ? THR A 66  LYS A 76  1 ? 11 
HELX_P HELX_P3 3 CYS A 78  ? HIS A 82  ? CYS A 101 HIS A 105 5 ? 5  
HELX_P HELX_P4 4 HIS A 146 ? ILE A 150 ? HIS A 169 ILE A 173 5 ? 5  
# 
_struct_conf_type.id          HELX_P 
_struct_conf_type.criteria    ? 
_struct_conf_type.reference   ? 
# 
loop_
_struct_conn.id 
_struct_conn.conn_type_id 
_struct_conn.pdbx_leaving_atom_flag 
_struct_conn.pdbx_PDB_id 
_struct_conn.ptnr1_label_asym_id 
_struct_conn.ptnr1_label_comp_id 
_struct_conn.ptnr1_label_seq_id 
_struct_conn.ptnr1_label_atom_id 
_struct_conn.pdbx_ptnr1_label_alt_id 
_struct_conn.pdbx_ptnr1_PDB_ins_code 
_struct_conn.pdbx_ptnr1_standard_comp_id 
_struct_conn.ptnr1_symmetry 
_struct_conn.ptnr2_label_asym_id 
_struct_conn.ptnr2_label_comp_id 
_struct_conn.ptnr2_label_seq_id 
_struct_conn.ptnr2_label_atom_id 
_struct_conn.pdbx_ptnr2_label_alt_id 
_struct_conn.pdbx_ptnr2_PDB_ins_code 
_struct_conn.ptnr1_auth_asym_id 
_struct_conn.ptnr1_auth_comp_id 
_struct_conn.ptnr1_auth_seq_id 
_struct_conn.ptnr2_auth_asym_id 
_struct_conn.ptnr2_auth_comp_id 
_struct_conn.ptnr2_auth_seq_id 
_struct_conn.ptnr2_symmetry 
_struct_conn.pdbx_ptnr3_label_atom_id 
_struct_conn.pdbx_ptnr3_label_seq_id 
_struct_conn.pdbx_ptnr3_label_comp_id 
_struct_conn.pdbx_ptnr3_label_asym_id 
_struct_conn.pdbx_ptnr3_label_alt_id 
_struct_conn.pdbx_ptnr3_PDB_ins_code 
_struct_conn.details 
_struct_conn.pdbx_dist_value 
_struct_conn.pdbx_value_order 
_struct_conn.pdbx_role 
disulf1 disulf ? ? A CYS 9  SG ? ? ? 1_555 A CYS 111 SG ? ? A CYS 32 A CYS 134 1_555 ? ? ? ? ? ? ? 2.101 ? ? 
disulf2 disulf ? ? A CYS 34 SG ? ? ? 1_555 A CYS 100 SG ? ? A CYS 57 A CYS 123 1_555 ? ? ? ? ? ? ? 2.104 ? ? 
disulf3 disulf ? ? A CYS 58 SG ? ? ? 1_555 A CYS 78  SG ? ? A CYS 81 A CYS 101 1_555 ? ? ? ? ? ? ? 2.102 ? ? 
# 
_struct_conn_type.id          disulf 
_struct_conn_type.criteria    ? 
_struct_conn_type.reference   ? 
# 
loop_
_pdbx_modification_feature.ordinal 
_pdbx_modification_feature.label_comp_id 
_pdbx_modification_feature.label_asym_id 
_pdbx_modification_feature.label_seq_id 
_pdbx_modification_feature.label_alt_id 
_pdbx_modification_feature.modified_residue_label_comp_id 
_pdbx_modification_feature.modified_residue_label_asym_id 
_pdbx_modification_feature.modified_residue_label_seq_id 
_pdbx_modification_feature.modified_residue_label_alt_id 
_pdbx_modification_feature.auth_comp_id 
_pdbx_modification_feature.auth_asym_id 
_pdbx_modification_feature.auth_seq_id 
_pdbx_modification_feature.PDB_ins_code 
_pdbx_modification_feature.symmetry 
_pdbx_modification_feature.modified_residue_auth_comp_id 
_pdbx_modification_feature.modified_residue_auth_asym_id 
_pdbx_modification_feature.modified_residue_auth_seq_id 
_pdbx_modification_feature.modified_residue_PDB_ins_code 
_pdbx_modification_feature.modified_residue_symmetry 
_pdbx_modification_feature.comp_id_linking_atom 
_pdbx_modification_feature.modified_residue_id_linking_atom 
_pdbx_modification_feature.modified_residue_id 
_pdbx_modification_feature.ref_pcm_id 
_pdbx_modification_feature.ref_comp_id 
_pdbx_modification_feature.type 
_pdbx_modification_feature.category 
1 CYS A 9  ? CYS A 111 ? CYS A 32 ? 1_555 CYS A 134 ? 1_555 SG SG . . . None 'Disulfide bridge' 
2 CYS A 34 ? CYS A 100 ? CYS A 57 ? 1_555 CYS A 123 ? 1_555 SG SG . . . None 'Disulfide bridge' 
3 CYS A 58 ? CYS A 78  ? CYS A 81 ? 1_555 CYS A 101 ? 1_555 SG SG . . . None 'Disulfide bridge' 
# 
loop_
_struct_sheet.id 
_struct_sheet.type 
_struct_sheet.number_strands 
_struct_sheet.details 
A ? 8 ? 
B ? 2 ? 
# 
loop_
_struct_sheet_order.sheet_id 
_struct_sheet_order.range_id_1 
_struct_sheet_order.range_id_2 
_struct_sheet_order.offset 
_struct_sheet_order.sense 
A 1 2 ? anti-parallel 
A 2 3 ? anti-parallel 
A 3 4 ? parallel      
A 4 5 ? anti-parallel 
A 5 6 ? anti-parallel 
A 6 7 ? parallel      
A 7 8 ? anti-parallel 
B 1 2 ? anti-parallel 
# 
loop_
_struct_sheet_range.sheet_id 
_struct_sheet_range.id 
_struct_sheet_range.beg_label_comp_id 
_struct_sheet_range.beg_label_asym_id 
_struct_sheet_range.beg_label_seq_id 
_struct_sheet_range.pdbx_beg_PDB_ins_code 
_struct_sheet_range.end_label_comp_id 
_struct_sheet_range.end_label_asym_id 
_struct_sheet_range.end_label_seq_id 
_struct_sheet_range.pdbx_end_PDB_ins_code 
_struct_sheet_range.beg_auth_comp_id 
_struct_sheet_range.beg_auth_asym_id 
_struct_sheet_range.beg_auth_seq_id 
_struct_sheet_range.end_auth_comp_id 
_struct_sheet_range.end_auth_asym_id 
_struct_sheet_range.end_auth_seq_id 
A 1 GLY A 84  ? ILE A 87  ? GLY A 107 ILE A 110 
A 2 VAL A 67  ? ARG A 71  ? VAL A 90  ARG A 94  
A 3 GLY A 61  ? PHE A 62  ? GLY A 84  PHE A 85  
A 4 ASP A 97  ? PHE A 101 ? ASP A 120 PHE A 124 
A 5 VAL A 14  ? LYS A 19  ? VAL A 37  LYS A 42  
A 6 GLN A 2   ? VAL A 7   ? GLN A 25  VAL A 30  
A 7 PHE A 121 ? ASN A 131 ? PHE A 144 ASN A 154 
A 8 ARG A 136 ? GLU A 142 ? ARG A 159 GLU A 165 
B 1 ARG A 10  ? TYR A 11  ? ARG A 33  TYR A 34  
B 2 GLU A 109 ? ASP A 110 ? GLU A 132 ASP A 133 
# 
loop_
_pdbx_struct_sheet_hbond.sheet_id 
_pdbx_struct_sheet_hbond.range_id_1 
_pdbx_struct_sheet_hbond.range_id_2 
_pdbx_struct_sheet_hbond.range_1_label_atom_id 
_pdbx_struct_sheet_hbond.range_1_label_comp_id 
_pdbx_struct_sheet_hbond.range_1_label_asym_id 
_pdbx_struct_sheet_hbond.range_1_label_seq_id 
_pdbx_struct_sheet_hbond.range_1_PDB_ins_code 
_pdbx_struct_sheet_hbond.range_1_auth_atom_id 
_pdbx_struct_sheet_hbond.range_1_auth_comp_id 
_pdbx_struct_sheet_hbond.range_1_auth_asym_id 
_pdbx_struct_sheet_hbond.range_1_auth_seq_id 
_pdbx_struct_sheet_hbond.range_2_label_atom_id 
_pdbx_struct_sheet_hbond.range_2_label_comp_id 
_pdbx_struct_sheet_hbond.range_2_label_asym_id 
_pdbx_struct_sheet_hbond.range_2_label_seq_id 
_pdbx_struct_sheet_hbond.range_2_PDB_ins_code 
_pdbx_struct_sheet_hbond.range_2_auth_atom_id 
_pdbx_struct_sheet_hbond.range_2_auth_comp_id 
_pdbx_struct_sheet_hbond.range_2_auth_asym_id 
_pdbx_struct_sheet_hbond.range_2_auth_seq_id 
A 1 2 O GLY A 84  ? O GLY A 107 N ARG A 71  ? N ARG A 94  
A 2 3 O VAL A 68  ? O VAL A 91  N GLY A 61  ? N GLY A 84  
A 3 4 N PHE A 62  ? N PHE A 85  O TYR A 99  ? O TYR A 122 
A 4 5 O THR A 98  ? O THR A 121 N VAL A 17  ? N VAL A 40  
A 5 6 O GLU A 18  ? O GLU A 41  N ASN A 6   ? N ASN A 29  
A 6 7 N LEU A 5   ? N LEU A 28  O THR A 128 ? O THR A 151 
A 7 8 N ILE A 129 ? N ILE A 152 O TYR A 137 ? O TYR A 160 
B 1 2 N ARG A 10  ? N ARG A 33  O ASP A 110 ? O ASP A 133 
# 
loop_
_struct_site.id 
_struct_site.pdbx_evidence_code 
_struct_site.pdbx_auth_asym_id 
_struct_site.pdbx_auth_comp_id 
_struct_site.pdbx_auth_seq_id 
_struct_site.pdbx_auth_ins_code 
_struct_site.pdbx_num_residues 
_struct_site.details 
AC1 Software A DMS 201 ? 10 'BINDING SITE FOR RESIDUE DMS A 201' 
AC2 Software A 2C9 202 ? 8  'BINDING SITE FOR RESIDUE 2C9 A 202' 
# 
loop_
_struct_site_gen.id 
_struct_site_gen.site_id 
_struct_site_gen.pdbx_num_res 
_struct_site_gen.label_comp_id 
_struct_site_gen.label_asym_id 
_struct_site_gen.label_seq_id 
_struct_site_gen.pdbx_auth_ins_code 
_struct_site_gen.auth_comp_id 
_struct_site_gen.auth_asym_id 
_struct_site_gen.auth_seq_id 
_struct_site_gen.label_atom_id 
_struct_site_gen.label_alt_id 
_struct_site_gen.symmetry 
_struct_site_gen.details 
1  AC1 10 CYS A 9   ? CYS A 32  . ? 1_555 ? 
2  AC1 10 GLY A 65  ? GLY A 88  . ? 1_554 ? 
3  AC1 10 ASN A 66  ? ASN A 89  . ? 1_554 ? 
4  AC1 10 CYS A 111 ? CYS A 134 . ? 1_555 ? 
5  AC1 10 THR A 112 ? THR A 135 . ? 1_555 ? 
6  AC1 10 SER A 113 ? SER A 136 . ? 1_555 ? 
7  AC1 10 ARG A 132 ? ARG A 155 . ? 1_555 ? 
8  AC1 10 ASP A 133 ? ASP A 156 . ? 1_555 ? 
9  AC1 10 HOH D .   ? HOH A 318 . ? 1_554 ? 
10 AC1 10 HOH D .   ? HOH A 323 . ? 1_555 ? 
11 AC2 8  ASN A 6   ? ASN A 29  . ? 1_555 ? 
12 AC2 8  VAL A 7   ? VAL A 30  . ? 1_555 ? 
13 AC2 8  THR A 8   ? THR A 31  . ? 1_555 ? 
14 AC2 8  GLU A 18  ? GLU A 41  . ? 1_555 ? 
15 AC2 8  VAL A 130 ? VAL A 153 . ? 1_555 ? 
16 AC2 8  ARG A 132 ? ARG A 155 . ? 1_555 ? 
17 AC2 8  HOH D .   ? HOH A 314 . ? 1_555 ? 
18 AC2 8  HOH D .   ? HOH A 317 . ? 1_555 ? 
# 
_pdbx_entry_details.entry_id                   4MRE 
_pdbx_entry_details.compound_details           ? 
_pdbx_entry_details.source_details             ? 
_pdbx_entry_details.nonpolymer_details         ? 
_pdbx_entry_details.sequence_details           ? 
_pdbx_entry_details.has_ligand_of_interest     ? 
_pdbx_entry_details.has_protein_modification   Y 
# 
_pdbx_validate_rmsd_angle.id                         1 
_pdbx_validate_rmsd_angle.PDB_model_num              1 
_pdbx_validate_rmsd_angle.auth_atom_id_1             NE 
_pdbx_validate_rmsd_angle.auth_asym_id_1             A 
_pdbx_validate_rmsd_angle.auth_comp_id_1             ARG 
_pdbx_validate_rmsd_angle.auth_seq_id_1              159 
_pdbx_validate_rmsd_angle.PDB_ins_code_1             ? 
_pdbx_validate_rmsd_angle.label_alt_id_1             ? 
_pdbx_validate_rmsd_angle.auth_atom_id_2             CZ 
_pdbx_validate_rmsd_angle.auth_asym_id_2             A 
_pdbx_validate_rmsd_angle.auth_comp_id_2             ARG 
_pdbx_validate_rmsd_angle.auth_seq_id_2              159 
_pdbx_validate_rmsd_angle.PDB_ins_code_2             ? 
_pdbx_validate_rmsd_angle.label_alt_id_2             ? 
_pdbx_validate_rmsd_angle.auth_atom_id_3             NH2 
_pdbx_validate_rmsd_angle.auth_asym_id_3             A 
_pdbx_validate_rmsd_angle.auth_comp_id_3             ARG 
_pdbx_validate_rmsd_angle.auth_seq_id_3              159 
_pdbx_validate_rmsd_angle.PDB_ins_code_3             ? 
_pdbx_validate_rmsd_angle.label_alt_id_3             ? 
_pdbx_validate_rmsd_angle.angle_value                117.02 
_pdbx_validate_rmsd_angle.angle_target_value         120.30 
_pdbx_validate_rmsd_angle.angle_deviation            -3.28 
_pdbx_validate_rmsd_angle.angle_standard_deviation   0.50 
_pdbx_validate_rmsd_angle.linker_flag                N 
# 
loop_
_pdbx_validate_torsion.id 
_pdbx_validate_torsion.PDB_model_num 
_pdbx_validate_torsion.auth_comp_id 
_pdbx_validate_torsion.auth_asym_id 
_pdbx_validate_torsion.auth_seq_id 
_pdbx_validate_torsion.PDB_ins_code 
_pdbx_validate_torsion.label_alt_id 
_pdbx_validate_torsion.phi 
_pdbx_validate_torsion.psi 
1 1 CYS A 32  ? ? -49.68  153.58  
2 1 SER A 47  ? ? -158.82 13.14   
3 1 GLU A 131 ? ? -116.88 -131.86 
# 
_pdbx_phasing_MR.entry_id                     4MRE 
_pdbx_phasing_MR.method_rotation              ? 
_pdbx_phasing_MR.method_translation           ? 
_pdbx_phasing_MR.model_details                'Phaser MODE: MR_AUTO' 
_pdbx_phasing_MR.R_factor                     32.300 
_pdbx_phasing_MR.R_rigid_body                 ? 
_pdbx_phasing_MR.correlation_coeff_Fo_to_Fc   ? 
_pdbx_phasing_MR.correlation_coeff_Io_to_Ic   ? 
_pdbx_phasing_MR.d_res_high_rotation          2.500 
_pdbx_phasing_MR.d_res_low_rotation           41.120 
_pdbx_phasing_MR.d_res_high_translation       2.500 
_pdbx_phasing_MR.d_res_low_translation        41.120 
_pdbx_phasing_MR.packing                      ? 
_pdbx_phasing_MR.reflns_percent_rotation      ? 
_pdbx_phasing_MR.reflns_percent_translation   ? 
_pdbx_phasing_MR.sigma_F_rotation             ? 
_pdbx_phasing_MR.sigma_F_translation          ? 
_pdbx_phasing_MR.sigma_I_rotation             ? 
_pdbx_phasing_MR.sigma_I_translation          ? 
# 
_phasing.method   MR 
# 
loop_
_chem_comp_atom.comp_id 
_chem_comp_atom.atom_id 
_chem_comp_atom.type_symbol 
_chem_comp_atom.pdbx_aromatic_flag 
_chem_comp_atom.pdbx_stereo_config 
_chem_comp_atom.pdbx_ordinal 
2C9 CAA  C N N 1   
2C9 CAG  C Y N 2   
2C9 CAE  C Y N 3   
2C9 CAD  C Y N 4   
2C9 CAF  C Y N 5   
2C9 CAH  C Y N 6   
2C9 NAB  N N N 7   
2C9 CAI  C Y N 8   
2C9 NAC  N N N 9   
2C9 H1   H N N 10  
2C9 H2   H N N 11  
2C9 H3   H N N 12  
2C9 H4   H N N 13  
2C9 H5   H N N 14  
2C9 H6   H N N 15  
2C9 H7   H N N 16  
2C9 H8   H N N 17  
2C9 H9   H N N 18  
2C9 H10  H N N 19  
ALA N    N N N 20  
ALA CA   C N S 21  
ALA C    C N N 22  
ALA O    O N N 23  
ALA CB   C N N 24  
ALA OXT  O N N 25  
ALA H    H N N 26  
ALA H2   H N N 27  
ALA HA   H N N 28  
ALA HB1  H N N 29  
ALA HB2  H N N 30  
ALA HB3  H N N 31  
ALA HXT  H N N 32  
ARG N    N N N 33  
ARG CA   C N S 34  
ARG C    C N N 35  
ARG O    O N N 36  
ARG CB   C N N 37  
ARG CG   C N N 38  
ARG CD   C N N 39  
ARG NE   N N N 40  
ARG CZ   C N N 41  
ARG NH1  N N N 42  
ARG NH2  N N N 43  
ARG OXT  O N N 44  
ARG H    H N N 45  
ARG H2   H N N 46  
ARG HA   H N N 47  
ARG HB2  H N N 48  
ARG HB3  H N N 49  
ARG HG2  H N N 50  
ARG HG3  H N N 51  
ARG HD2  H N N 52  
ARG HD3  H N N 53  
ARG HE   H N N 54  
ARG HH11 H N N 55  
ARG HH12 H N N 56  
ARG HH21 H N N 57  
ARG HH22 H N N 58  
ARG HXT  H N N 59  
ASN N    N N N 60  
ASN CA   C N S 61  
ASN C    C N N 62  
ASN O    O N N 63  
ASN CB   C N N 64  
ASN CG   C N N 65  
ASN OD1  O N N 66  
ASN ND2  N N N 67  
ASN OXT  O N N 68  
ASN H    H N N 69  
ASN H2   H N N 70  
ASN HA   H N N 71  
ASN HB2  H N N 72  
ASN HB3  H N N 73  
ASN HD21 H N N 74  
ASN HD22 H N N 75  
ASN HXT  H N N 76  
ASP N    N N N 77  
ASP CA   C N S 78  
ASP C    C N N 79  
ASP O    O N N 80  
ASP CB   C N N 81  
ASP CG   C N N 82  
ASP OD1  O N N 83  
ASP OD2  O N N 84  
ASP OXT  O N N 85  
ASP H    H N N 86  
ASP H2   H N N 87  
ASP HA   H N N 88  
ASP HB2  H N N 89  
ASP HB3  H N N 90  
ASP HD2  H N N 91  
ASP HXT  H N N 92  
CYS N    N N N 93  
CYS CA   C N R 94  
CYS C    C N N 95  
CYS O    O N N 96  
CYS CB   C N N 97  
CYS SG   S N N 98  
CYS OXT  O N N 99  
CYS H    H N N 100 
CYS H2   H N N 101 
CYS HA   H N N 102 
CYS HB2  H N N 103 
CYS HB3  H N N 104 
CYS HG   H N N 105 
CYS HXT  H N N 106 
DMS S    S N N 107 
DMS O    O N N 108 
DMS C1   C N N 109 
DMS C2   C N N 110 
DMS H11  H N N 111 
DMS H12  H N N 112 
DMS H13  H N N 113 
DMS H21  H N N 114 
DMS H22  H N N 115 
DMS H23  H N N 116 
GLN N    N N N 117 
GLN CA   C N S 118 
GLN C    C N N 119 
GLN O    O N N 120 
GLN CB   C N N 121 
GLN CG   C N N 122 
GLN CD   C N N 123 
GLN OE1  O N N 124 
GLN NE2  N N N 125 
GLN OXT  O N N 126 
GLN H    H N N 127 
GLN H2   H N N 128 
GLN HA   H N N 129 
GLN HB2  H N N 130 
GLN HB3  H N N 131 
GLN HG2  H N N 132 
GLN HG3  H N N 133 
GLN HE21 H N N 134 
GLN HE22 H N N 135 
GLN HXT  H N N 136 
GLU N    N N N 137 
GLU CA   C N S 138 
GLU C    C N N 139 
GLU O    O N N 140 
GLU CB   C N N 141 
GLU CG   C N N 142 
GLU CD   C N N 143 
GLU OE1  O N N 144 
GLU OE2  O N N 145 
GLU OXT  O N N 146 
GLU H    H N N 147 
GLU H2   H N N 148 
GLU HA   H N N 149 
GLU HB2  H N N 150 
GLU HB3  H N N 151 
GLU HG2  H N N 152 
GLU HG3  H N N 153 
GLU HE2  H N N 154 
GLU HXT  H N N 155 
GLY N    N N N 156 
GLY CA   C N N 157 
GLY C    C N N 158 
GLY O    O N N 159 
GLY OXT  O N N 160 
GLY H    H N N 161 
GLY H2   H N N 162 
GLY HA2  H N N 163 
GLY HA3  H N N 164 
GLY HXT  H N N 165 
HIS N    N N N 166 
HIS CA   C N S 167 
HIS C    C N N 168 
HIS O    O N N 169 
HIS CB   C N N 170 
HIS CG   C Y N 171 
HIS ND1  N Y N 172 
HIS CD2  C Y N 173 
HIS CE1  C Y N 174 
HIS NE2  N Y N 175 
HIS OXT  O N N 176 
HIS H    H N N 177 
HIS H2   H N N 178 
HIS HA   H N N 179 
HIS HB2  H N N 180 
HIS HB3  H N N 181 
HIS HD1  H N N 182 
HIS HD2  H N N 183 
HIS HE1  H N N 184 
HIS HE2  H N N 185 
HIS HXT  H N N 186 
HOH O    O N N 187 
HOH H1   H N N 188 
HOH H2   H N N 189 
ILE N    N N N 190 
ILE CA   C N S 191 
ILE C    C N N 192 
ILE O    O N N 193 
ILE CB   C N S 194 
ILE CG1  C N N 195 
ILE CG2  C N N 196 
ILE CD1  C N N 197 
ILE OXT  O N N 198 
ILE H    H N N 199 
ILE H2   H N N 200 
ILE HA   H N N 201 
ILE HB   H N N 202 
ILE HG12 H N N 203 
ILE HG13 H N N 204 
ILE HG21 H N N 205 
ILE HG22 H N N 206 
ILE HG23 H N N 207 
ILE HD11 H N N 208 
ILE HD12 H N N 209 
ILE HD13 H N N 210 
ILE HXT  H N N 211 
LEU N    N N N 212 
LEU CA   C N S 213 
LEU C    C N N 214 
LEU O    O N N 215 
LEU CB   C N N 216 
LEU CG   C N N 217 
LEU CD1  C N N 218 
LEU CD2  C N N 219 
LEU OXT  O N N 220 
LEU H    H N N 221 
LEU H2   H N N 222 
LEU HA   H N N 223 
LEU HB2  H N N 224 
LEU HB3  H N N 225 
LEU HG   H N N 226 
LEU HD11 H N N 227 
LEU HD12 H N N 228 
LEU HD13 H N N 229 
LEU HD21 H N N 230 
LEU HD22 H N N 231 
LEU HD23 H N N 232 
LEU HXT  H N N 233 
LYS N    N N N 234 
LYS CA   C N S 235 
LYS C    C N N 236 
LYS O    O N N 237 
LYS CB   C N N 238 
LYS CG   C N N 239 
LYS CD   C N N 240 
LYS CE   C N N 241 
LYS NZ   N N N 242 
LYS OXT  O N N 243 
LYS H    H N N 244 
LYS H2   H N N 245 
LYS HA   H N N 246 
LYS HB2  H N N 247 
LYS HB3  H N N 248 
LYS HG2  H N N 249 
LYS HG3  H N N 250 
LYS HD2  H N N 251 
LYS HD3  H N N 252 
LYS HE2  H N N 253 
LYS HE3  H N N 254 
LYS HZ1  H N N 255 
LYS HZ2  H N N 256 
LYS HZ3  H N N 257 
LYS HXT  H N N 258 
MET N    N N N 259 
MET CA   C N S 260 
MET C    C N N 261 
MET O    O N N 262 
MET CB   C N N 263 
MET CG   C N N 264 
MET SD   S N N 265 
MET CE   C N N 266 
MET OXT  O N N 267 
MET H    H N N 268 
MET H2   H N N 269 
MET HA   H N N 270 
MET HB2  H N N 271 
MET HB3  H N N 272 
MET HG2  H N N 273 
MET HG3  H N N 274 
MET HE1  H N N 275 
MET HE2  H N N 276 
MET HE3  H N N 277 
MET HXT  H N N 278 
PHE N    N N N 279 
PHE CA   C N S 280 
PHE C    C N N 281 
PHE O    O N N 282 
PHE CB   C N N 283 
PHE CG   C Y N 284 
PHE CD1  C Y N 285 
PHE CD2  C Y N 286 
PHE CE1  C Y N 287 
PHE CE2  C Y N 288 
PHE CZ   C Y N 289 
PHE OXT  O N N 290 
PHE H    H N N 291 
PHE H2   H N N 292 
PHE HA   H N N 293 
PHE HB2  H N N 294 
PHE HB3  H N N 295 
PHE HD1  H N N 296 
PHE HD2  H N N 297 
PHE HE1  H N N 298 
PHE HE2  H N N 299 
PHE HZ   H N N 300 
PHE HXT  H N N 301 
PRO N    N N N 302 
PRO CA   C N S 303 
PRO C    C N N 304 
PRO O    O N N 305 
PRO CB   C N N 306 
PRO CG   C N N 307 
PRO CD   C N N 308 
PRO OXT  O N N 309 
PRO H    H N N 310 
PRO HA   H N N 311 
PRO HB2  H N N 312 
PRO HB3  H N N 313 
PRO HG2  H N N 314 
PRO HG3  H N N 315 
PRO HD2  H N N 316 
PRO HD3  H N N 317 
PRO HXT  H N N 318 
SER N    N N N 319 
SER CA   C N S 320 
SER C    C N N 321 
SER O    O N N 322 
SER CB   C N N 323 
SER OG   O N N 324 
SER OXT  O N N 325 
SER H    H N N 326 
SER H2   H N N 327 
SER HA   H N N 328 
SER HB2  H N N 329 
SER HB3  H N N 330 
SER HG   H N N 331 
SER HXT  H N N 332 
THR N    N N N 333 
THR CA   C N S 334 
THR C    C N N 335 
THR O    O N N 336 
THR CB   C N R 337 
THR OG1  O N N 338 
THR CG2  C N N 339 
THR OXT  O N N 340 
THR H    H N N 341 
THR H2   H N N 342 
THR HA   H N N 343 
THR HB   H N N 344 
THR HG1  H N N 345 
THR HG21 H N N 346 
THR HG22 H N N 347 
THR HG23 H N N 348 
THR HXT  H N N 349 
TYR N    N N N 350 
TYR CA   C N S 351 
TYR C    C N N 352 
TYR O    O N N 353 
TYR CB   C N N 354 
TYR CG   C Y N 355 
TYR CD1  C Y N 356 
TYR CD2  C Y N 357 
TYR CE1  C Y N 358 
TYR CE2  C Y N 359 
TYR CZ   C Y N 360 
TYR OH   O N N 361 
TYR OXT  O N N 362 
TYR H    H N N 363 
TYR H2   H N N 364 
TYR HA   H N N 365 
TYR HB2  H N N 366 
TYR HB3  H N N 367 
TYR HD1  H N N 368 
TYR HD2  H N N 369 
TYR HE1  H N N 370 
TYR HE2  H N N 371 
TYR HH   H N N 372 
TYR HXT  H N N 373 
VAL N    N N N 374 
VAL CA   C N S 375 
VAL C    C N N 376 
VAL O    O N N 377 
VAL CB   C N N 378 
VAL CG1  C N N 379 
VAL CG2  C N N 380 
VAL OXT  O N N 381 
VAL H    H N N 382 
VAL H2   H N N 383 
VAL HA   H N N 384 
VAL HB   H N N 385 
VAL HG11 H N N 386 
VAL HG12 H N N 387 
VAL HG13 H N N 388 
VAL HG21 H N N 389 
VAL HG22 H N N 390 
VAL HG23 H N N 391 
VAL HXT  H N N 392 
# 
loop_
_chem_comp_bond.comp_id 
_chem_comp_bond.atom_id_1 
_chem_comp_bond.atom_id_2 
_chem_comp_bond.value_order 
_chem_comp_bond.pdbx_aromatic_flag 
_chem_comp_bond.pdbx_stereo_config 
_chem_comp_bond.pdbx_ordinal 
2C9 CAF CAD  doub Y N 1   
2C9 CAF CAH  sing Y N 2   
2C9 CAD CAE  sing Y N 3   
2C9 NAB CAH  sing N N 4   
2C9 CAH CAI  doub Y N 5   
2C9 CAE CAG  doub Y N 6   
2C9 CAI CAG  sing Y N 7   
2C9 CAI NAC  sing N N 8   
2C9 CAG CAA  sing N N 9   
2C9 CAA H1   sing N N 10  
2C9 CAA H2   sing N N 11  
2C9 CAA H3   sing N N 12  
2C9 CAE H4   sing N N 13  
2C9 CAD H5   sing N N 14  
2C9 CAF H6   sing N N 15  
2C9 NAB H7   sing N N 16  
2C9 NAB H8   sing N N 17  
2C9 NAC H9   sing N N 18  
2C9 NAC H10  sing N N 19  
ALA N   CA   sing N N 20  
ALA N   H    sing N N 21  
ALA N   H2   sing N N 22  
ALA CA  C    sing N N 23  
ALA CA  CB   sing N N 24  
ALA CA  HA   sing N N 25  
ALA C   O    doub N N 26  
ALA C   OXT  sing N N 27  
ALA CB  HB1  sing N N 28  
ALA CB  HB2  sing N N 29  
ALA CB  HB3  sing N N 30  
ALA OXT HXT  sing N N 31  
ARG N   CA   sing N N 32  
ARG N   H    sing N N 33  
ARG N   H2   sing N N 34  
ARG CA  C    sing N N 35  
ARG CA  CB   sing N N 36  
ARG CA  HA   sing N N 37  
ARG C   O    doub N N 38  
ARG C   OXT  sing N N 39  
ARG CB  CG   sing N N 40  
ARG CB  HB2  sing N N 41  
ARG CB  HB3  sing N N 42  
ARG CG  CD   sing N N 43  
ARG CG  HG2  sing N N 44  
ARG CG  HG3  sing N N 45  
ARG CD  NE   sing N N 46  
ARG CD  HD2  sing N N 47  
ARG CD  HD3  sing N N 48  
ARG NE  CZ   sing N N 49  
ARG NE  HE   sing N N 50  
ARG CZ  NH1  sing N N 51  
ARG CZ  NH2  doub N N 52  
ARG NH1 HH11 sing N N 53  
ARG NH1 HH12 sing N N 54  
ARG NH2 HH21 sing N N 55  
ARG NH2 HH22 sing N N 56  
ARG OXT HXT  sing N N 57  
ASN N   CA   sing N N 58  
ASN N   H    sing N N 59  
ASN N   H2   sing N N 60  
ASN CA  C    sing N N 61  
ASN CA  CB   sing N N 62  
ASN CA  HA   sing N N 63  
ASN C   O    doub N N 64  
ASN C   OXT  sing N N 65  
ASN CB  CG   sing N N 66  
ASN CB  HB2  sing N N 67  
ASN CB  HB3  sing N N 68  
ASN CG  OD1  doub N N 69  
ASN CG  ND2  sing N N 70  
ASN ND2 HD21 sing N N 71  
ASN ND2 HD22 sing N N 72  
ASN OXT HXT  sing N N 73  
ASP N   CA   sing N N 74  
ASP N   H    sing N N 75  
ASP N   H2   sing N N 76  
ASP CA  C    sing N N 77  
ASP CA  CB   sing N N 78  
ASP CA  HA   sing N N 79  
ASP C   O    doub N N 80  
ASP C   OXT  sing N N 81  
ASP CB  CG   sing N N 82  
ASP CB  HB2  sing N N 83  
ASP CB  HB3  sing N N 84  
ASP CG  OD1  doub N N 85  
ASP CG  OD2  sing N N 86  
ASP OD2 HD2  sing N N 87  
ASP OXT HXT  sing N N 88  
CYS N   CA   sing N N 89  
CYS N   H    sing N N 90  
CYS N   H2   sing N N 91  
CYS CA  C    sing N N 92  
CYS CA  CB   sing N N 93  
CYS CA  HA   sing N N 94  
CYS C   O    doub N N 95  
CYS C   OXT  sing N N 96  
CYS CB  SG   sing N N 97  
CYS CB  HB2  sing N N 98  
CYS CB  HB3  sing N N 99  
CYS SG  HG   sing N N 100 
CYS OXT HXT  sing N N 101 
DMS S   O    doub N N 102 
DMS S   C1   sing N N 103 
DMS S   C2   sing N N 104 
DMS C1  H11  sing N N 105 
DMS C1  H12  sing N N 106 
DMS C1  H13  sing N N 107 
DMS C2  H21  sing N N 108 
DMS C2  H22  sing N N 109 
DMS C2  H23  sing N N 110 
GLN N   CA   sing N N 111 
GLN N   H    sing N N 112 
GLN N   H2   sing N N 113 
GLN CA  C    sing N N 114 
GLN CA  CB   sing N N 115 
GLN CA  HA   sing N N 116 
GLN C   O    doub N N 117 
GLN C   OXT  sing N N 118 
GLN CB  CG   sing N N 119 
GLN CB  HB2  sing N N 120 
GLN CB  HB3  sing N N 121 
GLN CG  CD   sing N N 122 
GLN CG  HG2  sing N N 123 
GLN CG  HG3  sing N N 124 
GLN CD  OE1  doub N N 125 
GLN CD  NE2  sing N N 126 
GLN NE2 HE21 sing N N 127 
GLN NE2 HE22 sing N N 128 
GLN OXT HXT  sing N N 129 
GLU N   CA   sing N N 130 
GLU N   H    sing N N 131 
GLU N   H2   sing N N 132 
GLU CA  C    sing N N 133 
GLU CA  CB   sing N N 134 
GLU CA  HA   sing N N 135 
GLU C   O    doub N N 136 
GLU C   OXT  sing N N 137 
GLU CB  CG   sing N N 138 
GLU CB  HB2  sing N N 139 
GLU CB  HB3  sing N N 140 
GLU CG  CD   sing N N 141 
GLU CG  HG2  sing N N 142 
GLU CG  HG3  sing N N 143 
GLU CD  OE1  doub N N 144 
GLU CD  OE2  sing N N 145 
GLU OE2 HE2  sing N N 146 
GLU OXT HXT  sing N N 147 
GLY N   CA   sing N N 148 
GLY N   H    sing N N 149 
GLY N   H2   sing N N 150 
GLY CA  C    sing N N 151 
GLY CA  HA2  sing N N 152 
GLY CA  HA3  sing N N 153 
GLY C   O    doub N N 154 
GLY C   OXT  sing N N 155 
GLY OXT HXT  sing N N 156 
HIS N   CA   sing N N 157 
HIS N   H    sing N N 158 
HIS N   H2   sing N N 159 
HIS CA  C    sing N N 160 
HIS CA  CB   sing N N 161 
HIS CA  HA   sing N N 162 
HIS C   O    doub N N 163 
HIS C   OXT  sing N N 164 
HIS CB  CG   sing N N 165 
HIS CB  HB2  sing N N 166 
HIS CB  HB3  sing N N 167 
HIS CG  ND1  sing Y N 168 
HIS CG  CD2  doub Y N 169 
HIS ND1 CE1  doub Y N 170 
HIS ND1 HD1  sing N N 171 
HIS CD2 NE2  sing Y N 172 
HIS CD2 HD2  sing N N 173 
HIS CE1 NE2  sing Y N 174 
HIS CE1 HE1  sing N N 175 
HIS NE2 HE2  sing N N 176 
HIS OXT HXT  sing N N 177 
HOH O   H1   sing N N 178 
HOH O   H2   sing N N 179 
ILE N   CA   sing N N 180 
ILE N   H    sing N N 181 
ILE N   H2   sing N N 182 
ILE CA  C    sing N N 183 
ILE CA  CB   sing N N 184 
ILE CA  HA   sing N N 185 
ILE C   O    doub N N 186 
ILE C   OXT  sing N N 187 
ILE CB  CG1  sing N N 188 
ILE CB  CG2  sing N N 189 
ILE CB  HB   sing N N 190 
ILE CG1 CD1  sing N N 191 
ILE CG1 HG12 sing N N 192 
ILE CG1 HG13 sing N N 193 
ILE CG2 HG21 sing N N 194 
ILE CG2 HG22 sing N N 195 
ILE CG2 HG23 sing N N 196 
ILE CD1 HD11 sing N N 197 
ILE CD1 HD12 sing N N 198 
ILE CD1 HD13 sing N N 199 
ILE OXT HXT  sing N N 200 
LEU N   CA   sing N N 201 
LEU N   H    sing N N 202 
LEU N   H2   sing N N 203 
LEU CA  C    sing N N 204 
LEU CA  CB   sing N N 205 
LEU CA  HA   sing N N 206 
LEU C   O    doub N N 207 
LEU C   OXT  sing N N 208 
LEU CB  CG   sing N N 209 
LEU CB  HB2  sing N N 210 
LEU CB  HB3  sing N N 211 
LEU CG  CD1  sing N N 212 
LEU CG  CD2  sing N N 213 
LEU CG  HG   sing N N 214 
LEU CD1 HD11 sing N N 215 
LEU CD1 HD12 sing N N 216 
LEU CD1 HD13 sing N N 217 
LEU CD2 HD21 sing N N 218 
LEU CD2 HD22 sing N N 219 
LEU CD2 HD23 sing N N 220 
LEU OXT HXT  sing N N 221 
LYS N   CA   sing N N 222 
LYS N   H    sing N N 223 
LYS N   H2   sing N N 224 
LYS CA  C    sing N N 225 
LYS CA  CB   sing N N 226 
LYS CA  HA   sing N N 227 
LYS C   O    doub N N 228 
LYS C   OXT  sing N N 229 
LYS CB  CG   sing N N 230 
LYS CB  HB2  sing N N 231 
LYS CB  HB3  sing N N 232 
LYS CG  CD   sing N N 233 
LYS CG  HG2  sing N N 234 
LYS CG  HG3  sing N N 235 
LYS CD  CE   sing N N 236 
LYS CD  HD2  sing N N 237 
LYS CD  HD3  sing N N 238 
LYS CE  NZ   sing N N 239 
LYS CE  HE2  sing N N 240 
LYS CE  HE3  sing N N 241 
LYS NZ  HZ1  sing N N 242 
LYS NZ  HZ2  sing N N 243 
LYS NZ  HZ3  sing N N 244 
LYS OXT HXT  sing N N 245 
MET N   CA   sing N N 246 
MET N   H    sing N N 247 
MET N   H2   sing N N 248 
MET CA  C    sing N N 249 
MET CA  CB   sing N N 250 
MET CA  HA   sing N N 251 
MET C   O    doub N N 252 
MET C   OXT  sing N N 253 
MET CB  CG   sing N N 254 
MET CB  HB2  sing N N 255 
MET CB  HB3  sing N N 256 
MET CG  SD   sing N N 257 
MET CG  HG2  sing N N 258 
MET CG  HG3  sing N N 259 
MET SD  CE   sing N N 260 
MET CE  HE1  sing N N 261 
MET CE  HE2  sing N N 262 
MET CE  HE3  sing N N 263 
MET OXT HXT  sing N N 264 
PHE N   CA   sing N N 265 
PHE N   H    sing N N 266 
PHE N   H2   sing N N 267 
PHE CA  C    sing N N 268 
PHE CA  CB   sing N N 269 
PHE CA  HA   sing N N 270 
PHE C   O    doub N N 271 
PHE C   OXT  sing N N 272 
PHE CB  CG   sing N N 273 
PHE CB  HB2  sing N N 274 
PHE CB  HB3  sing N N 275 
PHE CG  CD1  doub Y N 276 
PHE CG  CD2  sing Y N 277 
PHE CD1 CE1  sing Y N 278 
PHE CD1 HD1  sing N N 279 
PHE CD2 CE2  doub Y N 280 
PHE CD2 HD2  sing N N 281 
PHE CE1 CZ   doub Y N 282 
PHE CE1 HE1  sing N N 283 
PHE CE2 CZ   sing Y N 284 
PHE CE2 HE2  sing N N 285 
PHE CZ  HZ   sing N N 286 
PHE OXT HXT  sing N N 287 
PRO N   CA   sing N N 288 
PRO N   CD   sing N N 289 
PRO N   H    sing N N 290 
PRO CA  C    sing N N 291 
PRO CA  CB   sing N N 292 
PRO CA  HA   sing N N 293 
PRO C   O    doub N N 294 
PRO C   OXT  sing N N 295 
PRO CB  CG   sing N N 296 
PRO CB  HB2  sing N N 297 
PRO CB  HB3  sing N N 298 
PRO CG  CD   sing N N 299 
PRO CG  HG2  sing N N 300 
PRO CG  HG3  sing N N 301 
PRO CD  HD2  sing N N 302 
PRO CD  HD3  sing N N 303 
PRO OXT HXT  sing N N 304 
SER N   CA   sing N N 305 
SER N   H    sing N N 306 
SER N   H2   sing N N 307 
SER CA  C    sing N N 308 
SER CA  CB   sing N N 309 
SER CA  HA   sing N N 310 
SER C   O    doub N N 311 
SER C   OXT  sing N N 312 
SER CB  OG   sing N N 313 
SER CB  HB2  sing N N 314 
SER CB  HB3  sing N N 315 
SER OG  HG   sing N N 316 
SER OXT HXT  sing N N 317 
THR N   CA   sing N N 318 
THR N   H    sing N N 319 
THR N   H2   sing N N 320 
THR CA  C    sing N N 321 
THR CA  CB   sing N N 322 
THR CA  HA   sing N N 323 
THR C   O    doub N N 324 
THR C   OXT  sing N N 325 
THR CB  OG1  sing N N 326 
THR CB  CG2  sing N N 327 
THR CB  HB   sing N N 328 
THR OG1 HG1  sing N N 329 
THR CG2 HG21 sing N N 330 
THR CG2 HG22 sing N N 331 
THR CG2 HG23 sing N N 332 
THR OXT HXT  sing N N 333 
TYR N   CA   sing N N 334 
TYR N   H    sing N N 335 
TYR N   H2   sing N N 336 
TYR CA  C    sing N N 337 
TYR CA  CB   sing N N 338 
TYR CA  HA   sing N N 339 
TYR C   O    doub N N 340 
TYR C   OXT  sing N N 341 
TYR CB  CG   sing N N 342 
TYR CB  HB2  sing N N 343 
TYR CB  HB3  sing N N 344 
TYR CG  CD1  doub Y N 345 
TYR CG  CD2  sing Y N 346 
TYR CD1 CE1  sing Y N 347 
TYR CD1 HD1  sing N N 348 
TYR CD2 CE2  doub Y N 349 
TYR CD2 HD2  sing N N 350 
TYR CE1 CZ   doub Y N 351 
TYR CE1 HE1  sing N N 352 
TYR CE2 CZ   sing Y N 353 
TYR CE2 HE2  sing N N 354 
TYR CZ  OH   sing N N 355 
TYR OH  HH   sing N N 356 
TYR OXT HXT  sing N N 357 
VAL N   CA   sing N N 358 
VAL N   H    sing N N 359 
VAL N   H2   sing N N 360 
VAL CA  C    sing N N 361 
VAL CA  CB   sing N N 362 
VAL CA  HA   sing N N 363 
VAL C   O    doub N N 364 
VAL C   OXT  sing N N 365 
VAL CB  CG1  sing N N 366 
VAL CB  CG2  sing N N 367 
VAL CB  HB   sing N N 368 
VAL CG1 HG11 sing N N 369 
VAL CG1 HG12 sing N N 370 
VAL CG1 HG13 sing N N 371 
VAL CG2 HG21 sing N N 372 
VAL CG2 HG22 sing N N 373 
VAL CG2 HG23 sing N N 374 
VAL OXT HXT  sing N N 375 
# 
_pdbx_initial_refinement_model.id               1 
_pdbx_initial_refinement_model.entity_id_list   ? 
_pdbx_initial_refinement_model.type             'experimental model' 
_pdbx_initial_refinement_model.source_name      PDB 
_pdbx_initial_refinement_model.accession_code   2JCP 
_pdbx_initial_refinement_model.details          'pdb entry 2JCP' 
# 
_atom_sites.entry_id                    4MRE 
_atom_sites.fract_transf_matrix[1][1]   -0.03337446 
_atom_sites.fract_transf_matrix[1][2]   -0.01490657 
_atom_sites.fract_transf_matrix[1][3]   0.00143201 
_atom_sites.fract_transf_matrix[2][1]   0.00381253 
_atom_sites.fract_transf_matrix[2][2]   -0.00920540 
_atom_sites.fract_transf_matrix[2][3]   -0.00696897 
_atom_sites.fract_transf_matrix[3][1]   -0.00670018 
_atom_sites.fract_transf_matrix[3][2]   -0.02257858 
_atom_sites.fract_transf_matrix[3][3]   0.02615884 
_atom_sites.fract_transf_vector[1]      0.093974 
_atom_sites.fract_transf_vector[2]      -0.005258 
_atom_sites.fract_transf_vector[3]      0.077336 
# 
loop_
_atom_type.symbol 
C 
N 
O 
S 
# 
loop_
_atom_site.group_PDB 
_atom_site.id 
_atom_site.type_symbol 
_atom_site.label_atom_id 
_atom_site.label_alt_id 
_atom_site.label_comp_id 
_atom_site.label_asym_id 
_atom_site.label_entity_id 
_atom_site.label_seq_id 
_atom_site.pdbx_PDB_ins_code 
_atom_site.Cartn_x 
_atom_site.Cartn_y 
_atom_site.Cartn_z 
_atom_site.occupancy 
_atom_site.B_iso_or_equiv 
_atom_site.pdbx_formal_charge 
_atom_site.auth_seq_id 
_atom_site.auth_comp_id 
_atom_site.auth_asym_id 
_atom_site.auth_atom_id 
_atom_site.pdbx_PDB_model_num 
ATOM   1    N N   . ASN A 1 1   ? -10.650 -14.488 -12.894 1.00 20.41 ? 24  ASN A N   1 
ATOM   2    C CA  . ASN A 1 1   ? -9.428  -14.497 -12.044 1.00 19.82 ? 24  ASN A CA  1 
ATOM   3    C C   . ASN A 1 1   ? -8.830  -13.085 -12.057 1.00 18.75 ? 24  ASN A C   1 
ATOM   4    O O   . ASN A 1 1   ? -8.128  -12.692 -13.006 1.00 17.50 ? 24  ASN A O   1 
ATOM   5    C CB  . ASN A 1 1   ? -8.433  -15.545 -12.560 1.00 20.88 ? 24  ASN A CB  1 
ATOM   6    C CG  . ASN A 1 1   ? -7.311  -15.837 -11.577 1.00 22.44 ? 24  ASN A CG  1 
ATOM   7    O OD1 . ASN A 1 1   ? -7.151  -15.149 -10.557 1.00 26.75 ? 24  ASN A OD1 1 
ATOM   8    N ND2 . ASN A 1 1   ? -6.521  -16.867 -11.882 1.00 22.37 ? 24  ASN A ND2 1 
ATOM   9    N N   . GLN A 1 2   ? -9.180  -12.313 -11.025 1.00 16.57 ? 25  GLN A N   1 
ATOM   10   C CA  . GLN A 1 2   ? -8.959  -10.860 -11.043 1.00 15.56 ? 25  GLN A CA  1 
ATOM   11   C C   . GLN A 1 2   ? -8.617  -10.319 -9.670  1.00 13.52 ? 25  GLN A C   1 
ATOM   12   O O   . GLN A 1 2   ? -9.175  -10.742 -8.670  1.00 14.41 ? 25  GLN A O   1 
ATOM   13   C CB  . GLN A 1 2   ? -10.198 -10.144 -11.584 1.00 16.14 ? 25  GLN A CB  1 
ATOM   14   C CG  . GLN A 1 2   ? -9.892  -8.814  -12.265 1.00 22.44 ? 25  GLN A CG  1 
ATOM   15   C CD  . GLN A 1 2   ? -10.652 -8.590  -13.583 1.00 28.32 ? 25  GLN A CD  1 
ATOM   16   O OE1 . GLN A 1 2   ? -11.609 -9.304  -13.907 1.00 32.38 ? 25  GLN A OE1 1 
ATOM   17   N NE2 . GLN A 1 2   ? -10.232 -7.576  -14.338 1.00 29.30 ? 25  GLN A NE2 1 
ATOM   18   N N   . ILE A 1 3   ? -7.680  -9.374  -9.637  1.00 10.24 ? 26  ILE A N   1 
ATOM   19   C CA  . ILE A 1 3   ? -7.334  -8.687  -8.404  1.00 9.15  ? 26  ILE A CA  1 
ATOM   20   C C   . ILE A 1 3   ? -7.330  -7.208  -8.715  1.00 8.36  ? 26  ILE A C   1 
ATOM   21   O O   . ILE A 1 3   ? -6.745  -6.800  -9.717  1.00 9.73  ? 26  ILE A O   1 
ATOM   22   C CB  . ILE A 1 3   ? -5.933  -9.094  -7.975  1.00 7.27  ? 26  ILE A CB  1 
ATOM   23   C CG1 . ILE A 1 3   ? -5.935  -10.578 -7.573  1.00 9.73  ? 26  ILE A CG1 1 
ATOM   24   C CG2 . ILE A 1 3   ? -5.405  -8.164  -6.851  1.00 11.29 ? 26  ILE A CG2 1 
ATOM   25   C CD1 . ILE A 1 3   ? -4.591  -11.135 -7.127  1.00 14.66 ? 26  ILE A CD1 1 
ATOM   26   N N   . ASP A 1 4   ? -8.016  -6.413  -7.910  1.00 8.41  ? 27  ASP A N   1 
ATOM   27   C CA  . ASP A 1 4   ? -7.915  -4.937  -7.996  1.00 8.52  ? 27  ASP A CA  1 
ATOM   28   C C   . ASP A 1 4   ? -6.986  -4.445  -6.906  1.00 7.84  ? 27  ASP A C   1 
ATOM   29   O O   . ASP A 1 4   ? -7.063  -4.933  -5.788  1.00 8.42  ? 27  ASP A O   1 
ATOM   30   C CB  . ASP A 1 4   ? -9.277  -4.278  -7.790  1.00 10.23 ? 27  ASP A CB  1 
ATOM   31   C CG  . ASP A 1 4   ? -10.178 -4.405  -9.027  1.00 17.22 ? 27  ASP A CG  1 
ATOM   32   O OD1 . ASP A 1 4   ? -9.761  -5.091  -9.988  1.00 23.90 ? 27  ASP A OD1 1 
ATOM   33   O OD2 . ASP A 1 4   ? -11.297 -3.848  -9.028  1.00 25.74 ? 27  ASP A OD2 1 
ATOM   34   N N   . LEU A 1 5   ? -6.113  -3.507  -7.255  1.00 6.41  ? 28  LEU A N   1 
ATOM   35   C CA  . LEU A 1 5   ? -5.215  -2.888  -6.291  1.00 5.22  ? 28  LEU A CA  1 
ATOM   36   C C   . LEU A 1 5   ? -5.471  -1.409  -6.262  1.00 5.22  ? 28  LEU A C   1 
ATOM   37   O O   . LEU A 1 5   ? -5.144  -0.699  -7.211  1.00 6.40  ? 28  LEU A O   1 
ATOM   38   C CB  . LEU A 1 5   ? -3.763  -3.158  -6.694  1.00 5.44  ? 28  LEU A CB  1 
ATOM   39   C CG  . LEU A 1 5   ? -3.383  -4.630  -6.751  1.00 5.71  ? 28  LEU A CG  1 
ATOM   40   C CD1 . LEU A 1 5   ? -1.982  -4.797  -7.374  1.00 7.32  ? 28  LEU A CD1 1 
ATOM   41   C CD2 . LEU A 1 5   ? -3.416  -5.271  -5.364  1.00 5.67  ? 28  LEU A CD2 1 
ATOM   42   N N   . ASN A 1 6   ? -6.057  -0.937  -5.163  1.00 2.57  ? 29  ASN A N   1 
ATOM   43   C CA  . ASN A 1 6   ? -6.360  0.488   -5.024  1.00 4.34  ? 29  ASN A CA  1 
ATOM   44   C C   . ASN A 1 6   ? -5.158  1.191   -4.464  1.00 4.58  ? 29  ASN A C   1 
ATOM   45   O O   . ASN A 1 6   ? -4.710  0.856   -3.364  1.00 5.31  ? 29  ASN A O   1 
ATOM   46   C CB  . ASN A 1 6   ? -7.518  0.736   -4.060  1.00 4.17  ? 29  ASN A CB  1 
ATOM   47   C CG  . ASN A 1 6   ? -8.823  0.059   -4.483  1.00 7.32  ? 29  ASN A CG  1 
ATOM   48   O OD1 . ASN A 1 6   ? -9.044  -0.213  -5.662  1.00 9.56  ? 29  ASN A OD1 1 
ATOM   49   N ND2 . ASN A 1 6   ? -9.681  -0.244  -3.503  1.00 11.16 ? 29  ASN A ND2 1 
ATOM   50   N N   . VAL A 1 7   ? -4.640  2.161   -5.178  1.00 4.23  ? 30  VAL A N   1 
ATOM   51   C CA  . VAL A 1 7   ? -3.392  2.810   -4.767  1.00 4.08  ? 30  VAL A CA  1 
ATOM   52   C C   . VAL A 1 7   ? -3.596  4.305   -4.519  1.00 5.42  ? 30  VAL A C   1 
ATOM   53   O O   . VAL A 1 7   ? -4.455  4.966   -5.129  1.00 6.13  ? 30  VAL A O   1 
ATOM   54   C CB  . VAL A 1 7   ? -2.269  2.618   -5.801  1.00 3.87  ? 30  VAL A CB  1 
ATOM   55   C CG1 . VAL A 1 7   ? -2.036  1.132   -6.036  1.00 6.40  ? 30  VAL A CG1 1 
ATOM   56   C CG2 . VAL A 1 7   ? -2.615  3.282   -7.111  1.00 5.14  ? 30  VAL A CG2 1 
ATOM   57   N N   . THR A 1 8   ? -2.789  4.841   -3.631  1.00 4.04  ? 31  THR A N   1 
ATOM   58   C CA  . THR A 1 8   ? -2.792  6.272   -3.323  1.00 4.01  ? 31  THR A CA  1 
ATOM   59   C C   . THR A 1 8   ? -1.671  7.069   -4.010  1.00 3.47  ? 31  THR A C   1 
ATOM   60   O O   . THR A 1 8   ? -0.754  6.515   -4.605  1.00 3.90  ? 31  THR A O   1 
ATOM   61   C CB  . THR A 1 8   ? -2.659  6.512   -1.799  1.00 4.02  ? 31  THR A CB  1 
ATOM   62   O OG1 . THR A 1 8   ? -1.344  6.138   -1.366  1.00 3.69  ? 31  THR A OG1 1 
ATOM   63   C CG2 . THR A 1 8   ? -3.679  5.695   -1.036  1.00 4.01  ? 31  THR A CG2 1 
ATOM   64   N N   . CYS A 1 9   ? -1.770  8.382   -3.900  1.00 3.65  ? 32  CYS A N   1 
ATOM   65   C CA  . CYS A 1 9   ? -0.614  9.286   -4.126  1.00 4.56  ? 32  CYS A CA  1 
ATOM   66   C C   . CYS A 1 9   ? 0.584   8.811   -3.338  1.00 4.12  ? 32  CYS A C   1 
ATOM   67   O O   . CYS A 1 9   ? 0.421   8.176   -2.274  1.00 4.33  ? 32  CYS A O   1 
ATOM   68   C CB  . CYS A 1 9   ? -0.930  10.672  -3.580  1.00 4.34  ? 32  CYS A CB  1 
ATOM   69   S SG  . CYS A 1 9   ? -2.380  11.476  -4.336  1.00 12.21 ? 32  CYS A SG  1 
ATOM   70   N N   . ARG A 1 10  ? 1.772   9.145   -3.822  1.00 3.65  ? 33  ARG A N   1 
ATOM   71   C CA  . ARG A 1 10  ? 3.012   8.865   -3.106  1.00 3.24  ? 33  ARG A CA  1 
ATOM   72   C C   . ARG A 1 10  ? 3.403   10.107  -2.355  1.00 3.73  ? 33  ARG A C   1 
ATOM   73   O O   . ARG A 1 10  ? 3.247   11.248  -2.857  1.00 4.96  ? 33  ARG A O   1 
ATOM   74   C CB  . ARG A 1 10  ? 4.137   8.475   -4.075  1.00 3.86  ? 33  ARG A CB  1 
ATOM   75   C CG  . ARG A 1 10  ? 4.136   6.993   -4.466  1.00 3.98  ? 33  ARG A CG  1 
ATOM   76   C CD  . ARG A 1 10  ? 2.939   6.621   -5.345  1.00 5.09  ? 33  ARG A CD  1 
ATOM   77   N NE  . ARG A 1 10  ? 3.028   7.348   -6.610  1.00 3.40  ? 33  ARG A NE  1 
ATOM   78   C CZ  . ARG A 1 10  ? 1.987   7.801   -7.301  1.00 6.93  ? 33  ARG A CZ  1 
ATOM   79   N NH1 . ARG A 1 10  ? 0.732   7.614   -6.870  1.00 4.85  ? 33  ARG A NH1 1 
ATOM   80   N NH2 . ARG A 1 10  ? 2.220   8.447   -8.447  1.00 8.25  ? 33  ARG A NH2 1 
ATOM   81   N N   . TYR A 1 11  ? 3.929   9.904   -1.149  1.00 2.76  ? 34  TYR A N   1 
ATOM   82   C CA  . TYR A 1 11  ? 4.494   11.013  -0.373  1.00 4.12  ? 34  TYR A CA  1 
ATOM   83   C C   . TYR A 1 11  ? 5.875   10.602  0.049   1.00 2.97  ? 34  TYR A C   1 
ATOM   84   O O   . TYR A 1 11  ? 6.031   9.627   0.762   1.00 3.64  ? 34  TYR A O   1 
ATOM   85   C CB  . TYR A 1 11  ? 3.632   11.290  0.863   1.00 4.58  ? 34  TYR A CB  1 
ATOM   86   C CG  . TYR A 1 11  ? 2.293   11.803  0.518   1.00 7.71  ? 34  TYR A CG  1 
ATOM   87   C CD1 . TYR A 1 11  ? 2.040   13.165  0.536   1.00 10.30 ? 34  TYR A CD1 1 
ATOM   88   C CD2 . TYR A 1 11  ? 1.276   10.927  0.167   1.00 11.21 ? 34  TYR A CD2 1 
ATOM   89   C CE1 . TYR A 1 11  ? 0.785   13.645  0.242   1.00 13.62 ? 34  TYR A CE1 1 
ATOM   90   C CE2 . TYR A 1 11  ? 0.013   11.402  -0.152  1.00 13.61 ? 34  TYR A CE2 1 
ATOM   91   C CZ  . TYR A 1 11  ? -0.204  12.765  -0.122  1.00 13.39 ? 34  TYR A CZ  1 
ATOM   92   O OH  . TYR A 1 11  ? -1.452  13.282  -0.429  1.00 19.70 ? 34  TYR A OH  1 
ATOM   93   N N   . ALA A 1 12  ? 6.885   11.311  -0.451  1.00 2.99  ? 35  ALA A N   1 
ATOM   94   C CA  . ALA A 1 12  ? 8.247   10.855  -0.242  1.00 2.11  ? 35  ALA A CA  1 
ATOM   95   C C   . ALA A 1 12  ? 8.401   9.370   -0.559  1.00 2.00  ? 35  ALA A C   1 
ATOM   96   O O   . ALA A 1 12  ? 9.105   8.622   0.142   1.00 2.30  ? 35  ALA A O   1 
ATOM   97   C CB  . ALA A 1 12  ? 8.712   11.198  1.212   1.00 3.38  ? 35  ALA A CB  1 
ATOM   98   N N   . GLY A 1 13  ? 7.760   8.943   -1.648  1.00 2.00  ? 36  GLY A N   1 
ATOM   99   C CA  . GLY A 1 13  ? 7.889   7.563   -2.111  1.00 2.69  ? 36  GLY A CA  1 
ATOM   100  C C   . GLY A 1 13  ? 6.942   6.561   -1.486  1.00 2.15  ? 36  GLY A C   1 
ATOM   101  O O   . GLY A 1 13  ? 6.859   5.452   -1.973  1.00 2.90  ? 36  GLY A O   1 
ATOM   102  N N   . VAL A 1 14  ? 6.258   6.933   -0.413  1.00 2.33  ? 37  VAL A N   1 
ATOM   103  C CA  . VAL A 1 14  ? 5.412   6.003   0.308   1.00 2.00  ? 37  VAL A CA  1 
ATOM   104  C C   . VAL A 1 14  ? 3.965   6.113   -0.190  1.00 2.17  ? 37  VAL A C   1 
ATOM   105  O O   . VAL A 1 14  ? 3.423   7.202   -0.345  1.00 2.36  ? 37  VAL A O   1 
ATOM   106  C CB  . VAL A 1 14  ? 5.460   6.295   1.818   1.00 3.73  ? 37  VAL A CB  1 
ATOM   107  C CG1 . VAL A 1 14  ? 4.564   5.350   2.622   1.00 3.18  ? 37  VAL A CG1 1 
ATOM   108  C CG2 . VAL A 1 14  ? 6.937   6.219   2.322   1.00 3.17  ? 37  VAL A CG2 1 
ATOM   109  N N   . PHE A 1 15  ? 3.368   4.951   -0.444  1.00 2.75  ? 38  PHE A N   1 
ATOM   110  C CA  . PHE A 1 15  ? 1.956   4.918   -0.798  1.00 2.42  ? 38  PHE A CA  1 
ATOM   111  C C   . PHE A 1 15  ? 1.259   3.761   -0.148  1.00 2.60  ? 38  PHE A C   1 
ATOM   112  O O   . PHE A 1 15  ? 1.882   2.865   0.458   1.00 2.21  ? 38  PHE A O   1 
ATOM   113  C CB  . PHE A 1 15  ? 1.749   4.888   -2.327  1.00 2.49  ? 38  PHE A CB  1 
ATOM   114  C CG  . PHE A 1 15  ? 2.418   3.730   -3.038  1.00 4.12  ? 38  PHE A CG  1 
ATOM   115  C CD1 . PHE A 1 15  ? 1.633   2.724   -3.614  1.00 6.26  ? 38  PHE A CD1 1 
ATOM   116  C CD2 . PHE A 1 15  ? 3.825   3.637   -3.159  1.00 3.64  ? 38  PHE A CD2 1 
ATOM   117  C CE1 . PHE A 1 15  ? 2.209   1.692   -4.306  1.00 5.81  ? 38  PHE A CE1 1 
ATOM   118  C CE2 . PHE A 1 15  ? 4.396   2.580   -3.865  1.00 6.44  ? 38  PHE A CE2 1 
ATOM   119  C CZ  . PHE A 1 15  ? 3.590   1.611   -4.426  1.00 6.64  ? 38  PHE A CZ  1 
ATOM   120  N N   . HIS A 1 16  ? -0.061  3.768   -0.257  1.00 2.16  ? 39  HIS A N   1 
ATOM   121  C CA  . HIS A 1 16  ? -0.921  2.761   0.372   1.00 2.53  ? 39  HIS A CA  1 
ATOM   122  C C   . HIS A 1 16  ? -1.577  1.921   -0.727  1.00 2.33  ? 39  HIS A C   1 
ATOM   123  O O   . HIS A 1 16  ? -1.984  2.479   -1.759  1.00 2.68  ? 39  HIS A O   1 
ATOM   124  C CB  . HIS A 1 16  ? -1.994  3.510   1.212   1.00 2.44  ? 39  HIS A CB  1 
ATOM   125  C CG  . HIS A 1 16  ? -3.106  2.660   1.717   1.00 6.15  ? 39  HIS A CG  1 
ATOM   126  N ND1 . HIS A 1 16  ? -4.416  2.832   1.309   1.00 12.16 ? 39  HIS A ND1 1 
ATOM   127  C CD2 . HIS A 1 16  ? -3.114  1.655   2.617   1.00 6.79  ? 39  HIS A CD2 1 
ATOM   128  C CE1 . HIS A 1 16  ? -5.184  1.969   1.954   1.00 8.33  ? 39  HIS A CE1 1 
ATOM   129  N NE2 . HIS A 1 16  ? -4.416  1.229   2.738   1.00 6.16  ? 39  HIS A NE2 1 
ATOM   130  N N   . VAL A 1 17  ? -1.681  0.606   -0.507  1.00 2.11  ? 40  VAL A N   1 
ATOM   131  C CA  . VAL A 1 17  ? -2.292  -0.319  -1.456  1.00 2.92  ? 40  VAL A CA  1 
ATOM   132  C C   . VAL A 1 17  ? -3.345  -1.127  -0.674  1.00 2.95  ? 40  VAL A C   1 
ATOM   133  O O   . VAL A 1 17  ? -3.045  -1.759  0.355   1.00 4.42  ? 40  VAL A O   1 
ATOM   134  C CB  . VAL A 1 17  ? -1.242  -1.270  -2.109  1.00 3.81  ? 40  VAL A CB  1 
ATOM   135  C CG1 . VAL A 1 17  ? -1.942  -2.180  -3.203  1.00 5.15  ? 40  VAL A CG1 1 
ATOM   136  C CG2 . VAL A 1 17  ? -0.098  -0.484  -2.678  1.00 6.16  ? 40  VAL A CG2 1 
ATOM   137  N N   . GLU A 1 18  ? -4.576  -1.147  -1.199  1.00 2.64  ? 41  GLU A N   1 
ATOM   138  C CA  . GLU A 1 18  ? -5.654  -2.024  -0.685  1.00 5.36  ? 41  GLU A CA  1 
ATOM   139  C C   . GLU A 1 18  ? -5.970  -3.038  -1.743  1.00 5.67  ? 41  GLU A C   1 
ATOM   140  O O   . GLU A 1 18  ? -6.167  -2.662  -2.907  1.00 7.02  ? 41  GLU A O   1 
ATOM   141  C CB  . GLU A 1 18  ? -6.962  -1.268  -0.461  1.00 6.27  ? 41  GLU A CB  1 
ATOM   142  C CG  . GLU A 1 18  ? -6.928  0.002   0.278   1.00 11.79 ? 41  GLU A CG  1 
ATOM   143  C CD  . GLU A 1 18  ? -8.315  0.661   0.324   1.00 18.20 ? 41  GLU A CD  1 
ATOM   144  O OE1 . GLU A 1 18  ? -9.228  0.291   -0.487  1.00 20.64 ? 41  GLU A OE1 1 
ATOM   145  O OE2 . GLU A 1 18  ? -8.469  1.561   1.170   1.00 19.42 ? 41  GLU A OE2 1 
ATOM   146  N N   . LYS A 1 19  ? -6.074  -4.307  -1.369  1.00 5.82  ? 42  LYS A N   1 
ATOM   147  C CA  . LYS A 1 19  ? -6.412  -5.351  -2.344  1.00 7.41  ? 42  LYS A CA  1 
ATOM   148  C C   . LYS A 1 19  ? -7.919  -5.574  -2.335  1.00 7.88  ? 42  LYS A C   1 
ATOM   149  O O   . LYS A 1 19  ? -8.517  -5.872  -1.297  1.00 7.83  ? 42  LYS A O   1 
ATOM   150  C CB  . LYS A 1 19  ? -5.672  -6.639  -2.006  1.00 7.78  ? 42  LYS A CB  1 
ATOM   151  C CG  . LYS A 1 19  ? -6.030  -7.802  -2.921  1.00 9.59  ? 42  LYS A CG  1 
ATOM   152  C CD  . LYS A 1 19  ? -5.319  -9.041  -2.434  1.00 13.61 ? 42  LYS A CD  1 
ATOM   153  C CE  . LYS A 1 19  ? -5.638  -10.230 -3.300  1.00 17.78 ? 42  LYS A CE  1 
ATOM   154  N NZ  . LYS A 1 19  ? -5.045  -11.440 -2.646  1.00 20.02 ? 42  LYS A NZ  1 
ATOM   155  N N   . ASN A 1 20  ? -8.550  -5.392  -3.492  1.00 9.00  ? 43  ASN A N   1 
ATOM   156  C CA  . ASN A 1 20  ? -10.010 -5.552  -3.609  1.00 10.76 ? 43  ASN A CA  1 
ATOM   157  C C   . ASN A 1 20  ? -10.843 -4.716  -2.622  1.00 11.91 ? 43  ASN A C   1 
ATOM   158  O O   . ASN A 1 20  ? -11.968 -5.083  -2.286  1.00 14.63 ? 43  ASN A O   1 
ATOM   159  C CB  . ASN A 1 20  ? -10.360 -7.045  -3.527  1.00 10.40 ? 43  ASN A CB  1 
ATOM   160  C CG  . ASN A 1 20  ? -9.771  -7.852  -4.681  1.00 10.39 ? 43  ASN A CG  1 
ATOM   161  O OD1 . ASN A 1 20  ? -9.785  -7.402  -5.829  1.00 10.93 ? 43  ASN A OD1 1 
ATOM   162  N ND2 . ASN A 1 20  ? -9.288  -9.052  -4.382  1.00 13.75 ? 43  ASN A ND2 1 
ATOM   163  N N   . GLY A 1 21  ? -10.270 -3.605  -2.178  1.00 11.59 ? 44  GLY A N   1 
ATOM   164  C CA  . GLY A 1 21  ? -10.915 -2.631  -1.298  1.00 11.44 ? 44  GLY A CA  1 
ATOM   165  C C   . GLY A 1 21  ? -11.313 -3.161  0.075   1.00 10.31 ? 44  GLY A C   1 
ATOM   166  O O   . GLY A 1 21  ? -12.164 -2.565  0.742   1.00 10.56 ? 44  GLY A O   1 
ATOM   167  N N   . ARG A 1 22  ? -10.723 -4.277  0.486   1.00 9.96  ? 45  ARG A N   1 
ATOM   168  C CA  . ARG A 1 22  ? -11.020 -4.827  1.792   1.00 10.49 ? 45  ARG A CA  1 
ATOM   169  C C   . ARG A 1 22  ? -9.708  -5.312  2.421   1.00 9.16  ? 45  ARG A C   1 
ATOM   170  O O   . ARG A 1 22  ? -8.742  -5.603  1.714   1.00 8.37  ? 45  ARG A O   1 
ATOM   171  C CB  . ARG A 1 22  ? -12.033 -5.964  1.672   1.00 11.69 ? 45  ARG A CB  1 
ATOM   172  C CG  . ARG A 1 22  ? -11.523 -7.211  0.993   1.00 15.89 ? 45  ARG A CG  1 
ATOM   173  C CD  . ARG A 1 22  ? -12.683 -8.189  0.740   1.00 23.19 ? 45  ARG A CD  1 
ATOM   174  N NE  . ARG A 1 22  ? -12.282 -9.295  -0.144  1.00 28.98 ? 45  ARG A NE  1 
ATOM   175  C CZ  . ARG A 1 22  ? -12.666 -9.453  -1.414  1.00 30.85 ? 45  ARG A CZ  1 
ATOM   176  N NH1 . ARG A 1 22  ? -13.479 -8.578  -2.003  1.00 32.48 ? 45  ARG A NH1 1 
ATOM   177  N NH2 . ARG A 1 22  ? -12.239 -10.504 -2.109  1.00 32.81 ? 45  ARG A NH2 1 
ATOM   178  N N   . TYR A 1 23  ? -9.667  -5.374  3.746   1.00 6.68  ? 46  TYR A N   1 
ATOM   179  C CA  . TYR A 1 23  ? -8.472  -5.881  4.391   1.00 5.81  ? 46  TYR A CA  1 
ATOM   180  C C   . TYR A 1 23  ? -8.275  -7.337  4.012   1.00 6.62  ? 46  TYR A C   1 
ATOM   181  O O   . TYR A 1 23  ? -9.101  -8.205  4.389   1.00 8.67  ? 46  TYR A O   1 
ATOM   182  C CB  . TYR A 1 23  ? -8.612  -5.743  5.910   1.00 4.17  ? 46  TYR A CB  1 
ATOM   183  C CG  . TYR A 1 23  ? -8.543  -4.344  6.454   1.00 4.85  ? 46  TYR A CG  1 
ATOM   184  C CD1 . TYR A 1 23  ? -7.448  -3.518  6.210   1.00 4.50  ? 46  TYR A CD1 1 
ATOM   185  C CD2 . TYR A 1 23  ? -9.562  -3.862  7.281   1.00 6.23  ? 46  TYR A CD2 1 
ATOM   186  C CE1 . TYR A 1 23  ? -7.391  -2.241  6.736   1.00 4.23  ? 46  TYR A CE1 1 
ATOM   187  C CE2 . TYR A 1 23  ? -9.512  -2.604  7.830   1.00 4.49  ? 46  TYR A CE2 1 
ATOM   188  C CZ  . TYR A 1 23  ? -8.386  -1.800  7.562   1.00 5.19  ? 46  TYR A CZ  1 
ATOM   189  O OH  . TYR A 1 23  ? -8.321  -0.536  8.091   1.00 4.87  ? 46  TYR A OH  1 
ATOM   190  N N   . SER A 1 24  ? -7.202  -7.624  3.279   1.00 5.76  ? 47  SER A N   1 
ATOM   191  C CA  . SER A 1 24  ? -7.080  -8.971  2.698   1.00 5.58  ? 47  SER A CA  1 
ATOM   192  C C   . SER A 1 24  ? -5.686  -9.392  2.324   1.00 6.01  ? 47  SER A C   1 
ATOM   193  O O   . SER A 1 24  ? -5.532  -10.404 1.640   1.00 5.49  ? 47  SER A O   1 
ATOM   194  C CB  . SER A 1 24  ? -8.023  -9.108  1.495   1.00 6.64  ? 47  SER A CB  1 
ATOM   195  O OG  . SER A 1 24  ? -7.664  -8.197  0.490   1.00 9.31  ? 47  SER A OG  1 
ATOM   196  N N   . ILE A 1 25  ? -4.688  -8.634  2.797   1.00 5.60  ? 48  ILE A N   1 
ATOM   197  C CA  . ILE A 1 25  ? -3.282  -8.908  2.517   1.00 5.51  ? 48  ILE A CA  1 
ATOM   198  C C   . ILE A 1 25  ? -2.573  -9.437  3.755   1.00 4.88  ? 48  ILE A C   1 
ATOM   199  O O   . ILE A 1 25  ? -2.631  -8.837  4.791   1.00 5.83  ? 48  ILE A O   1 
ATOM   200  C CB  . ILE A 1 25  ? -2.548  -7.630  2.053   1.00 4.75  ? 48  ILE A CB  1 
ATOM   201  C CG1 . ILE A 1 25  ? -3.266  -7.013  0.829   1.00 4.30  ? 48  ILE A CG1 1 
ATOM   202  C CG2 . ILE A 1 25  ? -1.122  -7.976  1.636   1.00 7.44  ? 48  ILE A CG2 1 
ATOM   203  C CD1 . ILE A 1 25  ? -2.736  -5.617  0.432   1.00 3.87  ? 48  ILE A CD1 1 
ATOM   204  N N   . SER A 1 26  ? -1.913  -10.580 3.610   1.00 5.41  ? 49  SER A N   1 
ATOM   205  C CA  . SER A 1 26  ? -1.117  -11.184 4.658   1.00 6.35  ? 49  SER A CA  1 
ATOM   206  C C   . SER A 1 26  ? 0.255   -10.553 4.651   1.00 6.79  ? 49  SER A C   1 
ATOM   207  O O   . SER A 1 26  ? 0.633   -9.904  3.701   1.00 5.92  ? 49  SER A O   1 
ATOM   208  C CB  . SER A 1 26  ? -0.960  -12.679 4.386   1.00 7.29  ? 49  SER A CB  1 
ATOM   209  O OG  . SER A 1 26  ? -0.172  -12.913 3.236   1.00 8.97  ? 49  SER A OG  1 
ATOM   210  N N   . ARG A 1 27  ? 1.016   -10.764 5.716   1.00 6.99  ? 50  ARG A N   1 
ATOM   211  C CA  . ARG A 1 27  ? 2.353   -10.183 5.774   1.00 8.02  ? 50  ARG A CA  1 
ATOM   212  C C   . ARG A 1 27  ? 3.256   -10.661 4.623   1.00 8.76  ? 50  ARG A C   1 
ATOM   213  O O   . ARG A 1 27  ? 3.961   -9.835  4.030   1.00 8.76  ? 50  ARG A O   1 
ATOM   214  C CB  . ARG A 1 27  ? 2.964   -10.481 7.146   1.00 9.35  ? 50  ARG A CB  1 
ATOM   215  C CG  . ARG A 1 27  ? 4.399   -10.060 7.319   1.00 12.61 ? 50  ARG A CG  1 
ATOM   216  C CD  . ARG A 1 27  ? 4.574   -8.616  7.202   1.00 16.46 ? 50  ARG A CD  1 
ATOM   217  N NE  . ARG A 1 27  ? 4.391   -7.850  8.435   1.00 21.31 ? 50  ARG A NE  1 
ATOM   218  C CZ  . ARG A 1 27  ? 4.890   -6.623  8.539   1.00 19.53 ? 50  ARG A CZ  1 
ATOM   219  N NH1 . ARG A 1 27  ? 5.565   -6.148  7.509   1.00 20.41 ? 50  ARG A NH1 1 
ATOM   220  N NH2 . ARG A 1 27  ? 4.716   -5.875  9.612   1.00 8.35  ? 50  ARG A NH2 1 
ATOM   221  N N   . THR A 1 28  ? 3.207   -11.948 4.285   1.00 8.78  ? 51  THR A N   1 
ATOM   222  C CA  . THR A 1 28  ? 3.954   -12.449 3.118   1.00 10.01 ? 51  THR A CA  1 
ATOM   223  C C   . THR A 1 28  ? 3.488   -11.860 1.778   1.00 8.69  ? 51  THR A C   1 
ATOM   224  O O   . THR A 1 28  ? 4.315   -11.520 0.917   1.00 9.49  ? 51  THR A O   1 
ATOM   225  C CB  . THR A 1 28  ? 3.963   -13.979 3.015   1.00 10.40 ? 51  THR A CB  1 
ATOM   226  O OG1 . THR A 1 28  ? 2.634   -14.492 3.138   1.00 13.87 ? 51  THR A OG1 1 
ATOM   227  C CG2 . THR A 1 28  ? 4.820   -14.559 4.114   1.00 13.98 ? 51  THR A CG2 1 
ATOM   228  N N   . GLU A 1 29  ? 2.180   -11.753 1.601   1.00 8.83  ? 52  GLU A N   1 
ATOM   229  C CA  . GLU A 1 29  ? 1.661   -11.189 0.374   1.00 7.42  ? 52  GLU A CA  1 
ATOM   230  C C   . GLU A 1 29  ? 2.058   -9.707  0.234   1.00 7.69  ? 52  GLU A C   1 
ATOM   231  O O   . GLU A 1 29  ? 2.296   -9.233  -0.863  1.00 8.03  ? 52  GLU A O   1 
ATOM   232  C CB  . GLU A 1 29  ? 0.137   -11.327 0.293   1.00 7.88  ? 52  GLU A CB  1 
ATOM   233  C CG  . GLU A 1 29  ? -0.407  -10.773 -1.009  1.00 11.22 ? 52  GLU A CG  1 
ATOM   234  C CD  . GLU A 1 29  ? -1.791  -11.298 -1.406  1.00 14.62 ? 52  GLU A CD  1 
ATOM   235  O OE1 . GLU A 1 29  ? -2.281  -12.320 -0.879  1.00 21.11 ? 52  GLU A OE1 1 
ATOM   236  O OE2 . GLU A 1 29  ? -2.390  -10.701 -2.303  1.00 16.53 ? 52  GLU A OE2 1 
ATOM   237  N N   . ALA A 1 30  ? 2.130   -8.998  1.361   1.00 6.98  ? 53  ALA A N   1 
ATOM   238  C CA  . ALA A 1 30  ? 2.506   -7.593  1.399   1.00 6.31  ? 53  ALA A CA  1 
ATOM   239  C C   . ALA A 1 30  ? 3.901   -7.377  0.840   1.00 6.37  ? 53  ALA A C   1 
ATOM   240  O O   . ALA A 1 30  ? 4.105   -6.523  -0.026  1.00 6.38  ? 53  ALA A O   1 
ATOM   241  C CB  . ALA A 1 30  ? 2.388   -7.045  2.816   1.00 6.56  ? 53  ALA A CB  1 
ATOM   242  N N   . ALA A 1 31  ? 4.849   -8.178  1.312   1.00 6.78  ? 54  ALA A N   1 
ATOM   243  C CA  . ALA A 1 31  ? 6.199   -8.082  0.776   1.00 6.98  ? 54  ALA A CA  1 
ATOM   244  C C   . ALA A 1 31  ? 6.221   -8.349  -0.741  1.00 8.36  ? 54  ALA A C   1 
ATOM   245  O O   . ALA A 1 31  ? 6.876   -7.627  -1.476  1.00 9.57  ? 54  ALA A O   1 
ATOM   246  C CB  . ALA A 1 31  ? 7.090   -9.034  1.493   1.00 8.12  ? 54  ALA A CB  1 
ATOM   247  N N   . ASP A 1 32  ? 5.473   -9.360  -1.193  1.00 7.88  ? 55  ASP A N   1 
ATOM   248  C CA  . ASP A 1 32  ? 5.454   -9.709  -2.644  1.00 7.80  ? 55  ASP A CA  1 
ATOM   249  C C   . ASP A 1 32  ? 4.799   -8.611  -3.455  1.00 7.13  ? 55  ASP A C   1 
ATOM   250  O O   . ASP A 1 32  ? 5.211   -8.308  -4.594  1.00 6.67  ? 55  ASP A O   1 
ATOM   251  C CB  . ASP A 1 32  ? 4.716   -11.022 -2.856  1.00 8.98  ? 55  ASP A CB  1 
ATOM   252  C CG  . ASP A 1 32  ? 5.529   -12.225 -2.437  1.00 12.58 ? 55  ASP A CG  1 
ATOM   253  O OD1 . ASP A 1 32  ? 6.734   -12.083 -2.120  1.00 15.68 ? 55  ASP A OD1 1 
ATOM   254  O OD2 . ASP A 1 32  ? 4.924   -13.311 -2.379  1.00 16.48 ? 55  ASP A OD2 1 
ATOM   255  N N   . LEU A 1 33  ? 3.767   -8.012  -2.884  1.00 6.44  ? 56  LEU A N   1 
ATOM   256  C CA  . LEU A 1 33  ? 3.073   -6.961  -3.564  1.00 6.57  ? 56  LEU A CA  1 
ATOM   257  C C   . LEU A 1 33  ? 3.969   -5.734  -3.732  1.00 5.56  ? 56  LEU A C   1 
ATOM   258  O O   . LEU A 1 33  ? 4.054   -5.164  -4.836  1.00 6.20  ? 56  LEU A O   1 
ATOM   259  C CB  . LEU A 1 33  ? 1.806   -6.645  -2.803  1.00 5.78  ? 56  LEU A CB  1 
ATOM   260  C CG  . LEU A 1 33  ? 0.877   -5.637  -3.412  1.00 7.47  ? 56  LEU A CG  1 
ATOM   261  C CD1 . LEU A 1 33  ? 0.630   -6.001  -4.901  1.00 10.19 ? 56  LEU A CD1 1 
ATOM   262  C CD2 . LEU A 1 33  ? -0.433  -5.646  -2.634  1.00 10.50 ? 56  LEU A CD2 1 
ATOM   263  N N   . CYS A 1 34  ? 4.666   -5.319  -2.658  1.00 5.85  ? 57  CYS A N   1 
ATOM   264  C CA  . CYS A 1 34  ? 5.550   -4.179  -2.811  1.00 6.73  ? 57  CYS A CA  1 
ATOM   265  C C   . CYS A 1 34  ? 6.636   -4.477  -3.828  1.00 6.76  ? 57  CYS A C   1 
ATOM   266  O O   . CYS A 1 34  ? 6.927   -3.634  -4.686  1.00 7.35  ? 57  CYS A O   1 
ATOM   267  C CB  . CYS A 1 34  ? 6.144   -3.729  -1.486  1.00 7.93  ? 57  CYS A CB  1 
ATOM   268  S SG  . CYS A 1 34  ? 4.894   -3.028  -0.348  1.00 9.77  ? 57  CYS A SG  1 
ATOM   269  N N   . GLN A 1 35  ? 7.153   -5.714  -3.790  1.00 6.51  ? 58  GLN A N   1 
ATOM   270  C CA  . GLN A 1 35  ? 8.177   -6.109  -4.759  1.00 7.88  ? 58  GLN A CA  1 
ATOM   271  C C   . GLN A 1 35  ? 7.685   -5.965  -6.214  1.00 7.34  ? 58  GLN A C   1 
ATOM   272  O O   . GLN A 1 35  ? 8.439   -5.527  -7.087  1.00 8.42  ? 58  GLN A O   1 
ATOM   273  C CB  . GLN A 1 35  ? 8.714   -7.513  -4.459  1.00 8.45  ? 58  GLN A CB  1 
ATOM   274  C CG  . GLN A 1 35  ? 9.619   -8.113  -5.535  1.00 12.62 ? 58  GLN A CG  1 
ATOM   275  C CD  . GLN A 1 35  ? 10.946  -7.407  -5.730  1.00 18.95 ? 58  GLN A CD  1 
ATOM   276  O OE1 . GLN A 1 35  ? 11.538  -7.486  -6.821  1.00 23.46 ? 58  GLN A OE1 1 
ATOM   277  N NE2 . GLN A 1 35  ? 11.451  -6.739  -4.683  1.00 18.95 ? 58  GLN A NE2 1 
ATOM   278  N N   . ALA A 1 36  ? 6.430   -6.318  -6.455  1.00 6.47  ? 59  ALA A N   1 
ATOM   279  C CA  . ALA A 1 36  ? 5.835   -6.149  -7.792  1.00 6.59  ? 59  ALA A CA  1 
ATOM   280  C C   . ALA A 1 36  ? 5.772   -4.704  -8.281  1.00 6.37  ? 59  ALA A C   1 
ATOM   281  O O   . ALA A 1 36  ? 5.805   -4.426  -9.487  1.00 7.30  ? 59  ALA A O   1 
ATOM   282  C CB  . ALA A 1 36  ? 4.432   -6.781  -7.835  1.00 6.93  ? 59  ALA A CB  1 
ATOM   283  N N   . PHE A 1 37  ? 5.667   -3.775  -7.318  1.00 4.95  ? 60  PHE A N   1 
ATOM   284  C CA  . PHE A 1 37  ? 5.734   -2.342  -7.575  1.00 6.69  ? 60  PHE A CA  1 
ATOM   285  C C   . PHE A 1 37  ? 7.175   -1.798  -7.546  1.00 6.46  ? 60  PHE A C   1 
ATOM   286  O O   . PHE A 1 37  ? 7.395   -0.579  -7.464  1.00 7.67  ? 60  PHE A O   1 
ATOM   287  C CB  . PHE A 1 37  ? 4.912   -1.605  -6.515  1.00 5.98  ? 60  PHE A CB  1 
ATOM   288  C CG  . PHE A 1 37  ? 3.430   -1.617  -6.757  1.00 4.78  ? 60  PHE A CG  1 
ATOM   289  C CD1 . PHE A 1 37  ? 2.884   -0.888  -7.830  1.00 6.33  ? 60  PHE A CD1 1 
ATOM   290  C CD2 . PHE A 1 37  ? 2.557   -2.298  -5.885  1.00 7.74  ? 60  PHE A CD2 1 
ATOM   291  C CE1 . PHE A 1 37  ? 1.495   -0.884  -8.067  1.00 6.57  ? 60  PHE A CE1 1 
ATOM   292  C CE2 . PHE A 1 37  ? 1.149   -2.286  -6.130  1.00 7.31  ? 60  PHE A CE2 1 
ATOM   293  C CZ  . PHE A 1 37  ? 0.636   -1.574  -7.217  1.00 7.75  ? 60  PHE A CZ  1 
ATOM   294  N N   . ASN A 1 38  ? 8.167   -2.689  -7.617  1.00 6.90  ? 61  ASN A N   1 
ATOM   295  C CA  . ASN A 1 38  ? 9.576   -2.312  -7.482  1.00 8.65  ? 61  ASN A CA  1 
ATOM   296  C C   . ASN A 1 38  ? 9.774   -1.451  -6.253  1.00 7.75  ? 61  ASN A C   1 
ATOM   297  O O   . ASN A 1 38  ? 10.501  -0.462  -6.258  1.00 9.31  ? 61  ASN A O   1 
ATOM   298  C CB  . ASN A 1 38  ? 10.069  -1.566  -8.716  1.00 8.53  ? 61  ASN A CB  1 
ATOM   299  C CG  . ASN A 1 38  ? 11.582  -1.485  -8.754  1.00 14.01 ? 61  ASN A CG  1 
ATOM   300  O OD1 . ASN A 1 38  ? 12.285  -2.457  -8.407  1.00 20.62 ? 61  ASN A OD1 1 
ATOM   301  N ND2 . ASN A 1 38  ? 12.096  -0.326  -9.156  1.00 17.08 ? 61  ASN A ND2 1 
ATOM   302  N N   . SER A 1 39  ? 9.120   -1.876  -5.187  1.00 6.67  ? 62  SER A N   1 
ATOM   303  C CA  . SER A 1 39  ? 9.111   -1.139  -3.931  1.00 6.45  ? 62  SER A CA  1 
ATOM   304  C C   . SER A 1 39  ? 9.404   -2.079  -2.757  1.00 6.12  ? 62  SER A C   1 
ATOM   305  O O   . SER A 1 39  ? 9.496   -3.312  -2.911  1.00 7.71  ? 62  SER A O   1 
ATOM   306  C CB  . SER A 1 39  ? 7.719   -0.499  -3.797  1.00 6.03  ? 62  SER A CB  1 
ATOM   307  O OG  . SER A 1 39  ? 7.500   0.444   -4.797  1.00 8.58  ? 62  SER A OG  1 
ATOM   308  N N   . THR A 1 40  ? 9.544   -1.505  -1.574  1.00 5.72  ? 63  THR A N   1 
ATOM   309  C CA  . THR A 1 40  ? 9.757   -2.287  -0.375  1.00 6.03  ? 63  THR A CA  1 
ATOM   310  C C   . THR A 1 40  ? 8.771   -1.833  0.700   1.00 4.41  ? 63  THR A C   1 
ATOM   311  O O   . THR A 1 40  ? 8.172   -0.758  0.604   1.00 5.46  ? 63  THR A O   1 
ATOM   312  C CB  . THR A 1 40  ? 11.153  -2.057  0.187   1.00 7.16  ? 63  THR A CB  1 
ATOM   313  O OG1 . THR A 1 40  ? 11.423  -0.665  0.214   1.00 9.35  ? 63  THR A OG1 1 
ATOM   314  C CG2 . THR A 1 40  ? 12.203  -2.773  -0.669  1.00 10.25 ? 63  THR A CG2 1 
ATOM   315  N N   . LEU A 1 41  ? 8.584   -2.643  1.728   1.00 4.30  ? 64  LEU A N   1 
ATOM   316  C CA  . LEU A 1 41  ? 7.786   -2.170  2.859   1.00 3.84  ? 64  LEU A CA  1 
ATOM   317  C C   . LEU A 1 41  ? 8.524   -1.022  3.525   1.00 3.80  ? 64  LEU A C   1 
ATOM   318  O O   . LEU A 1 41  ? 9.738   -1.132  3.749   1.00 5.67  ? 64  LEU A O   1 
ATOM   319  C CB  . LEU A 1 41  ? 7.565   -3.299  3.851   1.00 4.21  ? 64  LEU A CB  1 
ATOM   320  C CG  . LEU A 1 41  ? 6.437   -4.278  3.527   1.00 8.18  ? 64  LEU A CG  1 
ATOM   321  C CD1 . LEU A 1 41  ? 5.124   -3.593  3.331   1.00 11.73 ? 64  LEU A CD1 1 
ATOM   322  C CD2 . LEU A 1 41  ? 6.771   -5.082  2.376   1.00 13.37 ? 64  LEU A CD2 1 
ATOM   323  N N   . PRO A 1 42  ? 7.808   0.082   3.840   1.00 4.12  ? 65  PRO A N   1 
ATOM   324  C CA  . PRO A 1 42  ? 8.561   1.216   4.359   1.00 4.42  ? 65  PRO A CA  1 
ATOM   325  C C   . PRO A 1 42  ? 9.100   0.972   5.758   1.00 4.59  ? 65  PRO A C   1 
ATOM   326  O O   . PRO A 1 42  ? 8.509   0.232   6.553   1.00 4.73  ? 65  PRO A O   1 
ATOM   327  C CB  . PRO A 1 42  ? 7.513   2.340   4.429   1.00 4.77  ? 65  PRO A CB  1 
ATOM   328  C CG  . PRO A 1 42  ? 6.365   1.898   3.569   1.00 5.09  ? 65  PRO A CG  1 
ATOM   329  C CD  . PRO A 1 42  ? 6.399   0.401   3.554   1.00 4.97  ? 65  PRO A CD  1 
ATOM   330  N N   . THR A 1 43  ? 10.215  1.603   6.072   1.00 3.73  ? 66  THR A N   1 
ATOM   331  C CA  . THR A 1 43  ? 10.612  1.652   7.475   1.00 5.01  ? 66  THR A CA  1 
ATOM   332  C C   . THR A 1 43  ? 9.778   2.706   8.188   1.00 4.63  ? 66  THR A C   1 
ATOM   333  O O   . THR A 1 43  ? 9.137   3.540   7.561   1.00 4.66  ? 66  THR A O   1 
ATOM   334  C CB  . THR A 1 43  ? 12.069  2.033   7.657   1.00 5.00  ? 66  THR A CB  1 
ATOM   335  O OG1 . THR A 1 43  ? 12.254  3.367   7.179   1.00 6.54  ? 66  THR A OG1 1 
ATOM   336  C CG2 . THR A 1 43  ? 12.963  1.078   6.908   1.00 6.83  ? 66  THR A CG2 1 
ATOM   337  N N   . MET A 1 44  ? 9.818   2.677   9.512   1.00 5.35  ? 67  MET A N   1 
ATOM   338  C CA  . MET A 1 44  ? 9.128   3.669   10.290  1.00 4.71  ? 67  MET A CA  1 
ATOM   339  C C   . MET A 1 44  ? 9.694   5.083   9.984   1.00 3.41  ? 67  MET A C   1 
ATOM   340  O O   . MET A 1 44  ? 8.915   6.042   9.880   1.00 4.31  ? 67  MET A O   1 
ATOM   341  C CB  . MET A 1 44  ? 9.190   3.315   11.792  1.00 5.20  ? 67  MET A CB  1 
ATOM   342  C CG  . MET A 1 44  ? 8.553   4.330   12.689  1.00 7.74  ? 67  MET A CG  1 
ATOM   343  S SD  . MET A 1 44  ? 6.791   4.498   12.411  1.00 14.15 ? 67  MET A SD  1 
ATOM   344  C CE  . MET A 1 44  ? 6.162   3.036   13.162  1.00 14.29 ? 67  MET A CE  1 
ATOM   345  N N   . ASP A 1 45  ? 11.010  5.213   9.799   1.00 4.82  ? 68  ASP A N   1 
ATOM   346  C CA  . ASP A 1 45  ? 11.595  6.504   9.464   1.00 5.88  ? 68  ASP A CA  1 
ATOM   347  C C   . ASP A 1 45  ? 11.065  6.983   8.110   1.00 4.95  ? 68  ASP A C   1 
ATOM   348  O O   . ASP A 1 45  ? 10.698  8.147   7.982   1.00 5.24  ? 68  ASP A O   1 
ATOM   349  C CB  . ASP A 1 45  ? 13.125  6.365   9.414   1.00 7.15  ? 68  ASP A CB  1 
ATOM   350  C CG  . ASP A 1 45  ? 13.851  7.700   9.345   1.00 12.51 ? 68  ASP A CG  1 
ATOM   351  O OD1 . ASP A 1 45  ? 14.095  8.175   8.218   1.00 15.47 ? 68  ASP A OD1 1 
ATOM   352  O OD2 . ASP A 1 45  ? 14.266  8.240   10.406  1.00 20.64 ? 68  ASP A OD2 1 
ATOM   353  N N   . GLN A 1 46  ? 11.011  6.093   7.107   1.00 5.27  ? 69  GLN A N   1 
ATOM   354  C CA  . GLN A 1 46  ? 10.414  6.501   5.810   1.00 3.74  ? 69  GLN A CA  1 
ATOM   355  C C   . GLN A 1 46  ? 8.952   6.918   5.924   1.00 3.27  ? 69  GLN A C   1 
ATOM   356  O O   . GLN A 1 46  ? 8.522   7.893   5.291   1.00 3.34  ? 69  GLN A O   1 
ATOM   357  C CB  . GLN A 1 46  ? 10.529  5.360   4.799   1.00 3.38  ? 69  GLN A CB  1 
ATOM   358  C CG  . GLN A 1 46  ? 11.978  5.113   4.410   1.00 4.60  ? 69  GLN A CG  1 
ATOM   359  C CD  . GLN A 1 46  ? 12.206  3.804   3.681   1.00 4.48  ? 69  GLN A CD  1 
ATOM   360  O OE1 . GLN A 1 46  ? 11.449  2.845   3.795   1.00 5.24  ? 69  GLN A OE1 1 
ATOM   361  N NE2 . GLN A 1 46  ? 13.323  3.752   2.942   1.00 8.92  ? 69  GLN A NE2 1 
ATOM   362  N N   . MET A 1 47  ? 8.200   6.208   6.763   1.00 3.52  ? 70  MET A N   1 
ATOM   363  C CA  . MET A 1 47  ? 6.783   6.543   6.968   1.00 3.22  ? 70  MET A CA  1 
ATOM   364  C C   . MET A 1 47  ? 6.608   7.893   7.666   1.00 3.80  ? 70  MET A C   1 
ATOM   365  O O   . MET A 1 47  ? 5.739   8.701   7.307   1.00 2.87  ? 70  MET A O   1 
ATOM   366  C CB  . MET A 1 47  ? 6.091   5.425   7.768   1.00 4.63  ? 70  MET A CB  1 
ATOM   367  C CG  . MET A 1 47  ? 4.646   5.687   8.063   1.00 5.35  ? 70  MET A CG  1 
ATOM   368  S SD  . MET A 1 47  ? 3.561   5.953   6.615   1.00 8.50  ? 70  MET A SD  1 
ATOM   369  C CE  . MET A 1 47  ? 3.063   4.302   6.215   1.00 9.91  ? 70  MET A CE  1 
ATOM   370  N N   . LYS A 1 48  ? 7.481   8.184   8.638   1.00 4.08  ? 71  LYS A N   1 
ATOM   371  C CA  . LYS A 1 48  ? 7.376   9.477   9.324   1.00 4.56  ? 71  LYS A CA  1 
ATOM   372  C C   . LYS A 1 48  ? 7.702   10.659  8.422   1.00 3.46  ? 71  LYS A C   1 
ATOM   373  O O   . LYS A 1 48  ? 7.047   11.682  8.505   1.00 5.70  ? 71  LYS A O   1 
ATOM   374  C CB  . LYS A 1 48  ? 8.275   9.467   10.553  1.00 4.74  ? 71  LYS A CB  1 
ATOM   375  C CG  . LYS A 1 48  ? 7.649   8.669   11.718  1.00 5.54  ? 71  LYS A CG  1 
ATOM   376  C CD  . LYS A 1 48  ? 8.581   8.540   12.900  1.00 12.53 ? 71  LYS A CD  1 
ATOM   377  C CE  . LYS A 1 48  ? 7.882   7.728   14.019  1.00 15.79 ? 71  LYS A CE  1 
ATOM   378  N NZ  . LYS A 1 48  ? 8.786   7.595   15.194  1.00 19.09 ? 71  LYS A NZ  1 
ATOM   379  N N   . LEU A 1 49  ? 8.652   10.490  7.496   1.00 4.08  ? 72  LEU A N   1 
ATOM   380  C CA  . LEU A 1 49  ? 8.936   11.531  6.524   1.00 4.82  ? 72  LEU A CA  1 
ATOM   381  C C   . LEU A 1 49  ? 7.730   11.710  5.571   1.00 3.97  ? 72  LEU A C   1 
ATOM   382  O O   . LEU A 1 49  ? 7.312   12.838  5.261   1.00 4.45  ? 72  LEU A O   1 
ATOM   383  C CB  . LEU A 1 49  ? 10.236  11.228  5.751   1.00 6.06  ? 72  LEU A CB  1 
ATOM   384  C CG  . LEU A 1 49  ? 10.635  12.416  4.856   1.00 9.29  ? 72  LEU A CG  1 
ATOM   385  C CD1 . LEU A 1 49  ? 10.949  13.652  5.721   1.00 10.84 ? 72  LEU A CD1 1 
ATOM   386  C CD2 . LEU A 1 49  ? 11.849  12.083  3.953   1.00 9.63  ? 72  LEU A CD2 1 
ATOM   387  N N   . ALA A 1 50  ? 7.133   10.592  5.171   1.00 2.89  ? 73  ALA A N   1 
ATOM   388  C CA  . ALA A 1 50  ? 5.943   10.688  4.298   1.00 2.24  ? 73  ALA A CA  1 
ATOM   389  C C   . ALA A 1 50  ? 4.839   11.455  5.003   1.00 3.11  ? 73  ALA A C   1 
ATOM   390  O O   . ALA A 1 50  ? 4.193   12.345  4.404   1.00 4.31  ? 73  ALA A O   1 
ATOM   391  C CB  . ALA A 1 50  ? 5.452   9.313   3.909   1.00 2.72  ? 73  ALA A CB  1 
ATOM   392  N N   . LEU A 1 51  ? 4.604   11.102  6.272   1.00 3.26  ? 74  LEU A N   1 
ATOM   393  C CA  . LEU A 1 51  ? 3.618   11.815  7.089   1.00 5.68  ? 74  LEU A CA  1 
ATOM   394  C C   . LEU A 1 51  ? 3.864   13.317  7.103   1.00 6.36  ? 74  LEU A C   1 
ATOM   395  O O   . LEU A 1 51  ? 2.947   14.123  6.878   1.00 7.12  ? 74  LEU A O   1 
ATOM   396  C CB  . LEU A 1 51  ? 3.591   11.236  8.508   1.00 5.61  ? 74  LEU A CB  1 
ATOM   397  C CG  . LEU A 1 51  ? 2.712   11.996  9.514   1.00 9.35  ? 74  LEU A CG  1 
ATOM   398  C CD1 . LEU A 1 51  ? 1.305   11.639  9.247   1.00 13.15 ? 74  LEU A CD1 1 
ATOM   399  C CD2 . LEU A 1 51  ? 3.156   11.587  10.933  1.00 14.66 ? 74  LEU A CD2 1 
ATOM   400  N N   . SER A 1 52  ? 5.124   13.699  7.289   1.00 5.90  ? 75  SER A N   1 
ATOM   401  C CA  . SER A 1 52  ? 5.495   15.119  7.301   1.00 7.65  ? 75  SER A CA  1 
ATOM   402  C C   . SER A 1 52  ? 5.213   15.877  6.008   1.00 8.49  ? 75  SER A C   1 
ATOM   403  O O   . SER A 1 52  ? 5.121   17.124  6.021   1.00 10.23 ? 75  SER A O   1 
ATOM   404  C CB  . SER A 1 52  ? 6.960   15.278  7.726   1.00 7.97  ? 75  SER A CB  1 
ATOM   405  O OG  . SER A 1 52  ? 7.813   15.105  6.619   1.00 10.16 ? 75  SER A OG  1 
ATOM   406  N N   . LYS A 1 53  ? 5.084   15.135  4.902   1.00 7.31  ? 76  LYS A N   1 
ATOM   407  C CA  . LYS A 1 53  ? 4.845   15.677  3.570   1.00 7.71  ? 76  LYS A CA  1 
ATOM   408  C C   . LYS A 1 53  ? 3.374   15.642  3.202   1.00 7.54  ? 76  LYS A C   1 
ATOM   409  O O   . LYS A 1 53  ? 2.995   16.073  2.097   1.00 9.58  ? 76  LYS A O   1 
ATOM   410  C CB  . LYS A 1 53  ? 5.615   14.887  2.483   1.00 8.62  ? 76  LYS A CB  1 
ATOM   411  C CG  . LYS A 1 53  ? 7.124   14.776  2.659   1.00 12.77 ? 76  LYS A CG  1 
ATOM   412  C CD  . LYS A 1 53  ? 7.774   16.123  2.643   1.00 16.30 ? 76  LYS A CD  1 
ATOM   413  C CE  . LYS A 1 53  ? 9.303   15.995  2.730   1.00 20.12 ? 76  LYS A CE  1 
ATOM   414  N NZ  . LYS A 1 53  ? 9.912   17.351  2.662   1.00 22.36 ? 76  LYS A NZ  1 
ATOM   415  N N   . GLY A 1 54  ? 2.537   15.118  4.092   1.00 6.52  ? 77  GLY A N   1 
ATOM   416  C CA  . GLY A 1 54  ? 1.088   15.224  3.865   1.00 6.61  ? 77  GLY A CA  1 
ATOM   417  C C   . GLY A 1 54  ? 0.368   13.881  3.788   1.00 5.92  ? 77  GLY A C   1 
ATOM   418  O O   . GLY A 1 54  ? -0.830  13.842  3.478   1.00 7.44  ? 77  GLY A O   1 
ATOM   419  N N   . PHE A 1 55  ? 1.082   12.780  4.047   1.00 5.05  ? 78  PHE A N   1 
ATOM   420  C CA  . PHE A 1 55  ? 0.434   11.461  3.918   1.00 3.58  ? 78  PHE A CA  1 
ATOM   421  C C   . PHE A 1 55  ? -0.428  11.111  5.110   1.00 4.24  ? 78  PHE A C   1 
ATOM   422  O O   . PHE A 1 55  ? 0.067   11.053  6.242   1.00 4.15  ? 78  PHE A O   1 
ATOM   423  C CB  . PHE A 1 55  ? 1.521   10.392  3.796   1.00 3.77  ? 78  PHE A CB  1 
ATOM   424  C CG  . PHE A 1 55  ? 1.045   9.020   3.389   1.00 4.17  ? 78  PHE A CG  1 
ATOM   425  C CD1 . PHE A 1 55  ? 0.008   8.827   2.463   1.00 3.96  ? 78  PHE A CD1 1 
ATOM   426  C CD2 . PHE A 1 55  ? 1.690   7.898   3.894   1.00 5.24  ? 78  PHE A CD2 1 
ATOM   427  C CE1 . PHE A 1 55  ? -0.358  7.553   2.043   1.00 3.95  ? 78  PHE A CE1 1 
ATOM   428  C CE2 . PHE A 1 55  ? 1.296   6.607   3.500   1.00 5.04  ? 78  PHE A CE2 1 
ATOM   429  C CZ  . PHE A 1 55  ? 0.285   6.427   2.581   1.00 5.20  ? 78  PHE A CZ  1 
ATOM   430  N N   . GLU A 1 56  ? -1.694  10.809  4.852   1.00 4.54  ? 79  GLU A N   1 
ATOM   431  C CA  . GLU A 1 56  ? -2.512  10.175  5.873   1.00 4.95  ? 79  GLU A CA  1 
ATOM   432  C C   . GLU A 1 56  ? -3.519  9.254   5.197   1.00 5.11  ? 79  GLU A C   1 
ATOM   433  O O   . GLU A 1 56  ? -3.869  9.468   4.041   1.00 4.78  ? 79  GLU A O   1 
ATOM   434  C CB  . GLU A 1 56  ? -3.199  11.212  6.767   1.00 6.85  ? 79  GLU A CB  1 
ATOM   435  C CG  . GLU A 1 56  ? -4.302  12.020  6.136   1.00 8.61  ? 79  GLU A CG  1 
ATOM   436  C CD  . GLU A 1 56  ? -4.954  13.003  7.129   1.00 12.47 ? 79  GLU A CD  1 
ATOM   437  O OE1 . GLU A 1 56  ? -4.925  12.817  8.379   1.00 10.48 ? 79  GLU A OE1 1 
ATOM   438  O OE2 . GLU A 1 56  ? -5.513  13.983  6.605   1.00 16.13 ? 79  GLU A OE2 1 
ATOM   439  N N   . THR A 1 57  ? -3.922  8.214   5.913   1.00 4.58  ? 80  THR A N   1 
ATOM   440  C CA  . THR A 1 57  ? -5.004  7.321   5.440   1.00 5.34  ? 80  THR A CA  1 
ATOM   441  C C   . THR A 1 57  ? -5.884  7.016   6.619   1.00 5.04  ? 80  THR A C   1 
ATOM   442  O O   . THR A 1 57  ? -5.601  7.425   7.745   1.00 4.95  ? 80  THR A O   1 
ATOM   443  C CB  . THR A 1 57  ? -4.515  5.957   4.890   1.00 6.36  ? 80  THR A CB  1 
ATOM   444  O OG1 . THR A 1 57  ? -4.166  5.116   5.988   1.00 6.09  ? 80  THR A OG1 1 
ATOM   445  C CG2 . THR A 1 57  ? -3.321  6.115   3.920   1.00 5.26  ? 80  THR A CG2 1 
ATOM   446  N N   . CYS A 1 58  ? -6.950  6.251   6.385   1.00 6.17  ? 81  CYS A N   1 
ATOM   447  C CA  . CYS A 1 58  ? -7.820  5.793   7.456   1.00 8.35  ? 81  CYS A CA  1 
ATOM   448  C C   . CYS A 1 58  ? -7.826  4.265   7.490   1.00 6.50  ? 81  CYS A C   1 
ATOM   449  O O   . CYS A 1 58  ? -8.824  3.639   7.890   1.00 7.84  ? 81  CYS A O   1 
ATOM   450  C CB  . CYS A 1 58  ? -9.240  6.349   7.259   1.00 10.04 ? 81  CYS A CB  1 
ATOM   451  S SG  . CYS A 1 58  ? -9.496  8.123   7.794   1.00 25.62 ? 81  CYS A SG  1 
ATOM   452  N N   . ARG A 1 59  ? -6.719  3.668   7.060   1.00 4.63  ? 82  ARG A N   1 
ATOM   453  C CA  . ARG A 1 59  ? -6.649  2.206   6.959   1.00 4.35  ? 82  ARG A CA  1 
ATOM   454  C C   . ARG A 1 59  ? -5.366  1.633   7.546   1.00 3.84  ? 82  ARG A C   1 
ATOM   455  O O   . ARG A 1 59  ? -4.283  2.146   7.298   1.00 5.72  ? 82  ARG A O   1 
ATOM   456  C CB  . ARG A 1 59  ? -6.627  1.825   5.466   1.00 5.41  ? 82  ARG A CB  1 
ATOM   457  C CG  . ARG A 1 59  ? -7.870  2.210   4.651   1.00 8.43  ? 82  ARG A CG  1 
ATOM   458  C CD  . ARG A 1 59  ? -9.022  1.237   4.887   1.00 8.71  ? 82  ARG A CD  1 
ATOM   459  N NE  . ARG A 1 59  ? -8.744  -0.078  4.276   1.00 8.90  ? 82  ARG A NE  1 
ATOM   460  C CZ  . ARG A 1 59  ? -9.596  -1.091  4.274   1.00 9.34  ? 82  ARG A CZ  1 
ATOM   461  N NH1 . ARG A 1 59  ? -9.260  -2.237  3.678   1.00 12.49 ? 82  ARG A NH1 1 
ATOM   462  N NH2 . ARG A 1 59  ? -10.800 -0.948  4.839   1.00 11.68 ? 82  ARG A NH2 1 
ATOM   463  N N   . TYR A 1 60  ? -5.493  0.520   8.233   1.00 2.73  ? 83  TYR A N   1 
ATOM   464  C CA  . TYR A 1 60  ? -4.349  -0.212  8.772   1.00 3.68  ? 83  TYR A CA  1 
ATOM   465  C C   . TYR A 1 60  ? -3.586  -0.847  7.636   1.00 4.24  ? 83  TYR A C   1 
ATOM   466  O O   . TYR A 1 60  ? -4.182  -1.458  6.712   1.00 4.79  ? 83  TYR A O   1 
ATOM   467  C CB  . TYR A 1 60  ? -4.846  -1.353  9.677   1.00 3.34  ? 83  TYR A CB  1 
ATOM   468  C CG  . TYR A 1 60  ? -5.438  -0.903  10.986  1.00 4.95  ? 83  TYR A CG  1 
ATOM   469  C CD1 . TYR A 1 60  ? -4.640  -0.283  11.934  1.00 8.15  ? 83  TYR A CD1 1 
ATOM   470  C CD2 . TYR A 1 60  ? -6.783  -1.148  11.267  1.00 11.11 ? 83  TYR A CD2 1 
ATOM   471  C CE1 . TYR A 1 60  ? -5.181  0.115   13.167  1.00 12.58 ? 83  TYR A CE1 1 
ATOM   472  C CE2 . TYR A 1 60  ? -7.329  -0.771  12.485  1.00 14.22 ? 83  TYR A CE2 1 
ATOM   473  C CZ  . TYR A 1 60  ? -6.520  -0.150  13.427  1.00 16.12 ? 83  TYR A CZ  1 
ATOM   474  O OH  . TYR A 1 60  ? -7.059  0.256   14.637  1.00 19.69 ? 83  TYR A OH  1 
ATOM   475  N N   . GLY A 1 61  ? -2.270  -0.720  7.671   1.00 2.83  ? 84  GLY A N   1 
ATOM   476  C CA  . GLY A 1 61  ? -1.456  -1.384  6.679   1.00 2.30  ? 84  GLY A CA  1 
ATOM   477  C C   . GLY A 1 61  ? -0.073  -1.728  7.195   1.00 3.21  ? 84  GLY A C   1 
ATOM   478  O O   . GLY A 1 61  ? 0.449   -1.047  8.056   1.00 3.15  ? 84  GLY A O   1 
ATOM   479  N N   . PHE A 1 62  ? 0.515   -2.754  6.602   1.00 2.08  ? 85  PHE A N   1 
ATOM   480  C CA  . PHE A 1 62  ? 1.862   -3.180  7.010   1.00 2.46  ? 85  PHE A CA  1 
ATOM   481  C C   . PHE A 1 62  ? 2.917   -2.169  6.615   1.00 3.67  ? 85  PHE A C   1 
ATOM   482  O O   . PHE A 1 62  ? 2.884   -1.583  5.519   1.00 4.35  ? 85  PHE A O   1 
ATOM   483  C CB  . PHE A 1 62  ? 2.225   -4.473  6.280   1.00 3.49  ? 85  PHE A CB  1 
ATOM   484  C CG  . PHE A 1 62  ? 1.386   -5.637  6.670   1.00 4.00  ? 85  PHE A CG  1 
ATOM   485  C CD1 . PHE A 1 62  ? 1.519   -6.203  7.932   1.00 5.30  ? 85  PHE A CD1 1 
ATOM   486  C CD2 . PHE A 1 62  ? 0.447   -6.158  5.774   1.00 8.24  ? 85  PHE A CD2 1 
ATOM   487  C CE1 . PHE A 1 62  ? 0.744   -7.346  8.273   1.00 8.65  ? 85  PHE A CE1 1 
ATOM   488  C CE2 . PHE A 1 62  ? -0.313  -7.263  6.131   1.00 7.21  ? 85  PHE A CE2 1 
ATOM   489  C CZ  . PHE A 1 62  ? -0.178  -7.833  7.365   1.00 8.34  ? 85  PHE A CZ  1 
ATOM   490  N N   . ILE A 1 63  ? 3.860   -1.975  7.524   1.00 3.24  ? 86  ILE A N   1 
ATOM   491  C CA  . ILE A 1 63  ? 5.171   -1.423  7.177   1.00 4.63  ? 86  ILE A CA  1 
ATOM   492  C C   . ILE A 1 63  ? 6.163   -2.493  7.619   1.00 5.45  ? 86  ILE A C   1 
ATOM   493  O O   . ILE A 1 63  ? 5.750   -3.603  7.941   1.00 6.08  ? 86  ILE A O   1 
ATOM   494  C CB  . ILE A 1 63  ? 5.468   -0.065  7.829   1.00 4.11  ? 86  ILE A CB  1 
ATOM   495  C CG1 . ILE A 1 63  ? 5.409   -0.098  9.366   1.00 6.37  ? 86  ILE A CG1 1 
ATOM   496  C CG2 . ILE A 1 63  ? 4.483   0.963   7.300   1.00 4.57  ? 86  ILE A CG2 1 
ATOM   497  C CD1 . ILE A 1 63  ? 6.051   1.165   10.003  1.00 6.18  ? 86  ILE A CD1 1 
ATOM   498  N N   . GLU A 1 64  ? 7.457   -2.209  7.542   1.00 5.56  ? 87  GLU A N   1 
ATOM   499  C CA  . GLU A 1 64  ? 8.436   -3.195  8.000   1.00 9.10  ? 87  GLU A CA  1 
ATOM   500  C C   . GLU A 1 64  ? 8.254   -3.284  9.517   1.00 9.68  ? 87  GLU A C   1 
ATOM   501  O O   . GLU A 1 64  ? 8.449   -2.293  10.251  1.00 14.43 ? 87  GLU A O   1 
ATOM   502  C CB  . GLU A 1 64  ? 9.850   -2.758  7.639   1.00 8.13  ? 87  GLU A CB  1 
ATOM   503  C CG  . GLU A 1 64  ? 10.907  -3.829  7.928   1.00 15.45 ? 87  GLU A CG  1 
ATOM   504  C CD  . GLU A 1 64  ? 10.788  -5.085  7.033   1.00 21.08 ? 87  GLU A CD  1 
ATOM   505  O OE1 . GLU A 1 64  ? 10.432  -4.982  5.834   1.00 23.49 ? 87  GLU A OE1 1 
ATOM   506  O OE2 . GLU A 1 64  ? 11.059  -6.206  7.535   1.00 26.15 ? 87  GLU A OE2 1 
ATOM   507  N N   . GLY A 1 65  ? 7.812   -4.435  9.974   1.00 10.34 ? 88  GLY A N   1 
ATOM   508  C CA  . GLY A 1 65  ? 7.761   -4.687  11.397  1.00 9.08  ? 88  GLY A CA  1 
ATOM   509  C C   . GLY A 1 65  ? 6.504   -4.345  12.167  1.00 7.01  ? 88  GLY A C   1 
ATOM   510  O O   . GLY A 1 65  ? 6.266   -4.886  13.226  1.00 7.22  ? 88  GLY A O   1 
ATOM   511  N N   . ASN A 1 66  ? 5.667   -3.454  11.652  1.00 5.73  ? 89  ASN A N   1 
ATOM   512  C CA  . ASN A 1 66  ? 4.434   -3.100  12.366  1.00 3.55  ? 89  ASN A CA  1 
ATOM   513  C C   . ASN A 1 66  ? 3.259   -2.903  11.424  1.00 3.19  ? 89  ASN A C   1 
ATOM   514  O O   . ASN A 1 66  ? 3.455   -2.953  10.223  1.00 3.65  ? 89  ASN A O   1 
ATOM   515  C CB  . ASN A 1 66  ? 4.640   -1.804  13.175  1.00 4.73  ? 89  ASN A CB  1 
ATOM   516  C CG  . ASN A 1 66  ? 5.485   -2.017  14.434  1.00 7.78  ? 89  ASN A CG  1 
ATOM   517  O OD1 . ASN A 1 66  ? 6.683   -1.724  14.444  1.00 10.34 ? 89  ASN A OD1 1 
ATOM   518  N ND2 . ASN A 1 66  ? 4.867   -2.513  15.487  1.00 8.30  ? 89  ASN A ND2 1 
ATOM   519  N N   . VAL A 1 67  ? 2.064   -2.717  11.986  1.00 3.21  ? 90  VAL A N   1 
ATOM   520  C CA  . VAL A 1 67  ? 0.863   -2.331  11.224  1.00 2.66  ? 90  VAL A CA  1 
ATOM   521  C C   . VAL A 1 67  ? 0.502   -0.943  11.740  1.00 2.28  ? 90  VAL A C   1 
ATOM   522  O O   . VAL A 1 67  ? 0.389   -0.752  12.937  1.00 4.34  ? 90  VAL A O   1 
ATOM   523  C CB  . VAL A 1 67  ? -0.287  -3.321  11.514  1.00 2.56  ? 90  VAL A CB  1 
ATOM   524  C CG1 . VAL A 1 67  ? -1.570  -2.862  10.811  1.00 4.83  ? 90  VAL A CG1 1 
ATOM   525  C CG2 . VAL A 1 67  ? 0.115   -4.701  11.064  1.00 6.29  ? 90  VAL A CG2 1 
ATOM   526  N N   . VAL A 1 68  ? 0.308   0.014   10.837  1.00 3.12  ? 91  VAL A N   1 
ATOM   527  C CA  . VAL A 1 68  ? 0.160   1.423   11.201  1.00 2.72  ? 91  VAL A CA  1 
ATOM   528  C C   . VAL A 1 68  ? -0.928  2.114   10.404  1.00 3.20  ? 91  VAL A C   1 
ATOM   529  O O   . VAL A 1 68  ? -1.370  1.628   9.382   1.00 3.72  ? 91  VAL A O   1 
ATOM   530  C CB  . VAL A 1 68  ? 1.511   2.178   10.996  1.00 2.46  ? 91  VAL A CB  1 
ATOM   531  C CG1 . VAL A 1 68  ? 2.613   1.447   11.808  1.00 3.39  ? 91  VAL A CG1 1 
ATOM   532  C CG2 . VAL A 1 68  ? 1.868   2.283   9.517   1.00 2.94  ? 91  VAL A CG2 1 
ATOM   533  N N   . ILE A 1 69  ? -1.347  3.280   10.897  1.00 3.44  ? 92  ILE A N   1 
ATOM   534  C CA  . ILE A 1 69  ? -2.139  4.247   10.147  1.00 3.31  ? 92  ILE A CA  1 
ATOM   535  C C   . ILE A 1 69  ? -1.442  5.610   10.314  1.00 3.92  ? 92  ILE A C   1 
ATOM   536  O O   . ILE A 1 69  ? -1.326  6.115   11.442  1.00 4.94  ? 92  ILE A O   1 
ATOM   537  C CB  . ILE A 1 69  ? -3.564  4.382   10.696  1.00 3.04  ? 92  ILE A CB  1 
ATOM   538  C CG1 . ILE A 1 69  ? -4.254  3.008   10.704  1.00 5.38  ? 92  ILE A CG1 1 
ATOM   539  C CG2 . ILE A 1 69  ? -4.345  5.315   9.773   1.00 5.89  ? 92  ILE A CG2 1 
ATOM   540  C CD1 . ILE A 1 69  ? -5.724  3.038   11.069  1.00 7.13  ? 92  ILE A CD1 1 
ATOM   541  N N   . PRO A 1 70  ? -1.016  6.228   9.206   1.00 3.56  ? 93  PRO A N   1 
ATOM   542  C CA  . PRO A 1 70  ? -0.506  7.590   9.321   1.00 2.90  ? 93  PRO A CA  1 
ATOM   543  C C   . PRO A 1 70  ? -1.655  8.583   9.421   1.00 3.09  ? 93  PRO A C   1 
ATOM   544  O O   . PRO A 1 70  ? -2.571  8.527   8.584   1.00 3.77  ? 93  PRO A O   1 
ATOM   545  C CB  . PRO A 1 70  ? 0.278   7.784   8.011   1.00 3.56  ? 93  PRO A CB  1 
ATOM   546  C CG  . PRO A 1 70  ? -0.427  6.886   6.991   1.00 3.18  ? 93  PRO A CG  1 
ATOM   547  C CD  . PRO A 1 70  ? -0.940  5.725   7.818   1.00 3.88  ? 93  PRO A CD  1 
ATOM   548  N N   . ARG A 1 71  ? -1.610  9.466   10.418  1.00 4.43  ? 94  ARG A N   1 
ATOM   549  C CA  . ARG A 1 71  ? -2.727  10.420  10.642  1.00 5.24  ? 94  ARG A CA  1 
ATOM   550  C C   . ARG A 1 71  ? -2.163  11.823  10.773  1.00 5.62  ? 94  ARG A C   1 
ATOM   551  O O   . ARG A 1 71  ? -1.224  12.059  11.542  1.00 5.68  ? 94  ARG A O   1 
ATOM   552  C CB  . ARG A 1 71  ? -3.499  10.047  11.901  1.00 6.25  ? 94  ARG A CB  1 
ATOM   553  C CG  . ARG A 1 71  ? -4.256  8.713   11.857  1.00 4.71  ? 94  ARG A CG  1 
ATOM   554  C CD  . ARG A 1 71  ? -5.302  8.725   10.743  1.00 4.80  ? 94  ARG A CD  1 
ATOM   555  N NE  . ARG A 1 71  ? -6.187  9.897   10.827  1.00 7.06  ? 94  ARG A NE  1 
ATOM   556  C CZ  . ARG A 1 71  ? -6.927  10.346  9.821   1.00 7.38  ? 94  ARG A CZ  1 
ATOM   557  N NH1 . ARG A 1 71  ? -6.940  9.722   8.639   1.00 9.36  ? 94  ARG A NH1 1 
ATOM   558  N NH2 . ARG A 1 71  ? -7.711  11.418  10.000  1.00 11.01 ? 94  ARG A NH2 1 
ATOM   559  N N   . ILE A 1 72  ? -2.725  12.757  10.021  1.00 5.11  ? 95  ILE A N   1 
ATOM   560  C CA  . ILE A 1 72  ? -2.380  14.157  10.189  1.00 6.68  ? 95  ILE A CA  1 
ATOM   561  C C   . ILE A 1 72  ? -3.466  14.863  11.012  1.00 7.45  ? 95  ILE A C   1 
ATOM   562  O O   . ILE A 1 72  ? -3.154  15.477  12.038  1.00 8.18  ? 95  ILE A O   1 
ATOM   563  C CB  . ILE A 1 72  ? -2.190  14.838  8.827   1.00 6.31  ? 95  ILE A CB  1 
ATOM   564  C CG1 . ILE A 1 72  ? -0.914  14.258  8.178   1.00 7.80  ? 95  ILE A CG1 1 
ATOM   565  C CG2 . ILE A 1 72  ? -2.109  16.388  9.005   1.00 7.45  ? 95  ILE A CG2 1 
ATOM   566  C CD1 . ILE A 1 72  ? -0.662  14.712  6.741   1.00 9.60  ? 95  ILE A CD1 1 
ATOM   567  N N   . HIS A 1 73  ? -4.730  14.713  10.592  1.00 8.30  ? 96  HIS A N   1 
ATOM   568  C CA  . HIS A 1 73  ? -5.846  15.343  11.283  1.00 9.39  ? 96  HIS A CA  1 
ATOM   569  C C   . HIS A 1 73  ? -6.523  14.362  12.231  1.00 10.31 ? 96  HIS A C   1 
ATOM   570  O O   . HIS A 1 73  ? -6.763  13.196  11.859  1.00 11.75 ? 96  HIS A O   1 
ATOM   571  C CB  . HIS A 1 73  ? -6.832  15.884  10.241  1.00 9.95  ? 96  HIS A CB  1 
ATOM   572  C CG  . HIS A 1 73  ? -6.199  16.804  9.256   1.00 13.18 ? 96  HIS A CG  1 
ATOM   573  N ND1 . HIS A 1 73  ? -5.797  16.390  8.006   1.00 15.62 ? 96  HIS A ND1 1 
ATOM   574  C CD2 . HIS A 1 73  ? -5.829  18.104  9.358   1.00 16.07 ? 96  HIS A CD2 1 
ATOM   575  C CE1 . HIS A 1 73  ? -5.225  17.399  7.371   1.00 18.88 ? 96  HIS A CE1 1 
ATOM   576  N NE2 . HIS A 1 73  ? -5.229  18.451  8.169   1.00 16.65 ? 96  HIS A NE2 1 
ATOM   577  N N   . PRO A 1 74  ? -6.820  14.784  13.463  1.00 10.27 ? 97  PRO A N   1 
ATOM   578  C CA  . PRO A 1 74  ? -7.531  13.877  14.349  1.00 10.93 ? 97  PRO A CA  1 
ATOM   579  C C   . PRO A 1 74  ? -8.943  13.625  13.828  1.00 12.25 ? 97  PRO A C   1 
ATOM   580  O O   . PRO A 1 74  ? -9.657  14.562  13.461  1.00 13.78 ? 97  PRO A O   1 
ATOM   581  C CB  . PRO A 1 74  ? -7.547  14.604  15.716  1.00 11.50 ? 97  PRO A CB  1 
ATOM   582  C CG  . PRO A 1 74  ? -7.214  15.961  15.426  1.00 10.44 ? 97  PRO A CG  1 
ATOM   583  C CD  . PRO A 1 74  ? -6.496  16.059  14.108  1.00 10.21 ? 97  PRO A CD  1 
ATOM   584  N N   . ASN A 1 75  ? -9.319  12.356  13.742  1.00 13.22 ? 98  ASN A N   1 
ATOM   585  C CA  . ASN A 1 75  ? -10.651 11.991  13.326  1.00 14.26 ? 98  ASN A CA  1 
ATOM   586  C C   . ASN A 1 75  ? -11.053 10.850  14.222  1.00 15.01 ? 98  ASN A C   1 
ATOM   587  O O   . ASN A 1 75  ? -10.275 9.913   14.477  1.00 13.85 ? 98  ASN A O   1 
ATOM   588  C CB  . ASN A 1 75  ? -10.643 11.606  11.832  1.00 14.58 ? 98  ASN A CB  1 
ATOM   589  C CG  . ASN A 1 75  ? -11.996 11.135  11.316  1.00 17.41 ? 98  ASN A CG  1 
ATOM   590  O OD1 . ASN A 1 75  ? -12.821 10.641  12.060  1.00 22.19 ? 98  ASN A OD1 1 
ATOM   591  N ND2 . ASN A 1 75  ? -12.199 11.263  10.015  1.00 20.70 ? 98  ASN A ND2 1 
ATOM   592  N N   . ALA A 1 76  ? -12.277 10.935  14.728  1.00 15.92 ? 99  ALA A N   1 
ATOM   593  C CA  . ALA A 1 76  ? -12.732 10.008  15.749  1.00 17.80 ? 99  ALA A CA  1 
ATOM   594  C C   . ALA A 1 76  ? -12.842 8.582   15.255  1.00 18.27 ? 99  ALA A C   1 
ATOM   595  O O   . ALA A 1 76  ? -12.693 7.654   16.045  1.00 19.49 ? 99  ALA A O   1 
ATOM   596  C CB  . ALA A 1 76  ? -14.065 10.468  16.306  1.00 18.01 ? 99  ALA A CB  1 
ATOM   597  N N   . ILE A 1 77  ? -13.101 8.417   13.962  1.00 19.39 ? 100 ILE A N   1 
ATOM   598  C CA  . ILE A 1 77  ? -13.240 7.070   13.396  1.00 19.99 ? 100 ILE A CA  1 
ATOM   599  C C   . ILE A 1 77  ? -11.983 6.532   12.703  1.00 19.26 ? 100 ILE A C   1 
ATOM   600  O O   . ILE A 1 77  ? -12.033 5.427   12.152  1.00 19.99 ? 100 ILE A O   1 
ATOM   601  C CB  . ILE A 1 77  ? -14.478 6.937   12.461  1.00 20.55 ? 100 ILE A CB  1 
ATOM   602  C CG1 . ILE A 1 77  ? -14.300 7.758   11.179  1.00 21.87 ? 100 ILE A CG1 1 
ATOM   603  C CG2 . ILE A 1 77  ? -15.763 7.262   13.234  1.00 22.43 ? 100 ILE A CG2 1 
ATOM   604  C CD1 . ILE A 1 77  ? -15.370 7.500   10.108  1.00 24.29 ? 100 ILE A CD1 1 
ATOM   605  N N   . CYS A 1 78  ? -10.871 7.284   12.758  1.00 17.51 ? 101 CYS A N   1 
ATOM   606  C CA  . CYS A 1 78  ? -9.576  6.828   12.215  1.00 16.54 ? 101 CYS A CA  1 
ATOM   607  C C   . CYS A 1 78  ? -8.544  6.787   13.349  1.00 15.75 ? 101 CYS A C   1 
ATOM   608  O O   . CYS A 1 78  ? -8.185  7.827   13.897  1.00 15.10 ? 101 CYS A O   1 
ATOM   609  C CB  . CYS A 1 78  ? -9.077  7.712   11.016  1.00 17.42 ? 101 CYS A CB  1 
ATOM   610  S SG  . CYS A 1 78  ? -10.361 8.053   9.708   1.00 17.62 ? 101 CYS A SG  1 
ATOM   611  N N   . ALA A 1 79  ? -8.086  5.589   13.722  1.00 14.88 ? 102 ALA A N   1 
ATOM   612  C CA  . ALA A 1 79  ? -6.998  5.431   14.701  1.00 14.44 ? 102 ALA A CA  1 
ATOM   613  C C   . ALA A 1 79  ? -7.322  6.062   16.062  1.00 15.35 ? 102 ALA A C   1 
ATOM   614  O O   . ALA A 1 79  ? -6.445  6.622   16.734  1.00 16.16 ? 102 ALA A O   1 
ATOM   615  C CB  . ALA A 1 79  ? -5.684  5.987   14.126  1.00 14.00 ? 102 ALA A CB  1 
ATOM   616  N N   . ALA A 1 80  ? -8.603  5.986   16.437  1.00 16.10 ? 103 ALA A N   1 
ATOM   617  C CA  . ALA A 1 80  ? -9.077  6.439   17.761  1.00 16.84 ? 103 ALA A CA  1 
ATOM   618  C C   . ALA A 1 80  ? -8.644  7.884   18.040  1.00 16.18 ? 103 ALA A C   1 
ATOM   619  O O   . ALA A 1 80  ? -8.167  8.205   19.142  1.00 17.01 ? 103 ALA A O   1 
ATOM   620  C CB  . ALA A 1 80  ? -8.576  5.481   18.864  1.00 16.86 ? 103 ALA A CB  1 
ATOM   621  N N   . ASN A 1 81  ? -8.783  8.727   17.014  1.00 15.95 ? 104 ASN A N   1 
ATOM   622  C CA  . ASN A 1 81  ? -8.507  10.165  17.082  1.00 14.83 ? 104 ASN A CA  1 
ATOM   623  C C   . ASN A 1 81  ? -7.041  10.568  17.269  1.00 14.50 ? 104 ASN A C   1 
ATOM   624  O O   . ASN A 1 81  ? -6.739  11.745  17.536  1.00 15.03 ? 104 ASN A O   1 
ATOM   625  C CB  . ASN A 1 81  ? -9.367  10.830  18.172  1.00 15.38 ? 104 ASN A CB  1 
ATOM   626  C CG  . ASN A 1 81  ? -9.698  12.259  17.851  1.00 15.40 ? 104 ASN A CG  1 
ATOM   627  O OD1 . ASN A 1 81  ? -10.170 12.579  16.762  1.00 16.01 ? 104 ASN A OD1 1 
ATOM   628  N ND2 . ASN A 1 81  ? -9.501  13.138  18.835  1.00 21.34 ? 104 ASN A ND2 1 
ATOM   629  N N   . HIS A 1 82  ? -6.125  9.623   17.099  1.00 12.99 ? 105 HIS A N   1 
ATOM   630  C CA  . HIS A 1 82  ? -4.702  9.960   17.209  1.00 11.89 ? 105 HIS A CA  1 
ATOM   631  C C   . HIS A 1 82  ? -4.173  10.670  15.972  1.00 10.99 ? 105 HIS A C   1 
ATOM   632  O O   . HIS A 1 82  ? -4.763  10.588  14.890  1.00 10.62 ? 105 HIS A O   1 
ATOM   633  C CB  . HIS A 1 82  ? -3.882  8.689   17.440  1.00 13.22 ? 105 HIS A CB  1 
ATOM   634  C CG  . HIS A 1 82  ? -4.046  8.100   18.804  1.00 16.36 ? 105 HIS A CG  1 
ATOM   635  N ND1 . HIS A 1 82  ? -4.973  7.121   19.086  1.00 20.88 ? 105 HIS A ND1 1 
ATOM   636  C CD2 . HIS A 1 82  ? -3.392  8.342   19.965  1.00 21.27 ? 105 HIS A CD2 1 
ATOM   637  C CE1 . HIS A 1 82  ? -4.882  6.780   20.357  1.00 22.02 ? 105 HIS A CE1 1 
ATOM   638  N NE2 . HIS A 1 82  ? -3.932  7.508   20.915  1.00 22.44 ? 105 HIS A NE2 1 
ATOM   639  N N   . THR A 1 83  ? -3.064  11.383  16.161  1.00 9.55  ? 106 THR A N   1 
ATOM   640  C CA  . THR A 1 83  ? -2.226  11.908  15.073  1.00 9.53  ? 106 THR A CA  1 
ATOM   641  C C   . THR A 1 83  ? -0.842  11.288  15.123  1.00 8.43  ? 106 THR A C   1 
ATOM   642  O O   . THR A 1 83  ? -0.409  10.726  16.138  1.00 8.77  ? 106 THR A O   1 
ATOM   643  C CB  . THR A 1 83  ? -2.073  13.455  15.132  1.00 10.74 ? 106 THR A CB  1 
ATOM   644  O OG1 . THR A 1 83  ? -1.392  13.813  16.342  1.00 12.52 ? 106 THR A OG1 1 
ATOM   645  C CG2 . THR A 1 83  ? -3.462  14.135  15.096  1.00 11.94 ? 106 THR A CG2 1 
ATOM   646  N N   . GLY A 1 84  ? -0.131  11.406  14.016  1.00 7.08  ? 107 GLY A N   1 
ATOM   647  C CA  . GLY A 1 84  ? 1.198   10.831  13.902  1.00 7.00  ? 107 GLY A CA  1 
ATOM   648  C C   . GLY A 1 84  ? 1.071   9.472   13.263  1.00 6.72  ? 107 GLY A C   1 
ATOM   649  O O   . GLY A 1 84  ? -0.011  9.100   12.767  1.00 6.76  ? 107 GLY A O   1 
ATOM   650  N N   . VAL A 1 85  ? 2.163   8.722   13.259  1.00 6.67  ? 108 VAL A N   1 
ATOM   651  C CA  . VAL A 1 85  ? 2.084   7.355   12.799  1.00 7.02  ? 108 VAL A CA  1 
ATOM   652  C C   . VAL A 1 85  ? 1.524   6.487   13.911  1.00 6.51  ? 108 VAL A C   1 
ATOM   653  O O   . VAL A 1 85  ? 2.219   6.195   14.908  1.00 9.95  ? 108 VAL A O   1 
ATOM   654  C CB  . VAL A 1 85  ? 3.417   6.810   12.279  1.00 5.58  ? 108 VAL A CB  1 
ATOM   655  C CG1 . VAL A 1 85  ? 3.203   5.394   11.774  1.00 7.75  ? 108 VAL A CG1 1 
ATOM   656  C CG2 . VAL A 1 85  ? 3.961   7.666   11.158  1.00 7.43  ? 108 VAL A CG2 1 
ATOM   657  N N   . TYR A 1 86  ? 0.263   6.102   13.786  1.00 6.18  ? 109 TYR A N   1 
ATOM   658  C CA  . TYR A 1 86  ? -0.383  5.317   14.841  1.00 4.65  ? 109 TYR A CA  1 
ATOM   659  C C   . TYR A 1 86  ? -0.048  3.862   14.626  1.00 5.35  ? 109 TYR A C   1 
ATOM   660  O O   . TYR A 1 86  ? -0.262  3.328   13.546  1.00 4.91  ? 109 TYR A O   1 
ATOM   661  C CB  . TYR A 1 86  ? -1.913  5.498   14.796  1.00 6.31  ? 109 TYR A CB  1 
ATOM   662  C CG  . TYR A 1 86  ? -2.670  4.611   15.749  1.00 8.27  ? 109 TYR A CG  1 
ATOM   663  C CD1 . TYR A 1 86  ? -2.740  4.911   17.097  1.00 13.65 ? 109 TYR A CD1 1 
ATOM   664  C CD2 . TYR A 1 86  ? -3.307  3.453   15.289  1.00 12.26 ? 109 TYR A CD2 1 
ATOM   665  C CE1 . TYR A 1 86  ? -3.434  4.056   17.990  1.00 17.14 ? 109 TYR A CE1 1 
ATOM   666  C CE2 . TYR A 1 86  ? -4.015  2.617   16.157  1.00 17.77 ? 109 TYR A CE2 1 
ATOM   667  C CZ  . TYR A 1 86  ? -4.083  2.929   17.497  1.00 19.04 ? 109 TYR A CZ  1 
ATOM   668  O OH  . TYR A 1 86  ? -4.782  2.076   18.338  1.00 21.53 ? 109 TYR A OH  1 
ATOM   669  N N   . ILE A 1 87  ? 0.457   3.233   15.674  1.00 3.88  ? 110 ILE A N   1 
ATOM   670  C CA  . ILE A 1 87  ? 0.842   1.817   15.657  1.00 5.68  ? 110 ILE A CA  1 
ATOM   671  C C   . ILE A 1 87  ? -0.251  0.951   16.247  1.00 5.96  ? 110 ILE A C   1 
ATOM   672  O O   . ILE A 1 87  ? -0.637  1.127   17.412  1.00 6.26  ? 110 ILE A O   1 
ATOM   673  C CB  . ILE A 1 87  ? 2.168   1.579   16.410  1.00 5.96  ? 110 ILE A CB  1 
ATOM   674  C CG1 . ILE A 1 87  ? 3.276   2.412   15.783  1.00 7.98  ? 110 ILE A CG1 1 
ATOM   675  C CG2 . ILE A 1 87  ? 2.554   0.114   16.356  1.00 8.41  ? 110 ILE A CG2 1 
ATOM   676  C CD1 . ILE A 1 87  ? 4.555   2.440   16.595  1.00 11.47 ? 110 ILE A CD1 1 
ATOM   677  N N   . LEU A 1 88  ? -0.758  -0.006  15.467  1.00 5.18  ? 111 LEU A N   1 
ATOM   678  C CA  . LEU A 1 88  ? -1.689  -1.008  15.991  1.00 6.45  ? 111 LEU A CA  1 
ATOM   679  C C   . LEU A 1 88  ? -0.988  -1.864  17.046  1.00 6.75  ? 111 LEU A C   1 
ATOM   680  O O   . LEU A 1 88  ? 0.070   -2.448  16.788  1.00 8.12  ? 111 LEU A O   1 
ATOM   681  C CB  . LEU A 1 88  ? -2.156  -1.916  14.856  1.00 7.31  ? 111 LEU A CB  1 
ATOM   682  C CG  . LEU A 1 88  ? -3.175  -3.005  15.242  1.00 8.89  ? 111 LEU A CG  1 
ATOM   683  C CD1 . LEU A 1 88  ? -4.467  -2.409  15.803  1.00 8.92  ? 111 LEU A CD1 1 
ATOM   684  C CD2 . LEU A 1 88  ? -3.496  -3.805  13.972  1.00 10.96 ? 111 LEU A CD2 1 
ATOM   685  N N   . VAL A 1 89  ? -1.579  -1.912  18.234  1.00 5.87  ? 112 VAL A N   1 
ATOM   686  C CA  . VAL A 1 89  ? -0.980  -2.702  19.323  1.00 6.14  ? 112 VAL A CA  1 
ATOM   687  C C   . VAL A 1 89  ? -1.637  -4.058  19.467  1.00 6.12  ? 112 VAL A C   1 
ATOM   688  O O   . VAL A 1 89  ? -0.956  -5.088  19.460  1.00 6.76  ? 112 VAL A O   1 
ATOM   689  C CB  . VAL A 1 89  ? -1.011  -1.910  20.658  1.00 6.68  ? 112 VAL A CB  1 
ATOM   690  C CG1 . VAL A 1 89  ? -0.490  -2.767  21.776  1.00 7.93  ? 112 VAL A CG1 1 
ATOM   691  C CG2 . VAL A 1 89  ? -0.155  -0.622  20.549  1.00 7.36  ? 112 VAL A CG2 1 
ATOM   692  N N   . THR A 1 90  ? -2.967  -4.052  19.539  1.00 6.39  ? 113 THR A N   1 
ATOM   693  C CA  . THR A 1 90  ? -3.679  -5.280  19.864  1.00 6.73  ? 113 THR A CA  1 
ATOM   694  C C   . THR A 1 90  ? -4.717  -5.630  18.817  1.00 5.11  ? 113 THR A C   1 
ATOM   695  O O   . THR A 1 90  ? -5.682  -4.892  18.618  1.00 6.02  ? 113 THR A O   1 
ATOM   696  C CB  . THR A 1 90  ? -4.390  -5.173  21.250  1.00 7.50  ? 113 THR A CB  1 
ATOM   697  O OG1 . THR A 1 90  ? -3.428  -4.866  22.276  1.00 11.55 ? 113 THR A OG1 1 
ATOM   698  C CG2 . THR A 1 90  ? -5.039  -6.497  21.574  1.00 9.15  ? 113 THR A CG2 1 
ATOM   699  N N   . SER A 1 91  ? -4.524  -6.755  18.151  1.00 4.21  ? 114 SER A N   1 
ATOM   700  C CA  . SER A 1 91  ? -5.527  -7.302  17.233  1.00 3.24  ? 114 SER A CA  1 
ATOM   701  C C   . SER A 1 91  ? -5.515  -8.808  17.251  1.00 3.71  ? 114 SER A C   1 
ATOM   702  O O   . SER A 1 91  ? -4.464  -9.414  17.451  1.00 5.81  ? 114 SER A O   1 
ATOM   703  C CB  . SER A 1 91  ? -5.186  -6.803  15.832  1.00 5.47  ? 114 SER A CB  1 
ATOM   704  O OG  . SER A 1 91  ? -6.078  -7.351  14.888  1.00 4.79  ? 114 SER A OG  1 
ATOM   705  N N   . ASN A 1 92  ? -6.673  -9.425  16.981  1.00 2.63  ? 115 ASN A N   1 
ATOM   706  C CA  . ASN A 1 92  ? -6.700  -10.870 16.835  1.00 2.85  ? 115 ASN A CA  1 
ATOM   707  C C   . ASN A 1 92  ? -6.209  -11.334 15.499  1.00 2.98  ? 115 ASN A C   1 
ATOM   708  O O   . ASN A 1 92  ? -5.874  -12.493 15.353  1.00 4.61  ? 115 ASN A O   1 
ATOM   709  C CB  . ASN A 1 92  ? -8.137  -11.403 16.919  1.00 2.89  ? 115 ASN A CB  1 
ATOM   710  C CG  . ASN A 1 92  ? -8.677  -11.491 18.321  1.00 3.34  ? 115 ASN A CG  1 
ATOM   711  O OD1 . ASN A 1 92  ? -7.930  -11.503 19.344  1.00 5.06  ? 115 ASN A OD1 1 
ATOM   712  N ND2 . ASN A 1 92  ? -10.018 -11.630 18.401  1.00 3.96  ? 115 ASN A ND2 1 
ATOM   713  N N   . THR A 1 93  ? -6.311  -10.458 14.496  1.00 3.19  ? 116 THR A N   1 
ATOM   714  C CA  . THR A 1 93  ? -6.294  -10.864 13.087  1.00 2.94  ? 116 THR A CA  1 
ATOM   715  C C   . THR A 1 93  ? -5.032  -10.449 12.326  1.00 3.02  ? 116 THR A C   1 
ATOM   716  O O   . THR A 1 93  ? -4.269  -9.592  12.765  1.00 3.77  ? 116 THR A O   1 
ATOM   717  C CB  . THR A 1 93  ? -7.518  -10.312 12.377  1.00 3.01  ? 116 THR A CB  1 
ATOM   718  O OG1 . THR A 1 93  ? -7.505  -8.901  12.504  1.00 3.67  ? 116 THR A OG1 1 
ATOM   719  C CG2 . THR A 1 93  ? -8.846  -10.916 12.987  1.00 4.99  ? 116 THR A CG2 1 
ATOM   720  N N   . SER A 1 94  ? -4.858  -11.062 11.150  1.00 3.21  ? 117 SER A N   1 
ATOM   721  C CA  . SER A 1 94  ? -3.574  -11.063 10.460  1.00 4.18  ? 117 SER A CA  1 
ATOM   722  C C   . SER A 1 94  ? -3.527  -10.385 9.096   1.00 4.61  ? 117 SER A C   1 
ATOM   723  O O   . SER A 1 94  ? -2.443  -10.282 8.512   1.00 4.75  ? 117 SER A O   1 
ATOM   724  C CB  . SER A 1 94  ? -3.108  -12.518 10.321  1.00 5.69  ? 117 SER A CB  1 
ATOM   725  O OG  . SER A 1 94  ? -3.988  -13.220 9.450   1.00 6.26  ? 117 SER A OG  1 
ATOM   726  N N   . HIS A 1 95  ? -4.689  -9.962  8.589   1.00 3.64  ? 118 HIS A N   1 
ATOM   727  C CA  . HIS A 1 95  ? -4.791  -9.428  7.209   1.00 3.70  ? 118 HIS A CA  1 
ATOM   728  C C   . HIS A 1 95  ? -5.120  -7.967  7.188   1.00 3.55  ? 118 HIS A C   1 
ATOM   729  O O   . HIS A 1 95  ? -6.110  -7.531  7.796   1.00 3.62  ? 118 HIS A O   1 
ATOM   730  C CB  . HIS A 1 95  ? -5.809  -10.228 6.384   1.00 3.78  ? 118 HIS A CB  1 
ATOM   731  C CG  . HIS A 1 95  ? -5.284  -11.567 5.940   1.00 4.80  ? 118 HIS A CG  1 
ATOM   732  N ND1 . HIS A 1 95  ? -4.577  -12.425 6.773   1.00 8.15  ? 118 HIS A ND1 1 
ATOM   733  C CD2 . HIS A 1 95  ? -5.329  -12.184 4.738   1.00 11.39 ? 118 HIS A CD2 1 
ATOM   734  C CE1 . HIS A 1 95  ? -4.245  -13.513 6.106   1.00 8.96  ? 118 HIS A CE1 1 
ATOM   735  N NE2 . HIS A 1 95  ? -4.666  -13.382 4.866   1.00 11.72 ? 118 HIS A NE2 1 
ATOM   736  N N   . TYR A 1 96  ? -4.304  -7.183  6.474   1.00 2.87  ? 119 TYR A N   1 
ATOM   737  C CA  . TYR A 1 96  ? -4.527  -5.742  6.476   1.00 3.04  ? 119 TYR A CA  1 
ATOM   738  C C   . TYR A 1 96  ? -4.339  -5.209  5.077   1.00 3.64  ? 119 TYR A C   1 
ATOM   739  O O   . TYR A 1 96  ? -4.378  -6.000  4.136   1.00 5.08  ? 119 TYR A O   1 
ATOM   740  C CB  . TYR A 1 96  ? -3.551  -5.078  7.473   1.00 3.36  ? 119 TYR A CB  1 
ATOM   741  C CG  . TYR A 1 96  ? -3.761  -5.552  8.906   1.00 2.87  ? 119 TYR A CG  1 
ATOM   742  C CD1 . TYR A 1 96  ? -4.781  -5.013  9.699   1.00 2.64  ? 119 TYR A CD1 1 
ATOM   743  C CD2 . TYR A 1 96  ? -2.959  -6.555  9.456   1.00 2.21  ? 119 TYR A CD2 1 
ATOM   744  C CE1 . TYR A 1 96  ? -4.987  -5.429  11.001  1.00 3.39  ? 119 TYR A CE1 1 
ATOM   745  C CE2 . TYR A 1 96  ? -3.139  -6.974  10.782  1.00 2.33  ? 119 TYR A CE2 1 
ATOM   746  C CZ  . TYR A 1 96  ? -4.151  -6.407  11.528  1.00 4.10  ? 119 TYR A CZ  1 
ATOM   747  O OH  . TYR A 1 96  ? -4.391  -6.776  12.830  1.00 5.98  ? 119 TYR A OH  1 
ATOM   748  N N   . ASP A 1 97  ? -4.184  -3.902  4.917   1.00 2.36  ? 120 ASP A N   1 
ATOM   749  C CA  . ASP A 1 97  ? -3.678  -3.375  3.641   1.00 2.28  ? 120 ASP A CA  1 
ATOM   750  C C   . ASP A 1 97  ? -2.156  -3.344  3.733   1.00 2.94  ? 120 ASP A C   1 
ATOM   751  O O   . ASP A 1 97  ? -1.563  -3.882  4.696   1.00 2.63  ? 120 ASP A O   1 
ATOM   752  C CB  . ASP A 1 97  ? -4.179  -1.948  3.448   1.00 2.00  ? 120 ASP A CB  1 
ATOM   753  C CG  . ASP A 1 97  ? -5.694  -1.855  3.309   1.00 4.30  ? 120 ASP A CG  1 
ATOM   754  O OD1 . ASP A 1 97  ? -6.391  -2.897  3.091   1.00 7.20  ? 120 ASP A OD1 1 
ATOM   755  O OD2 . ASP A 1 97  ? -6.169  -0.697  3.411   1.00 7.84  ? 120 ASP A OD2 1 
ATOM   756  N N   . THR A 1 98  ? -1.498  -2.770  2.724   1.00 3.25  ? 121 THR A N   1 
ATOM   757  C CA  . THR A 1 98  ? -0.056  -2.545  2.854   1.00 3.38  ? 121 THR A CA  1 
ATOM   758  C C   . THR A 1 98  ? 0.381   -1.177  2.468   1.00 4.50  ? 121 THR A C   1 
ATOM   759  O O   . THR A 1 98  ? -0.244  -0.506  1.680   1.00 3.54  ? 121 THR A O   1 
ATOM   760  C CB  . THR A 1 98  ? 0.785   -3.618  2.101   1.00 5.55  ? 121 THR A CB  1 
ATOM   761  O OG1 . THR A 1 98  ? 2.162   -3.549  2.519   1.00 5.06  ? 121 THR A OG1 1 
ATOM   762  C CG2 . THR A 1 98  ? 0.725   -3.447  0.600   1.00 5.65  ? 121 THR A CG2 1 
ATOM   763  N N   . TYR A 1 99  ? 1.466   -0.744  3.078   1.00 2.70  ? 122 TYR A N   1 
ATOM   764  C CA  . TYR A 1 99  ? 2.198   0.423   2.563   1.00 2.72  ? 122 TYR A CA  1 
ATOM   765  C C   . TYR A 1 99  ? 3.399   -0.048  1.802   1.00 2.97  ? 122 TYR A C   1 
ATOM   766  O O   . TYR A 1 99  ? 3.943   -1.092  2.076   1.00 3.90  ? 122 TYR A O   1 
ATOM   767  C CB  . TYR A 1 99  ? 2.596   1.357   3.709   1.00 2.58  ? 122 TYR A CB  1 
ATOM   768  C CG  . TYR A 1 99  ? 1.395   1.870   4.406   1.00 2.00  ? 122 TYR A CG  1 
ATOM   769  C CD1 . TYR A 1 99  ? 0.728   2.983   3.917   1.00 2.77  ? 122 TYR A CD1 1 
ATOM   770  C CD2 . TYR A 1 99  ? 0.944   1.282   5.566   1.00 2.00  ? 122 TYR A CD2 1 
ATOM   771  C CE1 . TYR A 1 99  ? -0.410  3.443   4.547   1.00 2.31  ? 122 TYR A CE1 1 
ATOM   772  C CE2 . TYR A 1 99  ? -0.209  1.740   6.225   1.00 3.12  ? 122 TYR A CE2 1 
ATOM   773  C CZ  . TYR A 1 99  ? -0.870  2.820   5.695   1.00 2.83  ? 122 TYR A CZ  1 
ATOM   774  O OH  . TYR A 1 99  ? -2.024  3.258   6.290   1.00 5.82  ? 122 TYR A OH  1 
ATOM   775  N N   . CYS A 1 100 ? 3.808   0.730   0.818   1.00 2.81  ? 123 CYS A N   1 
ATOM   776  C CA  . CYS A 1 100 ? 4.969   0.425   -0.009  1.00 3.80  ? 123 CYS A CA  1 
ATOM   777  C C   . CYS A 1 100 ? 5.796   1.694   -0.189  1.00 3.11  ? 123 CYS A C   1 
ATOM   778  O O   . CYS A 1 100 ? 5.294   2.808   -0.100  1.00 4.93  ? 123 CYS A O   1 
ATOM   779  C CB  . CYS A 1 100 ? 4.555   -0.095  -1.399  1.00 3.94  ? 123 CYS A CB  1 
ATOM   780  S SG  . CYS A 1 100 ? 3.655   -1.683  -1.390  1.00 9.40  ? 123 CYS A SG  1 
ATOM   781  N N   . PHE A 1 101 ? 7.073   1.515   -0.469  1.00 2.52  ? 124 PHE A N   1 
ATOM   782  C CA  . PHE A 1 101 ? 7.997   2.610   -0.641  1.00 2.36  ? 124 PHE A CA  1 
ATOM   783  C C   . PHE A 1 101 ? 8.785   2.437   -1.921  1.00 2.00  ? 124 PHE A C   1 
ATOM   784  O O   . PHE A 1 101 ? 9.474   1.431   -2.088  1.00 3.48  ? 124 PHE A O   1 
ATOM   785  C CB  . PHE A 1 101 ? 8.996   2.652   0.520   1.00 2.00  ? 124 PHE A CB  1 
ATOM   786  C CG  . PHE A 1 101 ? 10.134  3.551   0.250   1.00 3.45  ? 124 PHE A CG  1 
ATOM   787  C CD1 . PHE A 1 101 ? 9.916   4.915   0.100   1.00 3.48  ? 124 PHE A CD1 1 
ATOM   788  C CD2 . PHE A 1 101 ? 11.417  3.041   0.096   1.00 5.92  ? 124 PHE A CD2 1 
ATOM   789  C CE1 . PHE A 1 101 ? 10.957  5.777   -0.195  1.00 4.74  ? 124 PHE A CE1 1 
ATOM   790  C CE2 . PHE A 1 101 ? 12.486  3.923   -0.233  1.00 5.17  ? 124 PHE A CE2 1 
ATOM   791  C CZ  . PHE A 1 101 ? 12.250  5.289   -0.367  1.00 5.88  ? 124 PHE A CZ  1 
ATOM   792  N N   . ASN A 1 102 ? 8.645   3.423   -2.822  1.00 3.04  ? 125 ASN A N   1 
ATOM   793  C CA  . ASN A 1 102 ? 9.400   3.443   -4.068  1.00 4.27  ? 125 ASN A CA  1 
ATOM   794  C C   . ASN A 1 102 ? 10.404  4.577   -4.067  1.00 4.17  ? 125 ASN A C   1 
ATOM   795  O O   . ASN A 1 102 ? 10.019  5.758   -4.078  1.00 4.19  ? 125 ASN A O   1 
ATOM   796  C CB  . ASN A 1 102 ? 8.467   3.542   -5.274  1.00 5.29  ? 125 ASN A CB  1 
ATOM   797  C CG  . ASN A 1 102 ? 9.214   3.214   -6.555  1.00 9.42  ? 125 ASN A CG  1 
ATOM   798  O OD1 . ASN A 1 102 ? 10.233  3.819   -6.840  1.00 13.68 ? 125 ASN A OD1 1 
ATOM   799  N ND2 . ASN A 1 102 ? 8.750   2.215   -7.298  1.00 12.31 ? 125 ASN A ND2 1 
ATOM   800  N N   . ALA A 1 103 ? 11.679  4.193   -4.039  1.00 5.59  ? 126 ALA A N   1 
ATOM   801  C CA  . ALA A 1 103 ? 12.766  5.163   -3.928  1.00 7.33  ? 126 ALA A CA  1 
ATOM   802  C C   . ALA A 1 103 ? 12.894  6.078   -5.142  1.00 7.90  ? 126 ALA A C   1 
ATOM   803  O O   . ALA A 1 103 ? 13.490  7.157   -5.028  1.00 9.38  ? 126 ALA A O   1 
ATOM   804  C CB  . ALA A 1 103 ? 14.068  4.449   -3.687  1.00 7.98  ? 126 ALA A CB  1 
ATOM   805  N N   . SER A 1 104 ? 12.321  5.696   -6.279  1.00 7.65  ? 127 SER A N   1 
ATOM   806  C CA  . SER A 1 104 ? 12.429  6.522   -7.500  1.00 8.71  ? 127 SER A CA  1 
ATOM   807  C C   . SER A 1 104 ? 11.313  7.552   -7.653  1.00 8.16  ? 127 SER A C   1 
ATOM   808  O O   . SER A 1 104 ? 11.285  8.317   -8.618  1.00 9.47  ? 127 SER A O   1 
ATOM   809  C CB  . SER A 1 104 ? 12.443  5.641   -8.740  1.00 10.65 ? 127 SER A CB  1 
ATOM   810  O OG  . SER A 1 104 ? 13.507  4.723   -8.654  1.00 16.57 ? 127 SER A OG  1 
ATOM   811  N N   . ALA A 1 105 ? 10.403  7.586   -6.690  1.00 6.66  ? 128 ALA A N   1 
ATOM   812  C CA  . ALA A 1 105 ? 9.314   8.551   -6.681  1.00 6.17  ? 128 ALA A CA  1 
ATOM   813  C C   . ALA A 1 105 ? 9.844   9.971   -6.411  1.00 7.29  ? 128 ALA A C   1 
ATOM   814  O O   . ALA A 1 105 ? 10.952  10.140  -5.900  1.00 6.97  ? 128 ALA A O   1 
ATOM   815  C CB  . ALA A 1 105 ? 8.258   8.133   -5.626  1.00 6.98  ? 128 ALA A CB  1 
ATOM   816  N N   . PRO A 1 106 ? 9.070   11.008  -6.723  1.00 7.33  ? 129 PRO A N   1 
ATOM   817  C CA  . PRO A 1 106 ? 9.434   12.354  -6.306  1.00 6.73  ? 129 PRO A CA  1 
ATOM   818  C C   . PRO A 1 106 ? 9.553   12.542  -4.788  1.00 7.03  ? 129 PRO A C   1 
ATOM   819  O O   . PRO A 1 106 ? 9.020   11.752  -3.999  1.00 6.73  ? 129 PRO A O   1 
ATOM   820  C CB  . PRO A 1 106 ? 8.268   13.216  -6.830  1.00 8.37  ? 129 PRO A CB  1 
ATOM   821  C CG  . PRO A 1 106 ? 7.669   12.396  -7.921  1.00 8.54  ? 129 PRO A CG  1 
ATOM   822  C CD  . PRO A 1 106 ? 7.790   10.974  -7.454  1.00 8.26  ? 129 PRO A CD  1 
ATOM   823  N N   . PRO A 1 107 ? 10.282  13.572  -4.370  1.00 6.00  ? 130 PRO A N   1 
ATOM   824  C CA  . PRO A 1 107 ? 10.592  13.673  -2.935  1.00 6.02  ? 130 PRO A CA  1 
ATOM   825  C C   . PRO A 1 107 ? 9.435   14.072  -2.051  1.00 5.66  ? 130 PRO A C   1 
ATOM   826  O O   . PRO A 1 107 ? 9.439   13.781  -0.848  1.00 5.84  ? 130 PRO A O   1 
ATOM   827  C CB  . PRO A 1 107 ? 11.704  14.746  -2.868  1.00 6.58  ? 130 PRO A CB  1 
ATOM   828  C CG  . PRO A 1 107 ? 11.582  15.517  -4.233  1.00 4.01  ? 130 PRO A CG  1 
ATOM   829  C CD  . PRO A 1 107 ? 11.069  14.489  -5.209  1.00 6.98  ? 130 PRO A CD  1 
ATOM   830  N N   . GLU A 1 108 ? 8.445   14.759  -2.635  1.00 7.06  ? 131 GLU A N   1 
ATOM   831  C CA  . GLU A 1 108 ? 7.347   15.245  -1.828  1.00 6.93  ? 131 GLU A CA  1 
ATOM   832  C C   . GLU A 1 108 ? 6.050   14.591  -2.272  1.00 6.40  ? 131 GLU A C   1 
ATOM   833  O O   . GLU A 1 108 ? 6.025   13.386  -2.400  1.00 6.50  ? 131 GLU A O   1 
ATOM   834  C CB  . GLU A 1 108 ? 7.326   16.766  -1.814  1.00 8.70  ? 131 GLU A CB  1 
ATOM   835  C CG  . GLU A 1 108 ? 8.681   17.231  -1.246  1.00 13.27 ? 131 GLU A CG  1 
ATOM   836  C CD  . GLU A 1 108 ? 8.787   18.685  -0.912  1.00 21.30 ? 131 GLU A CD  1 
ATOM   837  O OE1 . GLU A 1 108 ? 8.645   19.512  -1.837  1.00 23.52 ? 131 GLU A OE1 1 
ATOM   838  O OE2 . GLU A 1 108 ? 9.069   18.987  0.285   1.00 25.94 ? 131 GLU A OE2 1 
ATOM   839  N N   . GLU A 1 109 ? 4.967   15.331  -2.490  1.00 7.18  ? 132 GLU A N   1 
ATOM   840  C CA  . GLU A 1 109 ? 3.718   14.670  -2.857  1.00 9.12  ? 132 GLU A CA  1 
ATOM   841  C C   . GLU A 1 109 ? 3.650   14.433  -4.352  1.00 8.66  ? 132 GLU A C   1 
ATOM   842  O O   . GLU A 1 109 ? 3.900   15.351  -5.137  1.00 10.02 ? 132 GLU A O   1 
ATOM   843  C CB  . GLU A 1 109 ? 2.539   15.534  -2.411  1.00 10.85 ? 132 GLU A CB  1 
ATOM   844  C CG  . GLU A 1 109 ? 1.150   15.061  -2.834  1.00 15.24 ? 132 GLU A CG  1 
ATOM   845  C CD  . GLU A 1 109 ? 0.048   16.025  -2.392  1.00 21.42 ? 132 GLU A CD  1 
ATOM   846  O OE1 . GLU A 1 109 ? 0.055   17.198  -2.827  1.00 26.18 ? 132 GLU A OE1 1 
ATOM   847  O OE2 . GLU A 1 109 ? -0.820  15.608  -1.600  1.00 26.08 ? 132 GLU A OE2 1 
ATOM   848  N N   . ASP A 1 110 ? 3.338   13.199  -4.741  1.00 6.34  ? 133 ASP A N   1 
ATOM   849  C CA  . ASP A 1 110 ? 3.137   12.857  -6.146  1.00 6.83  ? 133 ASP A CA  1 
ATOM   850  C C   . ASP A 1 110 ? 1.749   12.249  -6.320  1.00 7.18  ? 133 ASP A C   1 
ATOM   851  O O   . ASP A 1 110 ? 1.485   11.110  -5.928  1.00 6.13  ? 133 ASP A O   1 
ATOM   852  C CB  . ASP A 1 110 ? 4.231   11.887  -6.622  1.00 6.53  ? 133 ASP A CB  1 
ATOM   853  C CG  . ASP A 1 110 ? 4.063   11.482  -8.054  1.00 8.10  ? 133 ASP A CG  1 
ATOM   854  O OD1 . ASP A 1 110 ? 3.257   12.146  -8.761  1.00 10.44 ? 133 ASP A OD1 1 
ATOM   855  O OD2 . ASP A 1 110 ? 4.733   10.511  -8.483  1.00 11.25 ? 133 ASP A OD2 1 
ATOM   856  N N   . CYS A 1 111 ? 0.841   13.037  -6.888  1.00 8.52  ? 134 CYS A N   1 
ATOM   857  C CA  . CYS A 1 111 ? -0.534  12.564  -7.031  1.00 10.61 ? 134 CYS A CA  1 
ATOM   858  C C   . CYS A 1 111 ? -0.855  12.210  -8.462  1.00 9.87  ? 134 CYS A C   1 
ATOM   859  O O   . CYS A 1 111 ? -2.025  12.118  -8.849  1.00 10.96 ? 134 CYS A O   1 
ATOM   860  C CB  . CYS A 1 111 ? -1.513  13.582  -6.475  1.00 11.36 ? 134 CYS A CB  1 
ATOM   861  S SG  . CYS A 1 111 ? -1.701  13.440  -4.654  1.00 20.06 ? 134 CYS A SG  1 
ATOM   862  N N   . THR A 1 112 ? 0.167   11.946  -9.251  1.00 9.30  ? 135 THR A N   1 
ATOM   863  C CA  . THR A 1 112 ? -0.065  11.404  -10.585 1.00 8.93  ? 135 THR A CA  1 
ATOM   864  C C   . THR A 1 112 ? -0.468  9.944   -10.422 1.00 8.72  ? 135 THR A C   1 
ATOM   865  O O   . THR A 1 112 ? -0.264  9.343   -9.329  1.00 9.15  ? 135 THR A O   1 
ATOM   866  C CB  . THR A 1 112 ? 1.142   11.541  -11.469 1.00 9.53  ? 135 THR A CB  1 
ATOM   867  O OG1 . THR A 1 112 ? 2.238   10.852  -10.846 1.00 10.21 ? 135 THR A OG1 1 
ATOM   868  C CG2 . THR A 1 112 ? 1.490   13.023  -11.615 1.00 9.90  ? 135 THR A CG2 1 
ATOM   869  N N   A SER A 1 113 ? -1.025  9.373   -11.479 0.50 8.29  ? 136 SER A N   1 
ATOM   870  N N   B SER A 1 113 ? -1.058  9.375   -11.472 0.50 8.57  ? 136 SER A N   1 
ATOM   871  C CA  A SER A 1 113 ? -1.438  7.985   -11.431 0.50 8.28  ? 136 SER A CA  1 
ATOM   872  C CA  B SER A 1 113 ? -1.520  7.982   -11.432 0.50 8.65  ? 136 SER A CA  1 
ATOM   873  C C   A SER A 1 113 ? -0.256  7.040   -11.377 0.50 8.66  ? 136 SER A C   1 
ATOM   874  C C   B SER A 1 113 ? -0.370  6.979   -11.542 0.50 9.23  ? 136 SER A C   1 
ATOM   875  O O   A SER A 1 113 ? 0.848   7.353   -11.835 0.50 9.15  ? 136 SER A O   1 
ATOM   876  O O   B SER A 1 113 ? 0.598   7.191   -12.297 0.50 9.12  ? 136 SER A O   1 
ATOM   877  C CB  A SER A 1 113 ? -2.335  7.658   -12.607 0.50 8.35  ? 136 SER A CB  1 
ATOM   878  C CB  B SER A 1 113 ? -2.575  7.714   -12.510 0.50 9.05  ? 136 SER A CB  1 
ATOM   879  O OG  A SER A 1 113 ? -3.551  8.330   -12.392 0.50 7.32  ? 136 SER A OG  1 
ATOM   880  O OG  B SER A 1 113 ? -2.283  8.404   -13.703 0.50 8.51  ? 136 SER A OG  1 
ATOM   881  N N   . VAL A 1 114 ? -0.527  5.872   -10.816 1.00 9.62  ? 137 VAL A N   1 
ATOM   882  C CA  . VAL A 1 114 ? 0.396   4.730   -10.840 1.00 10.61 ? 137 VAL A CA  1 
ATOM   883  C C   . VAL A 1 114 ? 0.005   3.926   -12.070 1.00 12.10 ? 137 VAL A C   1 
ATOM   884  O O   . VAL A 1 114 ? -1.176  3.598   -12.265 1.00 11.57 ? 137 VAL A O   1 
ATOM   885  C CB  . VAL A 1 114 ? 0.269   3.866   -9.597  1.00 10.60 ? 137 VAL A CB  1 
ATOM   886  C CG1 . VAL A 1 114 ? 1.213   2.617   -9.716  1.00 10.87 ? 137 VAL A CG1 1 
ATOM   887  C CG2 . VAL A 1 114 ? 0.615   4.678   -8.347  1.00 10.62 ? 137 VAL A CG2 1 
ATOM   888  N N   . THR A 1 115 ? 0.997   3.606   -12.902 1.00 13.90 ? 138 THR A N   1 
ATOM   889  C CA  . THR A 1 115 ? 0.747   3.118   -14.265 1.00 16.11 ? 138 THR A CA  1 
ATOM   890  C C   . THR A 1 115 ? 1.122   1.651   -14.526 1.00 16.11 ? 138 THR A C   1 
ATOM   891  O O   . THR A 1 115 ? 0.778   1.084   -15.558 1.00 17.38 ? 138 THR A O   1 
ATOM   892  C CB  . THR A 1 115 ? 1.589   3.894   -15.281 1.00 16.97 ? 138 THR A CB  1 
ATOM   893  O OG1 . THR A 1 115 ? 2.966   3.690   -14.944 1.00 20.44 ? 138 THR A OG1 1 
ATOM   894  C CG2 . THR A 1 115 ? 1.252   5.377   -15.296 1.00 19.02 ? 138 THR A CG2 1 
ATOM   895  N N   . ASP A 1 116 ? 1.871   1.049   -13.628 1.00 16.48 ? 139 ASP A N   1 
ATOM   896  C CA  . ASP A 1 116 ? 2.381   -0.286  -13.895 1.00 17.00 ? 139 ASP A CA  1 
ATOM   897  C C   . ASP A 1 116 ? 2.810   -0.990  -12.632 1.00 16.08 ? 139 ASP A C   1 
ATOM   898  O O   . ASP A 1 116 ? 2.985   -0.396  -11.557 1.00 15.21 ? 139 ASP A O   1 
ATOM   899  C CB  . ASP A 1 116 ? 3.566   -0.214  -14.887 1.00 17.60 ? 139 ASP A CB  1 
ATOM   900  C CG  . ASP A 1 116 ? 3.998   -1.608  -15.458 1.00 21.08 ? 139 ASP A CG  1 
ATOM   901  O OD1 . ASP A 1 116 ? 3.198   -2.587  -15.505 1.00 21.75 ? 139 ASP A OD1 1 
ATOM   902  O OD2 . ASP A 1 116 ? 5.176   -1.698  -15.874 1.00 24.04 ? 139 ASP A OD2 1 
ATOM   903  N N   . LEU A 1 117 ? 2.964   -2.293  -12.784 1.00 15.25 ? 140 LEU A N   1 
ATOM   904  C CA  . LEU A 1 117 ? 3.409   -3.188  -11.769 1.00 14.35 ? 140 LEU A CA  1 
ATOM   905  C C   . LEU A 1 117 ? 4.662   -3.782  -12.399 1.00 13.82 ? 140 LEU A C   1 
ATOM   906  O O   . LEU A 1 117 ? 4.613   -4.901  -12.931 1.00 13.49 ? 140 LEU A O   1 
ATOM   907  C CB  . LEU A 1 117 ? 2.318   -4.252  -11.634 1.00 16.12 ? 140 LEU A CB  1 
ATOM   908  C CG  . LEU A 1 117 ? 2.209   -5.147  -10.428 1.00 15.41 ? 140 LEU A CG  1 
ATOM   909  C CD1 . LEU A 1 117 ? 2.043   -4.265  -9.243  1.00 14.26 ? 140 LEU A CD1 1 
ATOM   910  C CD2 . LEU A 1 117 ? 1.013   -6.081  -10.585 1.00 18.20 ? 140 LEU A CD2 1 
ATOM   911  N N   . PRO A 1 118 ? 5.779   -3.026  -12.376 1.00 12.03 ? 141 PRO A N   1 
ATOM   912  C CA  . PRO A 1 118 ? 6.911   -3.310  -13.262 1.00 12.46 ? 141 PRO A CA  1 
ATOM   913  C C   . PRO A 1 118 ? 7.539   -4.664  -13.037 1.00 12.03 ? 141 PRO A C   1 
ATOM   914  O O   . PRO A 1 118 ? 8.145   -5.240  -13.963 1.00 13.01 ? 141 PRO A O   1 
ATOM   915  C CB  . PRO A 1 118 ? 7.948   -2.232  -12.905 1.00 12.45 ? 141 PRO A CB  1 
ATOM   916  C CG  . PRO A 1 118 ? 7.372   -1.404  -11.862 1.00 13.87 ? 141 PRO A CG  1 
ATOM   917  C CD  . PRO A 1 118 ? 5.970   -1.792  -11.593 1.00 12.51 ? 141 PRO A CD  1 
ATOM   918  N N   A ASN A 1 119 ? 7.373   -5.185  -11.838 0.50 11.21 ? 142 ASN A N   1 
ATOM   919  N N   B ASN A 1 119 ? 7.462   -5.173  -11.813 0.50 10.81 ? 142 ASN A N   1 
ATOM   920  C CA  A ASN A 1 119 ? 8.049   -6.411  -11.482 0.50 11.47 ? 142 ASN A CA  1 
ATOM   921  C CA  B ASN A 1 119 ? 8.099   -6.462  -11.493 0.50 10.61 ? 142 ASN A CA  1 
ATOM   922  C C   A ASN A 1 119 ? 7.112   -7.576  -11.277 0.50 10.66 ? 142 ASN A C   1 
ATOM   923  C C   B ASN A 1 119 ? 7.126   -7.607  -11.310 0.50 10.19 ? 142 ASN A C   1 
ATOM   924  O O   A ASN A 1 119 ? 7.488   -8.578  -10.664 0.50 10.85 ? 142 ASN A O   1 
ATOM   925  O O   B ASN A 1 119 ? 7.491   -8.631  -10.727 0.50 10.38 ? 142 ASN A O   1 
ATOM   926  C CB  A ASN A 1 119 ? 8.924   -6.194  -10.259 0.50 12.20 ? 142 ASN A CB  1 
ATOM   927  C CB  B ASN A 1 119 ? 9.024   -6.384  -10.264 0.50 10.78 ? 142 ASN A CB  1 
ATOM   928  C CG  A ASN A 1 119 ? 10.050  -7.159  -10.200 0.50 14.13 ? 142 ASN A CG  1 
ATOM   929  C CG  B ASN A 1 119 ? 10.064  -5.285  -10.367 0.50 10.86 ? 142 ASN A CG  1 
ATOM   930  O OD1 A ASN A 1 119 ? 10.634  -7.501  -11.234 0.50 17.12 ? 142 ASN A OD1 1 
ATOM   931  O OD1 B ASN A 1 119 ? 10.353  -4.784  -11.455 0.50 13.36 ? 142 ASN A OD1 1 
ATOM   932  N ND2 A ASN A 1 119 ? 10.367  -7.632  -8.999  0.50 15.45 ? 142 ASN A ND2 1 
ATOM   933  N ND2 B ASN A 1 119 ? 10.624  -4.887  -9.221  0.50 10.62 ? 142 ASN A ND2 1 
ATOM   934  N N   . SER A 1 120 ? 5.900   -7.467  -11.817 1.00 9.88  ? 143 SER A N   1 
ATOM   935  C CA  . SER A 1 120 ? 4.972   -8.618  -11.814 1.00 10.03 ? 143 SER A CA  1 
ATOM   936  C C   . SER A 1 120 ? 5.552   -9.674  -12.751 1.00 10.50 ? 143 SER A C   1 
ATOM   937  O O   . SER A 1 120 ? 6.324   -9.356  -13.679 1.00 10.95 ? 143 SER A O   1 
ATOM   938  C CB  . SER A 1 120 ? 3.552   -8.238  -12.224 1.00 9.93  ? 143 SER A CB  1 
ATOM   939  O OG  . SER A 1 120 ? 3.532   -7.728  -13.522 1.00 10.85 ? 143 SER A OG  1 
ATOM   940  N N   . PHE A 1 121 ? 5.232   -10.927 -12.458 1.00 8.87  ? 144 PHE A N   1 
ATOM   941  C CA  . PHE A 1 121 ? 5.751   -12.024 -13.275 1.00 8.70  ? 144 PHE A CA  1 
ATOM   942  C C   . PHE A 1 121 ? 4.648   -12.699 -14.081 1.00 9.29  ? 144 PHE A C   1 
ATOM   943  O O   . PHE A 1 121 ? 3.458   -12.378 -13.949 1.00 8.41  ? 144 PHE A O   1 
ATOM   944  C CB  . PHE A 1 121 ? 6.645   -12.974 -12.470 1.00 9.78  ? 144 PHE A CB  1 
ATOM   945  C CG  . PHE A 1 121 ? 6.055   -13.455 -11.189 1.00 9.58  ? 144 PHE A CG  1 
ATOM   946  C CD1 . PHE A 1 121 ? 5.206   -14.563 -11.169 1.00 12.17 ? 144 PHE A CD1 1 
ATOM   947  C CD2 . PHE A 1 121 ? 6.359   -12.825 -10.008 1.00 12.24 ? 144 PHE A CD2 1 
ATOM   948  C CE1 . PHE A 1 121 ? 4.650   -15.030 -9.967  1.00 13.14 ? 144 PHE A CE1 1 
ATOM   949  C CE2 . PHE A 1 121 ? 5.838   -13.288 -8.811  1.00 13.58 ? 144 PHE A CE2 1 
ATOM   950  C CZ  . PHE A 1 121 ? 4.960   -14.374 -8.787  1.00 12.46 ? 144 PHE A CZ  1 
ATOM   951  N N   . ASP A 1 122 ? 5.047   -13.609 -14.963 1.00 8.16  ? 145 ASP A N   1 
ATOM   952  C CA  . ASP A 1 122 ? 4.083   -14.311 -15.798 1.00 8.58  ? 145 ASP A CA  1 
ATOM   953  C C   . ASP A 1 122 ? 3.040   -15.019 -14.907 1.00 7.90  ? 145 ASP A C   1 
ATOM   954  O O   . ASP A 1 122 ? 3.366   -15.643 -13.882 1.00 8.49  ? 145 ASP A O   1 
ATOM   955  C CB  . ASP A 1 122 ? 4.815   -15.340 -16.669 1.00 8.98  ? 145 ASP A CB  1 
ATOM   956  C CG  . ASP A 1 122 ? 3.889   -16.047 -17.639 1.00 10.69 ? 145 ASP A CG  1 
ATOM   957  O OD1 . ASP A 1 122 ? 3.547   -15.449 -18.682 1.00 13.51 ? 145 ASP A OD1 1 
ATOM   958  O OD2 . ASP A 1 122 ? 3.485   -17.192 -17.341 1.00 14.53 ? 145 ASP A OD2 1 
ATOM   959  N N   . GLY A 1 123 ? 1.785   -14.936 -15.331 1.00 8.58  ? 146 GLY A N   1 
ATOM   960  C CA  . GLY A 1 123 ? 0.744   -15.607 -14.598 1.00 9.14  ? 146 GLY A CA  1 
ATOM   961  C C   . GLY A 1 123 ? -0.620  -15.389 -15.181 1.00 9.54  ? 146 GLY A C   1 
ATOM   962  O O   . GLY A 1 123 ? -0.754  -14.646 -16.146 1.00 9.48  ? 146 GLY A O   1 
ATOM   963  N N   . PRO A 1 124 ? -1.638  -16.015 -14.563 1.00 10.61 ? 147 PRO A N   1 
ATOM   964  C CA  . PRO A 1 124 ? -2.993  -16.038 -15.133 1.00 11.11 ? 147 PRO A CA  1 
ATOM   965  C C   . PRO A 1 124 ? -3.948  -14.924 -14.676 1.00 11.03 ? 147 PRO A C   1 
ATOM   966  O O   . PRO A 1 124 ? -5.048  -14.788 -15.233 1.00 12.27 ? 147 PRO A O   1 
ATOM   967  C CB  . PRO A 1 124 ? -3.545  -17.380 -14.650 1.00 12.30 ? 147 PRO A CB  1 
ATOM   968  C CG  . PRO A 1 124 ? -2.864  -17.626 -13.370 1.00 12.12 ? 147 PRO A CG  1 
ATOM   969  C CD  . PRO A 1 124 ? -1.534  -16.870 -13.373 1.00 11.54 ? 147 PRO A CD  1 
ATOM   970  N N   . VAL A 1 125 ? -3.548  -14.155 -13.672 1.00 9.54  ? 148 VAL A N   1 
ATOM   971  C CA  . VAL A 1 125 ? -4.465  -13.224 -13.031 1.00 9.17  ? 148 VAL A CA  1 
ATOM   972  C C   . VAL A 1 125 ? -4.522  -11.910 -13.791 1.00 9.54  ? 148 VAL A C   1 
ATOM   973  O O   . VAL A 1 125 ? -3.495  -11.363 -14.170 1.00 10.25 ? 148 VAL A O   1 
ATOM   974  C CB  . VAL A 1 125 ? -4.021  -12.959 -11.571 1.00 10.38 ? 148 VAL A CB  1 
ATOM   975  C CG1 . VAL A 1 125 ? -5.055  -12.155 -10.800 1.00 9.24  ? 148 VAL A CG1 1 
ATOM   976  C CG2 . VAL A 1 125 ? -3.728  -14.264 -10.825 1.00 11.24 ? 148 VAL A CG2 1 
ATOM   977  N N   . THR A 1 126 ? -5.729  -11.397 -14.025 1.00 9.06  ? 149 THR A N   1 
ATOM   978  C CA  . THR A 1 126 ? -5.866  -10.020 -14.481 1.00 9.59  ? 149 THR A CA  1 
ATOM   979  C C   . THR A 1 126 ? -5.733  -9.088  -13.270 1.00 8.67  ? 149 THR A C   1 
ATOM   980  O O   . THR A 1 126 ? -6.609  -9.059  -12.414 1.00 9.19  ? 149 THR A O   1 
ATOM   981  C CB  . THR A 1 126 ? -7.208  -9.769  -15.157 1.00 10.32 ? 149 THR A CB  1 
ATOM   982  O OG1 . THR A 1 126 ? -7.341  -10.684 -16.261 1.00 12.55 ? 149 THR A OG1 1 
ATOM   983  C CG2 . THR A 1 126 ? -7.258  -8.340  -15.714 1.00 11.58 ? 149 THR A CG2 1 
ATOM   984  N N   . ILE A 1 127 ? -4.639  -8.343  -13.219 1.00 7.62  ? 150 ILE A N   1 
ATOM   985  C CA  . ILE A 1 127 ? -4.374  -7.455  -12.088 1.00 8.00  ? 150 ILE A CA  1 
ATOM   986  C C   . ILE A 1 127 ? -4.659  -6.029  -12.540 1.00 7.81  ? 150 ILE A C   1 
ATOM   987  O O   . ILE A 1 127 ? -4.071  -5.563  -13.498 1.00 8.13  ? 150 ILE A O   1 
ATOM   988  C CB  . ILE A 1 127 ? -2.921  -7.571  -11.632 1.00 8.13  ? 150 ILE A CB  1 
ATOM   989  C CG1 . ILE A 1 127 ? -2.551  -9.009  -11.298 1.00 10.44 ? 150 ILE A CG1 1 
ATOM   990  C CG2 . ILE A 1 127 ? -2.650  -6.626  -10.432 1.00 8.43  ? 150 ILE A CG2 1 
ATOM   991  C CD1 . ILE A 1 127 ? -1.002  -9.260  -11.432 1.00 11.17 ? 150 ILE A CD1 1 
ATOM   992  N N   . THR A 1 128 ? -5.543  -5.324  -11.835 1.00 7.00  ? 151 THR A N   1 
ATOM   993  C CA  . THR A 1 128 ? -5.876  -3.968  -12.207 1.00 6.90  ? 151 THR A CA  1 
ATOM   994  C C   . THR A 1 128 ? -5.424  -2.975  -11.131 1.00 6.63  ? 151 THR A C   1 
ATOM   995  O O   . THR A 1 128 ? -5.816  -3.117  -9.985  1.00 8.32  ? 151 THR A O   1 
ATOM   996  C CB  . THR A 1 128 ? -7.404  -3.837  -12.440 1.00 7.62  ? 151 THR A CB  1 
ATOM   997  O OG1 . THR A 1 128 ? -7.796  -4.741  -13.481 1.00 10.98 ? 151 THR A OG1 1 
ATOM   998  C CG2 . THR A 1 128 ? -7.786  -2.420  -12.883 1.00 9.32  ? 151 THR A CG2 1 
ATOM   999  N N   . ILE A 1 129 ? -4.592  -1.998  -11.503 1.00 6.11  ? 152 ILE A N   1 
ATOM   1000 C CA  . ILE A 1 129 ? -4.267  -0.883  -10.619 1.00 5.26  ? 152 ILE A CA  1 
ATOM   1001 C C   . ILE A 1 129 ? -5.394  0.121   -10.766 1.00 5.50  ? 152 ILE A C   1 
ATOM   1002 O O   . ILE A 1 129 ? -5.688  0.554   -11.905 1.00 6.25  ? 152 ILE A O   1 
ATOM   1003 C CB  . ILE A 1 129 ? -2.930  -0.217  -11.008 1.00 5.90  ? 152 ILE A CB  1 
ATOM   1004 C CG1 . ILE A 1 129 ? -1.787  -1.216  -10.821 1.00 7.77  ? 152 ILE A CG1 1 
ATOM   1005 C CG2 . ILE A 1 129 ? -2.708  1.002   -10.172 1.00 7.68  ? 152 ILE A CG2 1 
ATOM   1006 C CD1 . ILE A 1 129 ? -0.523  -0.837  -11.551 1.00 9.66  ? 152 ILE A CD1 1 
ATOM   1007 N N   . VAL A 1 130 ? -6.007  0.475   -9.639  1.00 3.79  ? 153 VAL A N   1 
ATOM   1008 C CA  . VAL A 1 130 ? -7.068  1.456   -9.582  1.00 4.21  ? 153 VAL A CA  1 
ATOM   1009 C C   . VAL A 1 130 ? -6.592  2.688   -8.813  1.00 4.03  ? 153 VAL A C   1 
ATOM   1010 O O   . VAL A 1 130 ? -6.325  2.618   -7.627  1.00 3.67  ? 153 VAL A O   1 
ATOM   1011 C CB  . VAL A 1 130 ? -8.340  0.896   -8.951  1.00 4.09  ? 153 VAL A CB  1 
ATOM   1012 C CG1 . VAL A 1 130 ? -9.461  1.931   -9.122  1.00 4.01  ? 153 VAL A CG1 1 
ATOM   1013 C CG2 . VAL A 1 130 ? -8.753  -0.459  -9.583  1.00 4.87  ? 153 VAL A CG2 1 
ATOM   1014 N N   . ASN A 1 131 ? -6.496  3.821   -9.492  1.00 3.22  ? 154 ASN A N   1 
ATOM   1015 C CA  . ASN A 1 131 ? -6.132  5.071   -8.848  1.00 3.66  ? 154 ASN A CA  1 
ATOM   1016 C C   . ASN A 1 131 ? -7.352  5.742   -8.245  1.00 4.47  ? 154 ASN A C   1 
ATOM   1017 O O   . ASN A 1 131 ? -8.494  5.407   -8.604  1.00 4.72  ? 154 ASN A O   1 
ATOM   1018 C CB  . ASN A 1 131 ? -5.430  5.950   -9.886  1.00 4.13  ? 154 ASN A CB  1 
ATOM   1019 C CG  . ASN A 1 131 ? -4.063  5.398   -10.272 1.00 5.33  ? 154 ASN A CG  1 
ATOM   1020 O OD1 . ASN A 1 131 ? -3.076  5.632   -9.575  1.00 4.88  ? 154 ASN A OD1 1 
ATOM   1021 N ND2 . ASN A 1 131 ? -3.999  4.662   -11.359 1.00 5.25  ? 154 ASN A ND2 1 
ATOM   1022 N N   . ARG A 1 132 ? -7.120  6.678   -7.334  1.00 3.66  ? 155 ARG A N   1 
ATOM   1023 C CA  . ARG A 1 132 ? -8.238  7.317   -6.656  1.00 3.71  ? 155 ARG A CA  1 
ATOM   1024 C C   . ARG A 1 132 ? -9.117  8.115   -7.622  1.00 4.39  ? 155 ARG A C   1 
ATOM   1025 O O   . ARG A 1 132 ? -10.331 8.170   -7.417  1.00 3.63  ? 155 ARG A O   1 
ATOM   1026 C CB  . ARG A 1 132 ? -7.729  8.146   -5.466  1.00 4.73  ? 155 ARG A CB  1 
ATOM   1027 C CG  . ARG A 1 132 ? -8.834  8.758   -4.585  1.00 5.02  ? 155 ARG A CG  1 
ATOM   1028 C CD  . ARG A 1 132 ? -9.752  7.748   -3.915  1.00 9.78  ? 155 ARG A CD  1 
ATOM   1029 N NE  . ARG A 1 132 ? -10.802 7.265   -4.815  1.00 8.87  ? 155 ARG A NE  1 
ATOM   1030 C CZ  . ARG A 1 132 ? -11.890 6.600   -4.432  1.00 9.70  ? 155 ARG A CZ  1 
ATOM   1031 N NH1 . ARG A 1 132 ? -12.107 6.354   -3.147  1.00 11.59 ? 155 ARG A NH1 1 
ATOM   1032 N NH2 . ARG A 1 132 ? -12.758 6.188   -5.349  1.00 10.28 ? 155 ARG A NH2 1 
ATOM   1033 N N   . ASP A 1 133 ? -8.528  8.619   -8.711  1.00 4.01  ? 156 ASP A N   1 
ATOM   1034 C CA  . ASP A 1 133 ? -9.313  9.363   -9.730  1.00 5.17  ? 156 ASP A CA  1 
ATOM   1035 C C   . ASP A 1 133 ? -9.986  8.451   -10.739 1.00 5.84  ? 156 ASP A C   1 
ATOM   1036 O O   . ASP A 1 133 ? -10.578 8.922   -11.734 1.00 6.30  ? 156 ASP A O   1 
ATOM   1037 C CB  . ASP A 1 133 ? -8.448  10.417  -10.462 1.00 5.49  ? 156 ASP A CB  1 
ATOM   1038 C CG  . ASP A 1 133 ? -7.366  9.807   -11.359 1.00 7.71  ? 156 ASP A CG  1 
ATOM   1039 O OD1 . ASP A 1 133 ? -7.284  8.584   -11.495 1.00 8.45  ? 156 ASP A OD1 1 
ATOM   1040 O OD2 . ASP A 1 133 ? -6.572  10.597  -11.922 1.00 8.43  ? 156 ASP A OD2 1 
ATOM   1041 N N   . GLY A 1 134 ? -9.852  7.146   -10.511 1.00 4.82  ? 157 GLY A N   1 
ATOM   1042 C CA  . GLY A 1 134 ? -10.553 6.170   -11.306 1.00 5.39  ? 157 GLY A CA  1 
ATOM   1043 C C   . GLY A 1 134 ? -9.738  5.615   -12.444 1.00 4.78  ? 157 GLY A C   1 
ATOM   1044 O O   . GLY A 1 134 ? -10.130 4.608   -13.031 1.00 4.95  ? 157 GLY A O   1 
ATOM   1045 N N   A THR A 1 135 ? -8.580  6.224   -12.740 0.50 5.32  ? 158 THR A N   1 
ATOM   1046 N N   B THR A 1 135 ? -8.596  6.222   -12.744 0.50 4.81  ? 158 THR A N   1 
ATOM   1047 C CA  A THR A 1 135 ? -7.751  5.752   -13.851 0.50 6.04  ? 158 THR A CA  1 
ATOM   1048 C CA  B THR A 1 135 ? -7.841  5.741   -13.872 0.50 4.79  ? 158 THR A CA  1 
ATOM   1049 C C   A THR A 1 135 ? -7.268  4.344   -13.561 0.50 5.53  ? 158 THR A C   1 
ATOM   1050 C C   B THR A 1 135 ? -7.333  4.346   -13.556 0.50 4.88  ? 158 THR A C   1 
ATOM   1051 O O   A THR A 1 135 ? -6.757  4.050   -12.465 0.50 4.65  ? 158 THR A O   1 
ATOM   1052 O O   B THR A 1 135 ? -6.854  4.067   -12.443 0.50 4.09  ? 158 THR A O   1 
ATOM   1053 C CB  A THR A 1 135 ? -6.543  6.706   -14.155 0.50 5.93  ? 158 THR A CB  1 
ATOM   1054 C CB  B THR A 1 135 ? -6.677  6.664   -14.179 0.50 4.68  ? 158 THR A CB  1 
ATOM   1055 O OG1 A THR A 1 135 ? -5.763  6.212   -15.264 0.50 8.33  ? 158 THR A OG1 1 
ATOM   1056 O OG1 B THR A 1 135 ? -5.838  6.733   -13.044 0.50 8.86  ? 158 THR A OG1 1 
ATOM   1057 C CG2 A THR A 1 135 ? -5.657  6.831   -12.998 0.50 9.83  ? 158 THR A CG2 1 
ATOM   1058 C CG2 B THR A 1 135 ? -7.171  8.070   -14.497 0.50 2.00  ? 158 THR A CG2 1 
ATOM   1059 N N   . ARG A 1 136 ? -7.426  3.477   -14.550 1.00 4.31  ? 159 ARG A N   1 
ATOM   1060 C CA  . ARG A 1 136 ? -7.084  2.074   -14.413 1.00 4.88  ? 159 ARG A CA  1 
ATOM   1061 C C   . ARG A 1 136 ? -5.990  1.620   -15.360 1.00 6.37  ? 159 ARG A C   1 
ATOM   1062 O O   . ARG A 1 136 ? -5.921  2.050   -16.538 1.00 7.76  ? 159 ARG A O   1 
ATOM   1063 C CB  . ARG A 1 136 ? -8.301  1.167   -14.606 1.00 5.26  ? 159 ARG A CB  1 
ATOM   1064 C CG  . ARG A 1 136 ? -9.209  1.201   -13.405 1.00 6.33  ? 159 ARG A CG  1 
ATOM   1065 C CD  . ARG A 1 136 ? -10.522 0.417   -13.630 1.00 8.06  ? 159 ARG A CD  1 
ATOM   1066 N NE  . ARG A 1 136 ? -11.350 0.603   -12.457 1.00 11.83 ? 159 ARG A NE  1 
ATOM   1067 C CZ  . ARG A 1 136 ? -11.894 -0.349  -11.739 1.00 14.14 ? 159 ARG A CZ  1 
ATOM   1068 N NH1 . ARG A 1 136 ? -11.713 -1.644  -12.034 1.00 18.30 ? 159 ARG A NH1 1 
ATOM   1069 N NH2 . ARG A 1 136 ? -12.638 0.029   -10.694 1.00 15.21 ? 159 ARG A NH2 1 
ATOM   1070 N N   . TYR A 1 137 ? -5.168  0.719   -14.840 1.00 7.65  ? 160 TYR A N   1 
ATOM   1071 C CA  . TYR A 1 137 ? -4.157  0.062   -15.659 1.00 9.09  ? 160 TYR A CA  1 
ATOM   1072 C C   . TYR A 1 137 ? -4.208  -1.412  -15.339 1.00 10.47 ? 160 TYR A C   1 
ATOM   1073 O O   . TYR A 1 137 ? -4.093  -1.790  -14.170 1.00 10.85 ? 160 TYR A O   1 
ATOM   1074 C CB  . TYR A 1 137 ? -2.771  0.597   -15.345 1.00 10.01 ? 160 TYR A CB  1 
ATOM   1075 C CG  . TYR A 1 137 ? -2.466  1.982   -15.872 1.00 14.29 ? 160 TYR A CG  1 
ATOM   1076 C CD1 . TYR A 1 137 ? -1.777  2.130   -17.078 1.00 17.39 ? 160 TYR A CD1 1 
ATOM   1077 C CD2 . TYR A 1 137 ? -2.799  3.116   -15.158 1.00 18.19 ? 160 TYR A CD2 1 
ATOM   1078 C CE1 . TYR A 1 137 ? -1.449  3.381   -17.581 1.00 22.41 ? 160 TYR A CE1 1 
ATOM   1079 C CE2 . TYR A 1 137 ? -2.479  4.395   -15.654 1.00 18.51 ? 160 TYR A CE2 1 
ATOM   1080 C CZ  . TYR A 1 137 ? -1.804  4.513   -16.863 1.00 20.18 ? 160 TYR A CZ  1 
ATOM   1081 O OH  . TYR A 1 137 ? -1.457  5.743   -17.375 1.00 23.58 ? 160 TYR A OH  1 
ATOM   1082 N N   . SER A 1 138 ? -4.335  -2.254  -16.367 1.00 11.08 ? 161 SER A N   1 
ATOM   1083 C CA  . SER A 1 138 ? -4.454  -3.689  -16.150 1.00 11.28 ? 161 SER A CA  1 
ATOM   1084 C C   . SER A 1 138 ? -3.346  -4.440  -16.867 1.00 11.58 ? 161 SER A C   1 
ATOM   1085 O O   . SER A 1 138 ? -2.839  -3.985  -17.903 1.00 12.05 ? 161 SER A O   1 
ATOM   1086 C CB  . SER A 1 138 ? -5.785  -4.186  -16.678 1.00 12.71 ? 161 SER A CB  1 
ATOM   1087 O OG  . SER A 1 138 ? -6.848  -3.674  -15.895 1.00 16.67 ? 161 SER A OG  1 
ATOM   1088 N N   . LYS A 1 139 ? -2.980  -5.581  -16.294 1.00 10.50 ? 162 LYS A N   1 
ATOM   1089 C CA  . LYS A 1 139 ? -2.075  -6.523  -16.956 1.00 12.26 ? 162 LYS A CA  1 
ATOM   1090 C C   . LYS A 1 139 ? -2.339  -7.934  -16.470 1.00 12.49 ? 162 LYS A C   1 
ATOM   1091 O O   . LYS A 1 139 ? -2.817  -8.153  -15.352 1.00 12.63 ? 162 LYS A O   1 
ATOM   1092 C CB  . LYS A 1 139 ? -0.601  -6.160  -16.758 1.00 12.82 ? 162 LYS A CB  1 
ATOM   1093 C CG  . LYS A 1 139 ? -0.110  -6.239  -15.319 1.00 14.82 ? 162 LYS A CG  1 
ATOM   1094 C CD  . LYS A 1 139 ? 1.230   -5.521  -15.170 1.00 18.52 ? 162 LYS A CD  1 
ATOM   1095 C CE  . LYS A 1 139 ? 2.368   -6.148  -15.986 1.00 16.89 ? 162 LYS A CE  1 
ATOM   1096 N NZ  . LYS A 1 139 ? 3.748   -5.602  -15.630 1.00 17.43 ? 162 LYS A NZ  1 
ATOM   1097 N N   . LYS A 1 140 ? -2.040  -8.911  -17.317 1.00 11.19 ? 163 LYS A N   1 
ATOM   1098 C CA  . LYS A 1 140 ? -2.117  -10.306 -16.890 1.00 11.36 ? 163 LYS A CA  1 
ATOM   1099 C C   . LYS A 1 140 ? -0.801  -10.704 -16.260 1.00 10.25 ? 163 LYS A C   1 
ATOM   1100 O O   . LYS A 1 140 ? 0.267   -10.446 -16.818 1.00 11.74 ? 163 LYS A O   1 
ATOM   1101 C CB  . LYS A 1 140 ? -2.403  -11.226 -18.088 1.00 11.93 ? 163 LYS A CB  1 
ATOM   1102 C CG  . LYS A 1 140 ? -2.711  -12.666 -17.716 1.00 16.00 ? 163 LYS A CG  1 
ATOM   1103 C CD  . LYS A 1 140 ? -2.897  -13.573 -18.954 1.00 20.40 ? 163 LYS A CD  1 
ATOM   1104 C CE  . LYS A 1 140 ? -1.561  -13.863 -19.678 1.00 21.62 ? 163 LYS A CE  1 
ATOM   1105 N NZ  . LYS A 1 140 ? -0.636  -14.810 -18.961 1.00 20.52 ? 163 LYS A NZ  1 
ATOM   1106 N N   . GLY A 1 141 ? -0.872  -11.284 -15.068 1.00 8.95  ? 164 GLY A N   1 
ATOM   1107 C CA  . GLY A 1 141 ? 0.348   -11.720 -14.407 1.00 7.74  ? 164 GLY A CA  1 
ATOM   1108 C C   . GLY A 1 141 ? 0.102   -12.348 -13.054 1.00 7.71  ? 164 GLY A C   1 
ATOM   1109 O O   . GLY A 1 141 ? -0.985  -12.899 -12.753 1.00 8.04  ? 164 GLY A O   1 
ATOM   1110 N N   . GLU A 1 142 ? 1.139   -12.294 -12.225 1.00 7.72  ? 165 GLU A N   1 
ATOM   1111 C CA  . GLU A 1 142 ? 1.041   -12.782 -10.860 1.00 8.48  ? 165 GLU A CA  1 
ATOM   1112 C C   . GLU A 1 142 ? 2.091   -12.023 -10.071 1.00 7.97  ? 165 GLU A C   1 
ATOM   1113 O O   . GLU A 1 142 ? 3.059   -11.526 -10.654 1.00 7.54  ? 165 GLU A O   1 
ATOM   1114 C CB  . GLU A 1 142 ? 1.315   -14.284 -10.816 1.00 8.67  ? 165 GLU A CB  1 
ATOM   1115 C CG  . GLU A 1 142 ? 1.223   -14.945 -9.420  1.00 11.30 ? 165 GLU A CG  1 
ATOM   1116 C CD  . GLU A 1 142 ? -0.095  -14.674 -8.695  1.00 14.07 ? 165 GLU A CD  1 
ATOM   1117 O OE1 . GLU A 1 142 ? -1.048  -15.480 -8.881  1.00 14.80 ? 165 GLU A OE1 1 
ATOM   1118 O OE2 . GLU A 1 142 ? -0.169  -13.682 -7.930  1.00 14.91 ? 165 GLU A OE2 1 
ATOM   1119 N N   . TYR A 1 143 ? 1.893   -11.909 -8.763  1.00 8.01  ? 166 TYR A N   1 
ATOM   1120 C CA  . TYR A 1 143 ? 2.927   -11.366 -7.851  1.00 7.97  ? 166 TYR A CA  1 
ATOM   1121 C C   . TYR A 1 143 ? 3.146   -12.207 -6.592  1.00 8.22  ? 166 TYR A C   1 
ATOM   1122 O O   . TYR A 1 143 ? 4.150   -12.046 -5.908  1.00 8.31  ? 166 TYR A O   1 
ATOM   1123 C CB  . TYR A 1 143 ? 2.617   -9.894  -7.466  1.00 7.72  ? 166 TYR A CB  1 
ATOM   1124 C CG  . TYR A 1 143 ? 1.346   -9.758  -6.697  1.00 8.19  ? 166 TYR A CG  1 
ATOM   1125 C CD1 . TYR A 1 143 ? 1.329   -9.844  -5.294  1.00 11.83 ? 166 TYR A CD1 1 
ATOM   1126 C CD2 . TYR A 1 143 ? 0.145   -9.558  -7.361  1.00 9.99  ? 166 TYR A CD2 1 
ATOM   1127 C CE1 . TYR A 1 143 ? 0.106   -9.741  -4.565  1.00 9.59  ? 166 TYR A CE1 1 
ATOM   1128 C CE2 . TYR A 1 143 ? -1.059  -9.459  -6.655  1.00 13.42 ? 166 TYR A CE2 1 
ATOM   1129 C CZ  . TYR A 1 143 ? -1.078  -9.564  -5.270  1.00 12.55 ? 166 TYR A CZ  1 
ATOM   1130 O OH  . TYR A 1 143 ? -2.294  -9.460  -4.595  1.00 15.80 ? 166 TYR A OH  1 
ATOM   1131 N N   . ARG A 1 144 ? 2.221   -13.108 -6.283  1.00 9.33  ? 167 ARG A N   1 
ATOM   1132 C CA  . ARG A 1 144 ? 2.315   -13.881 -5.040  1.00 10.01 ? 167 ARG A CA  1 
ATOM   1133 C C   . ARG A 1 144 ? 3.256   -15.045 -5.260  1.00 11.65 ? 167 ARG A C   1 
ATOM   1134 O O   . ARG A 1 144 ? 3.098   -15.792 -6.229  1.00 12.84 ? 167 ARG A O   1 
ATOM   1135 C CB  . ARG A 1 144 ? 0.934   -14.397 -4.648  1.00 9.85  ? 167 ARG A CB  1 
ATOM   1136 C CG  . ARG A 1 144 ? -0.055  -13.291 -4.321  1.00 10.12 ? 167 ARG A CG  1 
ATOM   1137 C CD  . ARG A 1 144 ? -1.492  -13.753 -4.349  1.00 12.60 ? 167 ARG A CD  1 
ATOM   1138 N NE  . ARG A 1 144 ? -1.896  -14.184 -5.694  1.00 12.96 ? 167 ARG A NE  1 
ATOM   1139 C CZ  . ARG A 1 144 ? -3.080  -14.708 -5.986  1.00 15.54 ? 167 ARG A CZ  1 
ATOM   1140 N NH1 . ARG A 1 144 ? -4.006  -14.829 -5.047  1.00 16.62 ? 167 ARG A NH1 1 
ATOM   1141 N NH2 . ARG A 1 144 ? -3.349  -15.077 -7.224  1.00 15.86 ? 167 ARG A NH2 1 
ATOM   1142 N N   . THR A 1 145 ? 4.222   -15.198 -4.364  1.00 12.97 ? 168 THR A N   1 
ATOM   1143 C CA  . THR A 1 145 ? 5.235   -16.247 -4.470  1.00 15.16 ? 168 THR A CA  1 
ATOM   1144 C C   . THR A 1 145 ? 4.965   -17.347 -3.448  1.00 16.97 ? 168 THR A C   1 
ATOM   1145 O O   . THR A 1 145 ? 5.572   -18.425 -3.521  1.00 18.53 ? 168 THR A O   1 
ATOM   1146 C CB  . THR A 1 145 ? 6.685   -15.720 -4.264  1.00 15.79 ? 168 THR A CB  1 
ATOM   1147 O OG1 . THR A 1 145 ? 6.876   -15.332 -2.894  1.00 16.34 ? 168 THR A OG1 1 
ATOM   1148 C CG2 . THR A 1 145 ? 6.997   -14.540 -5.198  1.00 14.73 ? 168 THR A CG2 1 
ATOM   1149 N N   . HIS A 1 146 ? 4.057   -17.100 -2.511  1.00 18.23 ? 169 HIS A N   1 
ATOM   1150 C CA  . HIS A 1 146 ? 3.708   -18.100 -1.487  1.00 20.34 ? 169 HIS A CA  1 
ATOM   1151 C C   . HIS A 1 146 ? 2.384   -18.788 -1.787  1.00 21.27 ? 169 HIS A C   1 
ATOM   1152 O O   . HIS A 1 146 ? 1.353   -18.122 -1.956  1.00 21.65 ? 169 HIS A O   1 
ATOM   1153 C CB  . HIS A 1 146 ? 3.667   -17.471 -0.093  1.00 19.98 ? 169 HIS A CB  1 
ATOM   1154 C CG  . HIS A 1 146 ? 5.006   -17.013 0.387   1.00 21.10 ? 169 HIS A CG  1 
ATOM   1155 N ND1 . HIS A 1 146 ? 5.513   -15.765 0.101   1.00 24.41 ? 169 HIS A ND1 1 
ATOM   1156 C CD2 . HIS A 1 146 ? 5.959   -17.652 1.103   1.00 23.31 ? 169 HIS A CD2 1 
ATOM   1157 C CE1 . HIS A 1 146 ? 6.718   -15.648 0.634   1.00 23.53 ? 169 HIS A CE1 1 
ATOM   1158 N NE2 . HIS A 1 146 ? 7.012   -16.783 1.241   1.00 25.39 ? 169 HIS A NE2 1 
ATOM   1159 N N   . GLN A 1 147 ? 2.414   -20.123 -1.856  1.00 23.10 ? 170 GLN A N   1 
ATOM   1160 C CA  . GLN A 1 147 ? 1.201   -20.918 -2.082  1.00 24.46 ? 170 GLN A CA  1 
ATOM   1161 C C   . GLN A 1 147 ? 0.067   -20.556 -1.122  1.00 24.88 ? 170 GLN A C   1 
ATOM   1162 O O   . GLN A 1 147 ? -1.085  -20.388 -1.542  1.00 25.11 ? 170 GLN A O   1 
ATOM   1163 C CB  . GLN A 1 147 ? 1.516   -22.422 -2.000  1.00 25.59 ? 170 GLN A CB  1 
ATOM   1164 C CG  . GLN A 1 147 ? 0.301   -23.334 -2.193  1.00 26.97 ? 170 GLN A CG  1 
ATOM   1165 C CD  . GLN A 1 147 ? -0.244  -23.281 -3.612  1.00 30.73 ? 170 GLN A CD  1 
ATOM   1166 O OE1 . GLN A 1 147 ? 0.312   -23.908 -4.519  1.00 33.59 ? 170 GLN A OE1 1 
ATOM   1167 N NE2 . GLN A 1 147 ? -1.343  -22.550 -3.810  1.00 30.71 ? 170 GLN A NE2 1 
ATOM   1168 N N   . GLU A 1 148 ? 0.418   -20.408 0.157   1.00 25.15 ? 171 GLU A N   1 
ATOM   1169 C CA  . GLU A 1 148 ? -0.534  -20.098 1.228   1.00 25.90 ? 171 GLU A CA  1 
ATOM   1170 C C   . GLU A 1 148 ? -1.354  -18.840 0.942   1.00 25.51 ? 171 GLU A C   1 
ATOM   1171 O O   . GLU A 1 148 ? -2.440  -18.664 1.506   1.00 25.41 ? 171 GLU A O   1 
ATOM   1172 C CB  . GLU A 1 148 ? 0.209   -19.935 2.552   1.00 26.58 ? 171 GLU A CB  1 
ATOM   1173 C CG  . GLU A 1 148 ? 0.978   -21.194 3.014   1.00 29.99 ? 171 GLU A CG  1 
ATOM   1174 C CD  . GLU A 1 148 ? 2.249   -21.493 2.208   1.00 33.08 ? 171 GLU A CD  1 
ATOM   1175 O OE1 . GLU A 1 148 ? 2.758   -20.591 1.491   1.00 33.68 ? 171 GLU A OE1 1 
ATOM   1176 O OE2 . GLU A 1 148 ? 2.739   -22.646 2.295   1.00 34.08 ? 171 GLU A OE2 1 
ATOM   1177 N N   . ASP A 1 149 ? -0.839  -17.982 0.058   1.00 24.73 ? 172 ASP A N   1 
ATOM   1178 C CA  . ASP A 1 149 ? -1.508  -16.727 -0.280  1.00 24.08 ? 172 ASP A CA  1 
ATOM   1179 C C   . ASP A 1 149 ? -2.383  -16.848 -1.511  1.00 25.04 ? 172 ASP A C   1 
ATOM   1180 O O   . ASP A 1 149 ? -3.117  -15.920 -1.829  1.00 25.99 ? 172 ASP A O   1 
ATOM   1181 C CB  . ASP A 1 149 ? -0.498  -15.579 -0.473  1.00 22.48 ? 172 ASP A CB  1 
ATOM   1182 C CG  . ASP A 1 149 ? 0.207   -15.188 0.811   1.00 19.86 ? 172 ASP A CG  1 
ATOM   1183 O OD1 . ASP A 1 149 ? -0.433  -15.213 1.904   1.00 17.94 ? 172 ASP A OD1 1 
ATOM   1184 O OD2 . ASP A 1 149 ? 1.411   -14.822 0.725   1.00 14.74 ? 172 ASP A OD2 1 
ATOM   1185 N N   . ILE A 1 150 ? -2.313  -17.973 -2.215  1.00 25.90 ? 173 ILE A N   1 
ATOM   1186 C CA  . ILE A 1 150 ? -3.081  -18.091 -3.455  1.00 27.07 ? 173 ILE A CA  1 
ATOM   1187 C C   . ILE A 1 150 ? -4.408  -18.818 -3.258  1.00 27.58 ? 173 ILE A C   1 
ATOM   1188 O O   . ILE A 1 150 ? -5.447  -18.171 -3.103  1.00 28.41 ? 173 ILE A O   1 
ATOM   1189 C CB  . ILE A 1 150 ? -2.253  -18.689 -4.602  1.00 27.13 ? 173 ILE A CB  1 
ATOM   1190 C CG1 . ILE A 1 150 ? -1.102  -17.731 -4.955  1.00 26.85 ? 173 ILE A CG1 1 
ATOM   1191 C CG2 . ILE A 1 150 ? -3.167  -18.943 -5.814  1.00 28.00 ? 173 ILE A CG2 1 
ATOM   1192 C CD1 . ILE A 1 150 ? 0.064   -18.342 -5.703  1.00 26.98 ? 173 ILE A CD1 1 
HETATM 1193 S S   . DMS B 2 .   ? -4.279  9.329   -8.593  1.00 18.86 ? 201 DMS A S   1 
HETATM 1194 O O   . DMS B 2 .   ? -5.988  9.418   -8.306  1.00 14.76 ? 201 DMS A O   1 
HETATM 1195 C C1  . DMS B 2 .   ? -3.930  10.403  -10.021 1.00 15.21 ? 201 DMS A C1  1 
HETATM 1196 C C2  . DMS B 2 .   ? -3.516  10.183  -7.192  1.00 14.70 ? 201 DMS A C2  1 
HETATM 1197 C CAA . 2C9 C 3 .   ? -11.076 3.144   -2.155  1.00 16.11 ? 202 2C9 A CAA 1 
HETATM 1198 C CAG . 2C9 C 3 .   ? -10.037 3.497   -3.035  1.00 14.52 ? 202 2C9 A CAG 1 
HETATM 1199 C CAE . 2C9 C 3 .   ? -10.149 3.296   -4.420  1.00 12.79 ? 202 2C9 A CAE 1 
HETATM 1200 C CAD . 2C9 C 3 .   ? -9.108  3.638   -5.291  1.00 10.23 ? 202 2C9 A CAD 1 
HETATM 1201 C CAF . 2C9 C 3 .   ? -7.909  4.202   -4.800  1.00 8.34  ? 202 2C9 A CAF 1 
HETATM 1202 C CAH . 2C9 C 3 .   ? -7.807  4.392   -3.411  1.00 12.00 ? 202 2C9 A CAH 1 
HETATM 1203 N NAB . 2C9 C 3 .   ? -6.692  4.911   -2.852  1.00 11.89 ? 202 2C9 A NAB 1 
HETATM 1204 C CAI . 2C9 C 3 .   ? -8.850  4.053   -2.552  1.00 13.61 ? 202 2C9 A CAI 1 
HETATM 1205 N NAC . 2C9 C 3 .   ? -8.707  4.240   -1.210  1.00 15.33 ? 202 2C9 A NAC 1 
HETATM 1206 O O   . HOH D 4 .   ? -6.241  -5.028  1.427   1.00 5.95  ? 301 HOH A O   1 
HETATM 1207 O O   . HOH D 4 .   ? 6.524   10.759  -3.671  1.00 5.02  ? 302 HOH A O   1 
HETATM 1208 O O   . HOH D 4 .   ? -11.247 4.979   -7.966  1.00 7.03  ? 303 HOH A O   1 
HETATM 1209 O O   . HOH D 4 .   ? -4.824  10.008  -14.251 1.00 9.87  ? 304 HOH A O   1 
HETATM 1210 O O   . HOH D 4 .   ? -7.184  10.358  13.693  1.00 8.08  ? 305 HOH A O   1 
HETATM 1211 O O   . HOH D 4 .   ? 6.177   -10.208 -6.278  1.00 8.66  ? 306 HOH A O   1 
HETATM 1212 O O   . HOH D 4 .   ? 8.180   16.217  -5.160  1.00 11.46 ? 307 HOH A O   1 
HETATM 1213 O O   . HOH D 4 .   ? -2.706  12.098  2.274   1.00 10.85 ? 308 HOH A O   1 
HETATM 1214 O O   . HOH D 4 .   ? 6.672   12.899  11.009  1.00 12.46 ? 309 HOH A O   1 
HETATM 1215 O O   . HOH D 4 .   ? -12.076 2.949   -12.373 1.00 11.21 ? 310 HOH A O   1 
HETATM 1216 O O   . HOH D 4 .   ? 12.909  3.292   10.971  1.00 12.92 ? 311 HOH A O   1 
HETATM 1217 O O   . HOH D 4 .   ? 0.868   4.838   18.233  1.00 10.73 ? 312 HOH A O   1 
HETATM 1218 O O   . HOH D 4 .   ? -8.591  -7.410  15.924  1.00 9.22  ? 313 HOH A O   1 
HETATM 1219 O O   . HOH D 4 .   ? -6.685  7.676   -1.819  1.00 13.95 ? 314 HOH A O   1 
HETATM 1220 O O   . HOH D 4 .   ? -7.157  -8.598  9.888   1.00 8.05  ? 315 HOH A O   1 
HETATM 1221 O O   . HOH D 4 .   ? 2.482   -4.938  22.281  1.00 13.83 ? 316 HOH A O   1 
HETATM 1222 O O   . HOH D 4 .   ? -5.455  2.732   -1.358  1.00 7.74  ? 317 HOH A O   1 
HETATM 1223 O O   . HOH D 4 .   ? 1.733   -5.053  19.566  1.00 12.01 ? 318 HOH A O   1 
HETATM 1224 O O   . HOH D 4 .   ? -11.562 -0.121  -6.717  1.00 15.16 ? 319 HOH A O   1 
HETATM 1225 O O   . HOH D 4 .   ? 2.684   -2.875  18.337  1.00 12.10 ? 320 HOH A O   1 
HETATM 1226 O O   . HOH D 4 .   ? 14.914  3.932   7.597   1.00 14.38 ? 321 HOH A O   1 
HETATM 1227 O O   . HOH D 4 .   ? 2.566   1.675   20.466  1.00 16.63 ? 322 HOH A O   1 
HETATM 1228 O O   . HOH D 4 .   ? -4.489  7.212   -6.551  1.00 15.22 ? 323 HOH A O   1 
HETATM 1229 O O   . HOH D 4 .   ? -0.054  -11.491 8.832   1.00 15.38 ? 324 HOH A O   1 
HETATM 1230 O O   . HOH D 4 .   ? 0.208   2.650   19.558  1.00 11.44 ? 325 HOH A O   1 
HETATM 1231 O O   . HOH D 4 .   ? 7.745   -0.237  16.658  1.00 16.53 ? 326 HOH A O   1 
HETATM 1232 O O   . HOH D 4 .   ? 2.614   -14.441 -1.654  1.00 12.31 ? 327 HOH A O   1 
HETATM 1233 O O   . HOH D 4 .   ? -10.416 0.273   9.590   1.00 15.21 ? 328 HOH A O   1 
HETATM 1234 O O   . HOH D 4 .   ? 1.467   -12.982 -17.644 1.00 13.16 ? 329 HOH A O   1 
HETATM 1235 O O   . HOH D 4 .   ? -12.117 -1.593  -4.549  1.00 15.52 ? 330 HOH A O   1 
HETATM 1236 O O   . HOH D 4 .   ? -4.670  9.222   -3.054  1.00 12.44 ? 331 HOH A O   1 
HETATM 1237 O O   . HOH D 4 .   ? 9.185   -6.435  -0.664  1.00 19.51 ? 332 HOH A O   1 
HETATM 1238 O O   . HOH D 4 .   ? 3.745   -0.819  19.895  1.00 13.68 ? 333 HOH A O   1 
HETATM 1239 O O   . HOH D 4 .   ? -3.151  -12.198 1.527   1.00 14.75 ? 334 HOH A O   1 
HETATM 1240 O O   . HOH D 4 .   ? 9.991   -5.241  1.743   1.00 12.85 ? 335 HOH A O   1 
HETATM 1241 O O   . HOH D 4 .   ? 5.468   8.109   -7.705  1.00 12.94 ? 336 HOH A O   1 
HETATM 1242 O O   . HOH D 4 .   ? 11.802  0.327   2.786   1.00 12.75 ? 337 HOH A O   1 
HETATM 1243 O O   . HOH D 4 .   ? 3.014   -9.760  -15.270 1.00 15.46 ? 338 HOH A O   1 
HETATM 1244 O O   . HOH D 4 .   ? 1.316   13.990  15.704  1.00 14.53 ? 339 HOH A O   1 
HETATM 1245 O O   . HOH D 4 .   ? 4.541   9.739   14.290  1.00 15.49 ? 340 HOH A O   1 
HETATM 1246 O O   . HOH D 4 .   ? -5.330  -14.305 17.395  1.00 13.59 ? 341 HOH A O   1 
HETATM 1247 O O   . HOH D 4 .   ? -7.836  5.726   3.637   1.00 12.08 ? 342 HOH A O   1 
HETATM 1248 O O   . HOH D 4 .   ? -11.307 3.584   6.371   1.00 16.11 ? 343 HOH A O   1 
HETATM 1249 O O   . HOH D 4 .   ? -9.230  -9.536  -1.456  1.00 16.93 ? 344 HOH A O   1 
HETATM 1250 O O   . HOH D 4 .   ? 6.232   -7.479  -15.655 1.00 15.45 ? 345 HOH A O   1 
HETATM 1251 O O   . HOH D 4 .   ? -2.142  11.130  19.072  1.00 21.05 ? 346 HOH A O   1 
HETATM 1252 O O   . HOH D 4 .   ? 1.905   -3.231  14.890  1.00 10.36 ? 347 HOH A O   1 
HETATM 1253 O O   . HOH D 4 .   ? 3.592   5.411   18.621  1.00 24.01 ? 348 HOH A O   1 
HETATM 1254 O O   . HOH D 4 .   ? 4.368   -18.939 -15.402 1.00 18.19 ? 349 HOH A O   1 
HETATM 1255 O O   . HOH D 4 .   ? 1.572   15.571  -8.029  1.00 17.45 ? 350 HOH A O   1 
HETATM 1256 O O   . HOH D 4 .   ? 0.741   8.967   -14.215 1.00 18.61 ? 351 HOH A O   1 
HETATM 1257 O O   . HOH D 4 .   ? -9.224  3.060   12.713  1.00 18.24 ? 352 HOH A O   1 
HETATM 1258 O O   . HOH D 4 .   ? 15.035  6.376   6.202   1.00 16.24 ? 353 HOH A O   1 
HETATM 1259 O O   . HOH D 4 .   ? 2.085   -13.952 6.085   1.00 20.83 ? 354 HOH A O   1 
HETATM 1260 O O   . HOH D 4 .   ? -13.215 -0.131  -0.490  1.00 18.04 ? 355 HOH A O   1 
HETATM 1261 O O   . HOH D 4 .   ? 8.006   -0.430  12.554  1.00 17.27 ? 356 HOH A O   1 
# 
